data_6HO4
# 
_entry.id   6HO4 
# 
_audit_conform.dict_name       mmcif_pdbx.dic 
_audit_conform.dict_version    5.392 
_audit_conform.dict_location   http://mmcif.pdb.org/dictionaries/ascii/mmcif_pdbx.dic 
# 
loop_
_database_2.database_id 
_database_2.database_code 
_database_2.pdbx_database_accession 
_database_2.pdbx_DOI 
PDB   6HO4         pdb_00006ho4 10.2210/pdb6ho4/pdb 
WWPDB D_1200011925 ?            ?                   
# 
loop_
_pdbx_audit_revision_history.ordinal 
_pdbx_audit_revision_history.data_content_type 
_pdbx_audit_revision_history.major_revision 
_pdbx_audit_revision_history.minor_revision 
_pdbx_audit_revision_history.revision_date 
1 'Structure model' 1 0 2018-12-26 
2 'Structure model' 1 1 2019-01-23 
3 'Structure model' 1 2 2024-05-15 
# 
_pdbx_audit_revision_details.ordinal             1 
_pdbx_audit_revision_details.revision_ordinal    1 
_pdbx_audit_revision_details.data_content_type   'Structure model' 
_pdbx_audit_revision_details.provider            repository 
_pdbx_audit_revision_details.type                'Initial release' 
_pdbx_audit_revision_details.description         ? 
_pdbx_audit_revision_details.details             ? 
# 
loop_
_pdbx_audit_revision_group.ordinal 
_pdbx_audit_revision_group.revision_ordinal 
_pdbx_audit_revision_group.data_content_type 
_pdbx_audit_revision_group.group 
1 2 'Structure model' 'Data collection'     
2 2 'Structure model' 'Database references' 
3 3 'Structure model' 'Data collection'     
4 3 'Structure model' 'Database references' 
# 
loop_
_pdbx_audit_revision_category.ordinal 
_pdbx_audit_revision_category.revision_ordinal 
_pdbx_audit_revision_category.data_content_type 
_pdbx_audit_revision_category.category 
1 2 'Structure model' citation       
2 3 'Structure model' chem_comp_atom 
3 3 'Structure model' chem_comp_bond 
4 3 'Structure model' database_2     
# 
loop_
_pdbx_audit_revision_item.ordinal 
_pdbx_audit_revision_item.revision_ordinal 
_pdbx_audit_revision_item.data_content_type 
_pdbx_audit_revision_item.item 
1 2 'Structure model' '_citation.journal_volume'            
2 2 'Structure model' '_citation.page_first'                
3 2 'Structure model' '_citation.page_last'                 
4 3 'Structure model' '_database_2.pdbx_DOI'                
5 3 'Structure model' '_database_2.pdbx_database_accession' 
# 
_pdbx_database_status.status_code                     REL 
_pdbx_database_status.status_code_sf                  REL 
_pdbx_database_status.status_code_mr                  ? 
_pdbx_database_status.entry_id                        6HO4 
_pdbx_database_status.recvd_initial_deposition_date   2018-09-17 
_pdbx_database_status.SG_entry                        N 
_pdbx_database_status.deposit_site                    PDBE 
_pdbx_database_status.process_site                    PDBE 
_pdbx_database_status.status_code_cs                  ? 
_pdbx_database_status.methods_development_category    ? 
_pdbx_database_status.pdb_format_compatible           Y 
_pdbx_database_status.status_code_nmr_data            ? 
# 
loop_
_audit_author.name 
_audit_author.pdbx_ordinal 
_audit_author.identifier_ORCID 
'Wintjens, R.'  1 0000-0002-0234-7847 
'Wohlkonig, A.' 2 0000-0003-3103-5022 
# 
_citation.abstract                  ? 
_citation.abstract_id_CAS           ? 
_citation.book_id_ISBN              ? 
_citation.book_publisher            ? 
_citation.book_publisher_city       ? 
_citation.book_title                ? 
_citation.coordinate_linkage        ? 
_citation.country                   ? 
_citation.database_id_Medline       ? 
_citation.details                   ? 
_citation.id                        primary 
_citation.journal_abbrev            'Biochim Biophys Acta Proteins Proteom' 
_citation.journal_id_ASTM           ? 
_citation.journal_id_CSD            ? 
_citation.journal_id_ISSN           1878-1454 
_citation.journal_full              ? 
_citation.journal_issue             ? 
_citation.journal_volume            1867 
_citation.language                  ? 
_citation.page_first                248 
_citation.page_last                 258 
_citation.title                     
'A comprehensive analysis of the protein-ligand interactions in crystal structures of Mycobacterium tuberculosis EthR.' 
_citation.year                      2018 
_citation.database_id_CSD           ? 
_citation.pdbx_database_id_DOI      10.1016/j.bbapap.2018.12.003 
_citation.pdbx_database_id_PubMed   30553830 
_citation.unpublished_flag          ? 
# 
loop_
_citation_author.citation_id 
_citation_author.name 
_citation_author.ordinal 
_citation_author.identifier_ORCID 
primary 'Tanina, A.'     1  ? 
primary 'Wohlkonig, A.'  2  ? 
primary 'Soror, S.H.'    3  ? 
primary 'Flipo, M.'      4  ? 
primary 'Villemagne, B.' 5  ? 
primary 'Prevet, H.'     6  ? 
primary 'Deprez, B.'     7  ? 
primary 'Moune, M.'      8  ? 
primary 'Peree, H.'      9  ? 
primary 'Meyer, F.'      10 ? 
primary 'Baulard, A.R.'  11 ? 
primary 'Willand, N.'    12 ? 
primary 'Wintjens, R.'   13 ? 
# 
loop_
_entity.id 
_entity.type 
_entity.src_method 
_entity.pdbx_description 
_entity.formula_weight 
_entity.pdbx_number_of_molecules 
_entity.pdbx_ec 
_entity.pdbx_mutation 
_entity.pdbx_fragment 
_entity.details 
1 polymer     man 'HTH-type transcriptional regulator EthR'                                             24927.980 1  ? ? ? ? 
2 non-polymer syn '4-[2-(4-methylpentyl)-1,3-thiazol-4-yl]-~{N}-[3,3,3-tris(fluoranyl)propyl]benzamide' 384.459   1  ? ? ? ? 
3 non-polymer syn GLYCEROL                                                                              92.094    1  ? ? ? ? 
4 water       nat water                                                                                 18.015    72 ? ? ? ? 
# 
_entity_poly.entity_id                      1 
_entity_poly.type                           'polypeptide(L)' 
_entity_poly.nstd_linkage                   no 
_entity_poly.nstd_monomer                   no 
_entity_poly.pdbx_seq_one_letter_code       
;MTTSAASQASLPMTTSAASQASLPRGRRTARPSGDDRELAILATAENLLEDRPLADISVDDLAKGAGISRPTFYFYFPSK
EAVLLTLLDRVVNQADMALQTLAENPADTDRENMWRTGINVFFETFGSHKAVTRAGQAARATSVEVAELWSTFMQKWIAY
TAAVIDAERDRGAAPRTLPAHELATALNLMNERTLFASFAGEQPSVPEARVLDTLVHIWVTSIYGENR
;
_entity_poly.pdbx_seq_one_letter_code_can   
;MTTSAASQASLPMTTSAASQASLPRGRRTARPSGDDRELAILATAENLLEDRPLADISVDDLAKGAGISRPTFYFYFPSK
EAVLLTLLDRVVNQADMALQTLAENPADTDRENMWRTGINVFFETFGSHKAVTRAGQAARATSVEVAELWSTFMQKWIAY
TAAVIDAERDRGAAPRTLPAHELATALNLMNERTLFASFAGEQPSVPEARVLDTLVHIWVTSIYGENR
;
_entity_poly.pdbx_strand_id                 A 
_entity_poly.pdbx_target_identifier         ? 
# 
loop_
_pdbx_entity_nonpoly.entity_id 
_pdbx_entity_nonpoly.name 
_pdbx_entity_nonpoly.comp_id 
2 '4-[2-(4-methylpentyl)-1,3-thiazol-4-yl]-~{N}-[3,3,3-tris(fluoranyl)propyl]benzamide' GFQ 
3 GLYCEROL                                                                              GOL 
4 water                                                                                 HOH 
# 
loop_
_entity_poly_seq.entity_id 
_entity_poly_seq.num 
_entity_poly_seq.mon_id 
_entity_poly_seq.hetero 
1 1   MET n 
1 2   THR n 
1 3   THR n 
1 4   SER n 
1 5   ALA n 
1 6   ALA n 
1 7   SER n 
1 8   GLN n 
1 9   ALA n 
1 10  SER n 
1 11  LEU n 
1 12  PRO n 
1 13  MET n 
1 14  THR n 
1 15  THR n 
1 16  SER n 
1 17  ALA n 
1 18  ALA n 
1 19  SER n 
1 20  GLN n 
1 21  ALA n 
1 22  SER n 
1 23  LEU n 
1 24  PRO n 
1 25  ARG n 
1 26  GLY n 
1 27  ARG n 
1 28  ARG n 
1 29  THR n 
1 30  ALA n 
1 31  ARG n 
1 32  PRO n 
1 33  SER n 
1 34  GLY n 
1 35  ASP n 
1 36  ASP n 
1 37  ARG n 
1 38  GLU n 
1 39  LEU n 
1 40  ALA n 
1 41  ILE n 
1 42  LEU n 
1 43  ALA n 
1 44  THR n 
1 45  ALA n 
1 46  GLU n 
1 47  ASN n 
1 48  LEU n 
1 49  LEU n 
1 50  GLU n 
1 51  ASP n 
1 52  ARG n 
1 53  PRO n 
1 54  LEU n 
1 55  ALA n 
1 56  ASP n 
1 57  ILE n 
1 58  SER n 
1 59  VAL n 
1 60  ASP n 
1 61  ASP n 
1 62  LEU n 
1 63  ALA n 
1 64  LYS n 
1 65  GLY n 
1 66  ALA n 
1 67  GLY n 
1 68  ILE n 
1 69  SER n 
1 70  ARG n 
1 71  PRO n 
1 72  THR n 
1 73  PHE n 
1 74  TYR n 
1 75  PHE n 
1 76  TYR n 
1 77  PHE n 
1 78  PRO n 
1 79  SER n 
1 80  LYS n 
1 81  GLU n 
1 82  ALA n 
1 83  VAL n 
1 84  LEU n 
1 85  LEU n 
1 86  THR n 
1 87  LEU n 
1 88  LEU n 
1 89  ASP n 
1 90  ARG n 
1 91  VAL n 
1 92  VAL n 
1 93  ASN n 
1 94  GLN n 
1 95  ALA n 
1 96  ASP n 
1 97  MET n 
1 98  ALA n 
1 99  LEU n 
1 100 GLN n 
1 101 THR n 
1 102 LEU n 
1 103 ALA n 
1 104 GLU n 
1 105 ASN n 
1 106 PRO n 
1 107 ALA n 
1 108 ASP n 
1 109 THR n 
1 110 ASP n 
1 111 ARG n 
1 112 GLU n 
1 113 ASN n 
1 114 MET n 
1 115 TRP n 
1 116 ARG n 
1 117 THR n 
1 118 GLY n 
1 119 ILE n 
1 120 ASN n 
1 121 VAL n 
1 122 PHE n 
1 123 PHE n 
1 124 GLU n 
1 125 THR n 
1 126 PHE n 
1 127 GLY n 
1 128 SER n 
1 129 HIS n 
1 130 LYS n 
1 131 ALA n 
1 132 VAL n 
1 133 THR n 
1 134 ARG n 
1 135 ALA n 
1 136 GLY n 
1 137 GLN n 
1 138 ALA n 
1 139 ALA n 
1 140 ARG n 
1 141 ALA n 
1 142 THR n 
1 143 SER n 
1 144 VAL n 
1 145 GLU n 
1 146 VAL n 
1 147 ALA n 
1 148 GLU n 
1 149 LEU n 
1 150 TRP n 
1 151 SER n 
1 152 THR n 
1 153 PHE n 
1 154 MET n 
1 155 GLN n 
1 156 LYS n 
1 157 TRP n 
1 158 ILE n 
1 159 ALA n 
1 160 TYR n 
1 161 THR n 
1 162 ALA n 
1 163 ALA n 
1 164 VAL n 
1 165 ILE n 
1 166 ASP n 
1 167 ALA n 
1 168 GLU n 
1 169 ARG n 
1 170 ASP n 
1 171 ARG n 
1 172 GLY n 
1 173 ALA n 
1 174 ALA n 
1 175 PRO n 
1 176 ARG n 
1 177 THR n 
1 178 LEU n 
1 179 PRO n 
1 180 ALA n 
1 181 HIS n 
1 182 GLU n 
1 183 LEU n 
1 184 ALA n 
1 185 THR n 
1 186 ALA n 
1 187 LEU n 
1 188 ASN n 
1 189 LEU n 
1 190 MET n 
1 191 ASN n 
1 192 GLU n 
1 193 ARG n 
1 194 THR n 
1 195 LEU n 
1 196 PHE n 
1 197 ALA n 
1 198 SER n 
1 199 PHE n 
1 200 ALA n 
1 201 GLY n 
1 202 GLU n 
1 203 GLN n 
1 204 PRO n 
1 205 SER n 
1 206 VAL n 
1 207 PRO n 
1 208 GLU n 
1 209 ALA n 
1 210 ARG n 
1 211 VAL n 
1 212 LEU n 
1 213 ASP n 
1 214 THR n 
1 215 LEU n 
1 216 VAL n 
1 217 HIS n 
1 218 ILE n 
1 219 TRP n 
1 220 VAL n 
1 221 THR n 
1 222 SER n 
1 223 ILE n 
1 224 TYR n 
1 225 GLY n 
1 226 GLU n 
1 227 ASN n 
1 228 ARG n 
# 
_entity_src_gen.entity_id                          1 
_entity_src_gen.pdbx_src_id                        1 
_entity_src_gen.pdbx_alt_source_flag               sample 
_entity_src_gen.pdbx_seq_type                      'Biological sequence' 
_entity_src_gen.pdbx_beg_seq_num                   1 
_entity_src_gen.pdbx_end_seq_num                   228 
_entity_src_gen.gene_src_common_name               ? 
_entity_src_gen.gene_src_genus                     ? 
_entity_src_gen.pdbx_gene_src_gene                 'ethR, etaR, Rv3855' 
_entity_src_gen.gene_src_species                   ? 
_entity_src_gen.gene_src_strain                    'ATCC 25618 / H37Rv' 
_entity_src_gen.gene_src_tissue                    ? 
_entity_src_gen.gene_src_tissue_fraction           ? 
_entity_src_gen.gene_src_details                   ? 
_entity_src_gen.pdbx_gene_src_fragment             ? 
_entity_src_gen.pdbx_gene_src_scientific_name      'Mycobacterium tuberculosis (strain ATCC 25618 / H37Rv)' 
_entity_src_gen.pdbx_gene_src_ncbi_taxonomy_id     83332 
_entity_src_gen.pdbx_gene_src_variant              ? 
_entity_src_gen.pdbx_gene_src_cell_line            ? 
_entity_src_gen.pdbx_gene_src_atcc                 ? 
_entity_src_gen.pdbx_gene_src_organ                ? 
_entity_src_gen.pdbx_gene_src_organelle            ? 
_entity_src_gen.pdbx_gene_src_cell                 ? 
_entity_src_gen.pdbx_gene_src_cellular_location    ? 
_entity_src_gen.host_org_common_name               ? 
_entity_src_gen.pdbx_host_org_scientific_name      'Escherichia coli BL21' 
_entity_src_gen.pdbx_host_org_ncbi_taxonomy_id     511693 
_entity_src_gen.host_org_genus                     ? 
_entity_src_gen.pdbx_host_org_gene                 ? 
_entity_src_gen.pdbx_host_org_organ                ? 
_entity_src_gen.host_org_species                   ? 
_entity_src_gen.pdbx_host_org_tissue               ? 
_entity_src_gen.pdbx_host_org_tissue_fraction      ? 
_entity_src_gen.pdbx_host_org_strain               ? 
_entity_src_gen.pdbx_host_org_variant              ? 
_entity_src_gen.pdbx_host_org_cell_line            ? 
_entity_src_gen.pdbx_host_org_atcc                 ? 
_entity_src_gen.pdbx_host_org_culture_collection   ? 
_entity_src_gen.pdbx_host_org_cell                 ? 
_entity_src_gen.pdbx_host_org_organelle            ? 
_entity_src_gen.pdbx_host_org_cellular_location    ? 
_entity_src_gen.pdbx_host_org_vector_type          ? 
_entity_src_gen.pdbx_host_org_vector               ? 
_entity_src_gen.host_org_details                   ? 
_entity_src_gen.expression_system_id               ? 
_entity_src_gen.plasmid_name                       ? 
_entity_src_gen.plasmid_details                    ? 
_entity_src_gen.pdbx_description                   ? 
# 
loop_
_chem_comp.id 
_chem_comp.type 
_chem_comp.mon_nstd_flag 
_chem_comp.name 
_chem_comp.pdbx_synonyms 
_chem_comp.formula 
_chem_comp.formula_weight 
ALA 'L-peptide linking' y ALANINE                                                                               ? 'C3 H7 N O2' 
89.093  
ARG 'L-peptide linking' y ARGININE                                                                              ? 'C6 H15 N4 O2 1' 
175.209 
ASN 'L-peptide linking' y ASPARAGINE                                                                            ? 'C4 H8 N2 O3' 
132.118 
ASP 'L-peptide linking' y 'ASPARTIC ACID'                                                                       ? 'C4 H7 N O4' 
133.103 
GFQ non-polymer         . '4-[2-(4-methylpentyl)-1,3-thiazol-4-yl]-~{N}-[3,3,3-tris(fluoranyl)propyl]benzamide' ? 
'C19 H23 F3 N2 O S' 384.459 
GLN 'L-peptide linking' y GLUTAMINE                                                                             ? 'C5 H10 N2 O3' 
146.144 
GLU 'L-peptide linking' y 'GLUTAMIC ACID'                                                                       ? 'C5 H9 N O4' 
147.129 
GLY 'peptide linking'   y GLYCINE                                                                               ? 'C2 H5 N O2' 
75.067  
GOL non-polymer         . GLYCEROL                                                                              
'GLYCERIN; PROPANE-1,2,3-TRIOL' 'C3 H8 O3'          92.094  
HIS 'L-peptide linking' y HISTIDINE                                                                             ? 'C6 H10 N3 O2 1' 
156.162 
HOH non-polymer         . WATER                                                                                 ? 'H2 O' 18.015  
ILE 'L-peptide linking' y ISOLEUCINE                                                                            ? 'C6 H13 N O2' 
131.173 
LEU 'L-peptide linking' y LEUCINE                                                                               ? 'C6 H13 N O2' 
131.173 
LYS 'L-peptide linking' y LYSINE                                                                                ? 'C6 H15 N2 O2 1' 
147.195 
MET 'L-peptide linking' y METHIONINE                                                                            ? 'C5 H11 N O2 S' 
149.211 
PHE 'L-peptide linking' y PHENYLALANINE                                                                         ? 'C9 H11 N O2' 
165.189 
PRO 'L-peptide linking' y PROLINE                                                                               ? 'C5 H9 N O2' 
115.130 
SER 'L-peptide linking' y SERINE                                                                                ? 'C3 H7 N O3' 
105.093 
THR 'L-peptide linking' y THREONINE                                                                             ? 'C4 H9 N O3' 
119.119 
TRP 'L-peptide linking' y TRYPTOPHAN                                                                            ? 'C11 H12 N2 O2' 
204.225 
TYR 'L-peptide linking' y TYROSINE                                                                              ? 'C9 H11 N O3' 
181.189 
VAL 'L-peptide linking' y VALINE                                                                                ? 'C5 H11 N O2' 
117.146 
# 
loop_
_pdbx_poly_seq_scheme.asym_id 
_pdbx_poly_seq_scheme.entity_id 
_pdbx_poly_seq_scheme.seq_id 
_pdbx_poly_seq_scheme.mon_id 
_pdbx_poly_seq_scheme.ndb_seq_num 
_pdbx_poly_seq_scheme.pdb_seq_num 
_pdbx_poly_seq_scheme.auth_seq_num 
_pdbx_poly_seq_scheme.pdb_mon_id 
_pdbx_poly_seq_scheme.auth_mon_id 
_pdbx_poly_seq_scheme.pdb_strand_id 
_pdbx_poly_seq_scheme.pdb_ins_code 
_pdbx_poly_seq_scheme.hetero 
A 1 1   MET 1   -11 ?   ?   ?   A . n 
A 1 2   THR 2   -10 ?   ?   ?   A . n 
A 1 3   THR 3   -9  ?   ?   ?   A . n 
A 1 4   SER 4   -8  ?   ?   ?   A . n 
A 1 5   ALA 5   -7  ?   ?   ?   A . n 
A 1 6   ALA 6   -6  ?   ?   ?   A . n 
A 1 7   SER 7   -5  ?   ?   ?   A . n 
A 1 8   GLN 8   -4  ?   ?   ?   A . n 
A 1 9   ALA 9   -3  ?   ?   ?   A . n 
A 1 10  SER 10  -2  ?   ?   ?   A . n 
A 1 11  LEU 11  -1  ?   ?   ?   A . n 
A 1 12  PRO 12  0   ?   ?   ?   A . n 
A 1 13  MET 13  1   ?   ?   ?   A . n 
A 1 14  THR 14  2   ?   ?   ?   A . n 
A 1 15  THR 15  3   ?   ?   ?   A . n 
A 1 16  SER 16  4   ?   ?   ?   A . n 
A 1 17  ALA 17  5   ?   ?   ?   A . n 
A 1 18  ALA 18  6   ?   ?   ?   A . n 
A 1 19  SER 19  7   ?   ?   ?   A . n 
A 1 20  GLN 20  8   ?   ?   ?   A . n 
A 1 21  ALA 21  9   ?   ?   ?   A . n 
A 1 22  SER 22  10  ?   ?   ?   A . n 
A 1 23  LEU 23  11  ?   ?   ?   A . n 
A 1 24  PRO 24  12  ?   ?   ?   A . n 
A 1 25  ARG 25  13  ?   ?   ?   A . n 
A 1 26  GLY 26  14  ?   ?   ?   A . n 
A 1 27  ARG 27  15  ?   ?   ?   A . n 
A 1 28  ARG 28  16  ?   ?   ?   A . n 
A 1 29  THR 29  17  ?   ?   ?   A . n 
A 1 30  ALA 30  18  ?   ?   ?   A . n 
A 1 31  ARG 31  19  ?   ?   ?   A . n 
A 1 32  PRO 32  20  ?   ?   ?   A . n 
A 1 33  SER 33  21  ?   ?   ?   A . n 
A 1 34  GLY 34  22  ?   ?   ?   A . n 
A 1 35  ASP 35  23  ?   ?   ?   A . n 
A 1 36  ASP 36  24  ?   ?   ?   A . n 
A 1 37  ARG 37  25  25  ARG ARG A . n 
A 1 38  GLU 38  26  26  GLU GLU A . n 
A 1 39  LEU 39  27  27  LEU LEU A . n 
A 1 40  ALA 40  28  28  ALA ALA A . n 
A 1 41  ILE 41  29  29  ILE ILE A . n 
A 1 42  LEU 42  30  30  LEU LEU A . n 
A 1 43  ALA 43  31  31  ALA ALA A . n 
A 1 44  THR 44  32  32  THR THR A . n 
A 1 45  ALA 45  33  33  ALA ALA A . n 
A 1 46  GLU 46  34  34  GLU GLU A . n 
A 1 47  ASN 47  35  35  ASN ASN A . n 
A 1 48  LEU 48  36  36  LEU LEU A . n 
A 1 49  LEU 49  37  37  LEU LEU A . n 
A 1 50  GLU 50  38  38  GLU GLU A . n 
A 1 51  ASP 51  39  39  ASP ASP A . n 
A 1 52  ARG 52  40  40  ARG ARG A . n 
A 1 53  PRO 53  41  41  PRO PRO A . n 
A 1 54  LEU 54  42  42  LEU LEU A . n 
A 1 55  ALA 55  43  43  ALA ALA A . n 
A 1 56  ASP 56  44  44  ASP ASP A . n 
A 1 57  ILE 57  45  45  ILE ILE A . n 
A 1 58  SER 58  46  46  SER SER A . n 
A 1 59  VAL 59  47  47  VAL VAL A . n 
A 1 60  ASP 60  48  48  ASP ASP A . n 
A 1 61  ASP 61  49  49  ASP ASP A . n 
A 1 62  LEU 62  50  50  LEU LEU A . n 
A 1 63  ALA 63  51  51  ALA ALA A . n 
A 1 64  LYS 64  52  52  LYS LYS A . n 
A 1 65  GLY 65  53  53  GLY GLY A . n 
A 1 66  ALA 66  54  54  ALA ALA A . n 
A 1 67  GLY 67  55  55  GLY GLY A . n 
A 1 68  ILE 68  56  56  ILE ILE A . n 
A 1 69  SER 69  57  57  SER SER A . n 
A 1 70  ARG 70  58  58  ARG ARG A . n 
A 1 71  PRO 71  59  59  PRO PRO A . n 
A 1 72  THR 72  60  60  THR THR A . n 
A 1 73  PHE 73  61  61  PHE PHE A . n 
A 1 74  TYR 74  62  62  TYR TYR A . n 
A 1 75  PHE 75  63  63  PHE PHE A . n 
A 1 76  TYR 76  64  64  TYR TYR A . n 
A 1 77  PHE 77  65  65  PHE PHE A . n 
A 1 78  PRO 78  66  66  PRO PRO A . n 
A 1 79  SER 79  67  67  SER SER A . n 
A 1 80  LYS 80  68  68  LYS LYS A . n 
A 1 81  GLU 81  69  69  GLU GLU A . n 
A 1 82  ALA 82  70  70  ALA ALA A . n 
A 1 83  VAL 83  71  71  VAL VAL A . n 
A 1 84  LEU 84  72  72  LEU LEU A . n 
A 1 85  LEU 85  73  73  LEU LEU A . n 
A 1 86  THR 86  74  74  THR THR A . n 
A 1 87  LEU 87  75  75  LEU LEU A . n 
A 1 88  LEU 88  76  76  LEU LEU A . n 
A 1 89  ASP 89  77  77  ASP ASP A . n 
A 1 90  ARG 90  78  78  ARG ARG A . n 
A 1 91  VAL 91  79  79  VAL VAL A . n 
A 1 92  VAL 92  80  80  VAL VAL A . n 
A 1 93  ASN 93  81  81  ASN ASN A . n 
A 1 94  GLN 94  82  82  GLN GLN A . n 
A 1 95  ALA 95  83  83  ALA ALA A . n 
A 1 96  ASP 96  84  84  ASP ASP A . n 
A 1 97  MET 97  85  85  MET MET A . n 
A 1 98  ALA 98  86  86  ALA ALA A . n 
A 1 99  LEU 99  87  87  LEU LEU A . n 
A 1 100 GLN 100 88  88  GLN GLN A . n 
A 1 101 THR 101 89  89  THR THR A . n 
A 1 102 LEU 102 90  90  LEU LEU A . n 
A 1 103 ALA 103 91  91  ALA ALA A . n 
A 1 104 GLU 104 92  92  GLU GLU A . n 
A 1 105 ASN 105 93  93  ASN ASN A . n 
A 1 106 PRO 106 94  94  PRO PRO A . n 
A 1 107 ALA 107 95  95  ALA ALA A . n 
A 1 108 ASP 108 96  96  ASP ASP A . n 
A 1 109 THR 109 97  97  THR THR A . n 
A 1 110 ASP 110 98  98  ASP ASP A . n 
A 1 111 ARG 111 99  99  ARG ARG A . n 
A 1 112 GLU 112 100 100 GLU GLU A . n 
A 1 113 ASN 113 101 101 ASN ASN A . n 
A 1 114 MET 114 102 102 MET MET A . n 
A 1 115 TRP 115 103 103 TRP TRP A . n 
A 1 116 ARG 116 104 104 ARG ARG A . n 
A 1 117 THR 117 105 105 THR THR A . n 
A 1 118 GLY 118 106 106 GLY GLY A . n 
A 1 119 ILE 119 107 107 ILE ILE A . n 
A 1 120 ASN 120 108 108 ASN ASN A . n 
A 1 121 VAL 121 109 109 VAL VAL A . n 
A 1 122 PHE 122 110 110 PHE PHE A . n 
A 1 123 PHE 123 111 111 PHE PHE A . n 
A 1 124 GLU 124 112 112 GLU GLU A . n 
A 1 125 THR 125 113 113 THR THR A . n 
A 1 126 PHE 126 114 114 PHE PHE A . n 
A 1 127 GLY 127 115 115 GLY GLY A . n 
A 1 128 SER 128 116 116 SER SER A . n 
A 1 129 HIS 129 117 117 HIS HIS A . n 
A 1 130 LYS 130 118 118 LYS LYS A . n 
A 1 131 ALA 131 119 119 ALA ALA A . n 
A 1 132 VAL 132 120 120 VAL VAL A . n 
A 1 133 THR 133 121 121 THR THR A . n 
A 1 134 ARG 134 122 122 ARG ARG A . n 
A 1 135 ALA 135 123 123 ALA ALA A . n 
A 1 136 GLY 136 124 124 GLY GLY A . n 
A 1 137 GLN 137 125 125 GLN GLN A . n 
A 1 138 ALA 138 126 126 ALA ALA A . n 
A 1 139 ALA 139 127 127 ALA ALA A . n 
A 1 140 ARG 140 128 128 ARG ARG A . n 
A 1 141 ALA 141 129 129 ALA ALA A . n 
A 1 142 THR 142 130 130 THR THR A . n 
A 1 143 SER 143 131 131 SER SER A . n 
A 1 144 VAL 144 132 132 VAL VAL A . n 
A 1 145 GLU 145 133 133 GLU GLU A . n 
A 1 146 VAL 146 134 134 VAL VAL A . n 
A 1 147 ALA 147 135 135 ALA ALA A . n 
A 1 148 GLU 148 136 136 GLU GLU A . n 
A 1 149 LEU 149 137 137 LEU LEU A . n 
A 1 150 TRP 150 138 138 TRP TRP A . n 
A 1 151 SER 151 139 139 SER SER A . n 
A 1 152 THR 152 140 140 THR THR A . n 
A 1 153 PHE 153 141 141 PHE PHE A . n 
A 1 154 MET 154 142 142 MET MET A . n 
A 1 155 GLN 155 143 143 GLN GLN A . n 
A 1 156 LYS 156 144 144 LYS LYS A . n 
A 1 157 TRP 157 145 145 TRP TRP A . n 
A 1 158 ILE 158 146 146 ILE ILE A . n 
A 1 159 ALA 159 147 147 ALA ALA A . n 
A 1 160 TYR 160 148 148 TYR TYR A . n 
A 1 161 THR 161 149 149 THR THR A . n 
A 1 162 ALA 162 150 150 ALA ALA A . n 
A 1 163 ALA 163 151 151 ALA ALA A . n 
A 1 164 VAL 164 152 152 VAL VAL A . n 
A 1 165 ILE 165 153 153 ILE ILE A . n 
A 1 166 ASP 166 154 154 ASP ASP A . n 
A 1 167 ALA 167 155 155 ALA ALA A . n 
A 1 168 GLU 168 156 156 GLU GLU A . n 
A 1 169 ARG 169 157 157 ARG ARG A . n 
A 1 170 ASP 170 158 158 ASP ASP A . n 
A 1 171 ARG 171 159 159 ARG ARG A . n 
A 1 172 GLY 172 160 160 GLY GLY A . n 
A 1 173 ALA 173 161 161 ALA ALA A . n 
A 1 174 ALA 174 162 162 ALA ALA A . n 
A 1 175 PRO 175 163 163 PRO PRO A . n 
A 1 176 ARG 176 164 164 ARG ARG A . n 
A 1 177 THR 177 165 165 THR THR A . n 
A 1 178 LEU 178 166 166 LEU LEU A . n 
A 1 179 PRO 179 167 167 PRO PRO A . n 
A 1 180 ALA 180 168 168 ALA ALA A . n 
A 1 181 HIS 181 169 169 HIS HIS A . n 
A 1 182 GLU 182 170 170 GLU GLU A . n 
A 1 183 LEU 183 171 171 LEU LEU A . n 
A 1 184 ALA 184 172 172 ALA ALA A . n 
A 1 185 THR 185 173 173 THR THR A . n 
A 1 186 ALA 186 174 174 ALA ALA A . n 
A 1 187 LEU 187 175 175 LEU LEU A . n 
A 1 188 ASN 188 176 176 ASN ASN A . n 
A 1 189 LEU 189 177 177 LEU LEU A . n 
A 1 190 MET 190 178 178 MET MET A . n 
A 1 191 ASN 191 179 179 ASN ASN A . n 
A 1 192 GLU 192 180 180 GLU GLU A . n 
A 1 193 ARG 193 181 181 ARG ARG A . n 
A 1 194 THR 194 182 182 THR THR A . n 
A 1 195 LEU 195 183 183 LEU LEU A . n 
A 1 196 PHE 196 184 184 PHE PHE A . n 
A 1 197 ALA 197 185 185 ALA ALA A . n 
A 1 198 SER 198 186 186 SER SER A . n 
A 1 199 PHE 199 187 187 PHE PHE A . n 
A 1 200 ALA 200 188 188 ALA ALA A . n 
A 1 201 GLY 201 189 189 GLY GLY A . n 
A 1 202 GLU 202 190 190 GLU GLU A . n 
A 1 203 GLN 203 191 191 GLN GLN A . n 
A 1 204 PRO 204 192 192 PRO PRO A . n 
A 1 205 SER 205 193 193 SER SER A . n 
A 1 206 VAL 206 194 194 VAL VAL A . n 
A 1 207 PRO 207 195 195 PRO PRO A . n 
A 1 208 GLU 208 196 196 GLU GLU A . n 
A 1 209 ALA 209 197 197 ALA ALA A . n 
A 1 210 ARG 210 198 198 ARG ARG A . n 
A 1 211 VAL 211 199 199 VAL VAL A . n 
A 1 212 LEU 212 200 200 LEU LEU A . n 
A 1 213 ASP 213 201 201 ASP ASP A . n 
A 1 214 THR 214 202 202 THR THR A . n 
A 1 215 LEU 215 203 203 LEU LEU A . n 
A 1 216 VAL 216 204 204 VAL VAL A . n 
A 1 217 HIS 217 205 205 HIS HIS A . n 
A 1 218 ILE 218 206 206 ILE ILE A . n 
A 1 219 TRP 219 207 207 TRP TRP A . n 
A 1 220 VAL 220 208 208 VAL VAL A . n 
A 1 221 THR 221 209 209 THR THR A . n 
A 1 222 SER 222 210 210 SER SER A . n 
A 1 223 ILE 223 211 211 ILE ILE A . n 
A 1 224 TYR 224 212 212 TYR TYR A . n 
A 1 225 GLY 225 213 213 GLY GLY A . n 
A 1 226 GLU 226 214 214 GLU GLU A . n 
A 1 227 ASN 227 215 ?   ?   ?   A . n 
A 1 228 ARG 228 216 ?   ?   ?   A . n 
# 
loop_
_pdbx_nonpoly_scheme.asym_id 
_pdbx_nonpoly_scheme.entity_id 
_pdbx_nonpoly_scheme.mon_id 
_pdbx_nonpoly_scheme.ndb_seq_num 
_pdbx_nonpoly_scheme.pdb_seq_num 
_pdbx_nonpoly_scheme.auth_seq_num 
_pdbx_nonpoly_scheme.pdb_mon_id 
_pdbx_nonpoly_scheme.auth_mon_id 
_pdbx_nonpoly_scheme.pdb_strand_id 
_pdbx_nonpoly_scheme.pdb_ins_code 
B 2 GFQ 1  301 1  GFQ DRG A . 
C 3 GOL 1  302 1  GOL GOL A . 
D 4 HOH 1  401 60 HOH HOH A . 
D 4 HOH 2  402 40 HOH HOH A . 
D 4 HOH 3  403 36 HOH HOH A . 
D 4 HOH 4  404 2  HOH HOH A . 
D 4 HOH 5  405 49 HOH HOH A . 
D 4 HOH 6  406 34 HOH HOH A . 
D 4 HOH 7  407 22 HOH HOH A . 
D 4 HOH 8  408 51 HOH HOH A . 
D 4 HOH 9  409 37 HOH HOH A . 
D 4 HOH 10 410 10 HOH HOH A . 
D 4 HOH 11 411 53 HOH HOH A . 
D 4 HOH 12 412 28 HOH HOH A . 
D 4 HOH 13 413 70 HOH HOH A . 
D 4 HOH 14 414 61 HOH HOH A . 
D 4 HOH 15 415 6  HOH HOH A . 
D 4 HOH 16 416 23 HOH HOH A . 
D 4 HOH 17 417 9  HOH HOH A . 
D 4 HOH 18 418 5  HOH HOH A . 
D 4 HOH 19 419 69 HOH HOH A . 
D 4 HOH 20 420 38 HOH HOH A . 
D 4 HOH 21 421 63 HOH HOH A . 
D 4 HOH 22 422 12 HOH HOH A . 
D 4 HOH 23 423 17 HOH HOH A . 
D 4 HOH 24 424 14 HOH HOH A . 
D 4 HOH 25 425 45 HOH HOH A . 
D 4 HOH 26 426 33 HOH HOH A . 
D 4 HOH 27 427 35 HOH HOH A . 
D 4 HOH 28 428 71 HOH HOH A . 
D 4 HOH 29 429 43 HOH HOH A . 
D 4 HOH 30 430 13 HOH HOH A . 
D 4 HOH 31 431 3  HOH HOH A . 
D 4 HOH 32 432 42 HOH HOH A . 
D 4 HOH 33 433 21 HOH HOH A . 
D 4 HOH 34 434 1  HOH HOH A . 
D 4 HOH 35 435 8  HOH HOH A . 
D 4 HOH 36 436 62 HOH HOH A . 
D 4 HOH 37 437 47 HOH HOH A . 
D 4 HOH 38 438 59 HOH HOH A . 
D 4 HOH 39 439 32 HOH HOH A . 
D 4 HOH 40 440 31 HOH HOH A . 
D 4 HOH 41 441 26 HOH HOH A . 
D 4 HOH 42 442 68 HOH HOH A . 
D 4 HOH 43 443 24 HOH HOH A . 
D 4 HOH 44 444 57 HOH HOH A . 
D 4 HOH 45 445 4  HOH HOH A . 
D 4 HOH 46 446 16 HOH HOH A . 
D 4 HOH 47 447 27 HOH HOH A . 
D 4 HOH 48 448 46 HOH HOH A . 
D 4 HOH 49 449 11 HOH HOH A . 
D 4 HOH 50 450 41 HOH HOH A . 
D 4 HOH 51 451 7  HOH HOH A . 
D 4 HOH 52 452 18 HOH HOH A . 
D 4 HOH 53 453 25 HOH HOH A . 
D 4 HOH 54 454 29 HOH HOH A . 
D 4 HOH 55 455 66 HOH HOH A . 
D 4 HOH 56 456 55 HOH HOH A . 
D 4 HOH 57 457 39 HOH HOH A . 
D 4 HOH 58 458 52 HOH HOH A . 
D 4 HOH 59 459 64 HOH HOH A . 
D 4 HOH 60 460 30 HOH HOH A . 
D 4 HOH 61 461 58 HOH HOH A . 
D 4 HOH 62 462 44 HOH HOH A . 
D 4 HOH 63 463 65 HOH HOH A . 
D 4 HOH 64 464 19 HOH HOH A . 
D 4 HOH 65 465 67 HOH HOH A . 
D 4 HOH 66 466 15 HOH HOH A . 
D 4 HOH 67 467 56 HOH HOH A . 
D 4 HOH 68 468 72 HOH HOH A . 
D 4 HOH 69 469 48 HOH HOH A . 
D 4 HOH 70 470 20 HOH HOH A . 
D 4 HOH 71 471 54 HOH HOH A . 
D 4 HOH 72 472 50 HOH HOH A . 
# 
loop_
_software.citation_id 
_software.classification 
_software.compiler_name 
_software.compiler_version 
_software.contact_author 
_software.contact_author_email 
_software.date 
_software.description 
_software.dependencies 
_software.hardware 
_software.language 
_software.location 
_software.mods 
_software.name 
_software.os 
_software.os_version 
_software.type 
_software.version 
_software.pdbx_ordinal 
? refinement       ? ? ? ? ? ? ? ? ? ? ? REFMAC  ? ? ? 5.8.0232 1 
? 'data reduction' ? ? ? ? ? ? ? ? ? ? ? iMOSFLM ? ? ? .        2 
? phasing          ? ? ? ? ? ? ? ? ? ? ? MOLREP  ? ? ? .        3 
# 
_cell.angle_alpha                  90.00 
_cell.angle_alpha_esd              ? 
_cell.angle_beta                   90.00 
_cell.angle_beta_esd               ? 
_cell.angle_gamma                  90.00 
_cell.angle_gamma_esd              ? 
_cell.entry_id                     6HO4 
_cell.details                      ? 
_cell.formula_units_Z              ? 
_cell.length_a                     121.935 
_cell.length_a_esd                 ? 
_cell.length_b                     121.935 
_cell.length_b_esd                 ? 
_cell.length_c                     33.637 
_cell.length_c_esd                 ? 
_cell.volume                       ? 
_cell.volume_esd                   ? 
_cell.Z_PDB                        8 
_cell.reciprocal_angle_alpha       ? 
_cell.reciprocal_angle_beta        ? 
_cell.reciprocal_angle_gamma       ? 
_cell.reciprocal_angle_alpha_esd   ? 
_cell.reciprocal_angle_beta_esd    ? 
_cell.reciprocal_angle_gamma_esd   ? 
_cell.reciprocal_length_a          ? 
_cell.reciprocal_length_b          ? 
_cell.reciprocal_length_c          ? 
_cell.reciprocal_length_a_esd      ? 
_cell.reciprocal_length_b_esd      ? 
_cell.reciprocal_length_c_esd      ? 
_cell.pdbx_unique_axis             ? 
# 
_symmetry.entry_id                         6HO4 
_symmetry.cell_setting                     ? 
_symmetry.Int_Tables_number                92 
_symmetry.space_group_name_Hall            ? 
_symmetry.space_group_name_H-M             'P 41 21 2' 
_symmetry.pdbx_full_space_group_name_H-M   ? 
# 
_exptl.absorpt_coefficient_mu     ? 
_exptl.absorpt_correction_T_max   ? 
_exptl.absorpt_correction_T_min   ? 
_exptl.absorpt_correction_type    ? 
_exptl.absorpt_process_details    ? 
_exptl.entry_id                   6HO4 
_exptl.crystals_number            1 
_exptl.details                    ? 
_exptl.method                     'X-RAY DIFFRACTION' 
_exptl.method_details             ? 
# 
_exptl_crystal.colour                      ? 
_exptl_crystal.density_diffrn              ? 
_exptl_crystal.density_Matthews            2.41 
_exptl_crystal.density_method              ? 
_exptl_crystal.density_percent_sol         49.03 
_exptl_crystal.description                 ? 
_exptl_crystal.F_000                       ? 
_exptl_crystal.id                          1 
_exptl_crystal.preparation                 ? 
_exptl_crystal.size_max                    ? 
_exptl_crystal.size_mid                    ? 
_exptl_crystal.size_min                    ? 
_exptl_crystal.size_rad                    ? 
_exptl_crystal.colour_lustre               ? 
_exptl_crystal.colour_modifier             ? 
_exptl_crystal.colour_primary              ? 
_exptl_crystal.density_meas                ? 
_exptl_crystal.density_meas_esd            ? 
_exptl_crystal.density_meas_gt             ? 
_exptl_crystal.density_meas_lt             ? 
_exptl_crystal.density_meas_temp           ? 
_exptl_crystal.density_meas_temp_esd       ? 
_exptl_crystal.density_meas_temp_gt        ? 
_exptl_crystal.density_meas_temp_lt        ? 
_exptl_crystal.pdbx_crystal_image_url      ? 
_exptl_crystal.pdbx_crystal_image_format   ? 
_exptl_crystal.pdbx_mosaicity              ? 
_exptl_crystal.pdbx_mosaicity_esd          ? 
# 
_exptl_crystal_grow.apparatus       ? 
_exptl_crystal_grow.atmosphere      ? 
_exptl_crystal_grow.crystal_id      1 
_exptl_crystal_grow.details         ? 
_exptl_crystal_grow.method          'VAPOR DIFFUSION' 
_exptl_crystal_grow.method_ref      ? 
_exptl_crystal_grow.pH              6.7 
_exptl_crystal_grow.pressure        ? 
_exptl_crystal_grow.pressure_esd    ? 
_exptl_crystal_grow.seeding         ? 
_exptl_crystal_grow.seeding_ref     ? 
_exptl_crystal_grow.temp            293 
_exptl_crystal_grow.temp_details    ? 
_exptl_crystal_grow.temp_esd        ? 
_exptl_crystal_grow.time            ? 
_exptl_crystal_grow.pdbx_details    '1.4-1.6 ammonium sulfate, 15% glycerol, 100 mM MES' 
_exptl_crystal_grow.pdbx_pH_range   ? 
# 
_diffrn.ambient_environment              ? 
_diffrn.ambient_temp                     100 
_diffrn.ambient_temp_details             ? 
_diffrn.ambient_temp_esd                 ? 
_diffrn.crystal_id                       1 
_diffrn.crystal_support                  ? 
_diffrn.crystal_treatment                ? 
_diffrn.details                          ? 
_diffrn.id                               1 
_diffrn.ambient_pressure                 ? 
_diffrn.ambient_pressure_esd             ? 
_diffrn.ambient_pressure_gt              ? 
_diffrn.ambient_pressure_lt              ? 
_diffrn.ambient_temp_gt                  ? 
_diffrn.ambient_temp_lt                  ? 
_diffrn.pdbx_serial_crystal_experiment   ? 
# 
_diffrn_detector.details                      ? 
_diffrn_detector.detector                     PIXEL 
_diffrn_detector.diffrn_id                    1 
_diffrn_detector.type                         'DECTRIS PILATUS 6M' 
_diffrn_detector.area_resol_mean              ? 
_diffrn_detector.dtime                        ? 
_diffrn_detector.pdbx_frames_total            ? 
_diffrn_detector.pdbx_collection_time_total   ? 
_diffrn_detector.pdbx_collection_date         2010-12-06 
_diffrn_detector.pdbx_frequency               ? 
# 
_diffrn_radiation.collimation                      ? 
_diffrn_radiation.diffrn_id                        1 
_diffrn_radiation.filter_edge                      ? 
_diffrn_radiation.inhomogeneity                    ? 
_diffrn_radiation.monochromator                    ? 
_diffrn_radiation.polarisn_norm                    ? 
_diffrn_radiation.polarisn_ratio                   ? 
_diffrn_radiation.probe                            ? 
_diffrn_radiation.type                             ? 
_diffrn_radiation.xray_symbol                      ? 
_diffrn_radiation.wavelength_id                    1 
_diffrn_radiation.pdbx_monochromatic_or_laue_m_l   M 
_diffrn_radiation.pdbx_wavelength_list             ? 
_diffrn_radiation.pdbx_wavelength                  ? 
_diffrn_radiation.pdbx_diffrn_protocol             'SINGLE WAVELENGTH' 
_diffrn_radiation.pdbx_analyzer                    ? 
_diffrn_radiation.pdbx_scattering_type             x-ray 
# 
_diffrn_radiation_wavelength.id           1 
_diffrn_radiation_wavelength.wavelength   1.00 
_diffrn_radiation_wavelength.wt           1.0 
# 
_diffrn_source.current                     ? 
_diffrn_source.details                     ? 
_diffrn_source.diffrn_id                   1 
_diffrn_source.power                       ? 
_diffrn_source.size                        ? 
_diffrn_source.source                      SYNCHROTRON 
_diffrn_source.target                      ? 
_diffrn_source.type                        'SLS BEAMLINE X06SA' 
_diffrn_source.voltage                     ? 
_diffrn_source.take-off_angle              ? 
_diffrn_source.pdbx_wavelength_list        1.00 
_diffrn_source.pdbx_wavelength             ? 
_diffrn_source.pdbx_synchrotron_beamline   X06SA 
_diffrn_source.pdbx_synchrotron_site       SLS 
# 
_reflns.B_iso_Wilson_estimate            ? 
_reflns.entry_id                         6HO4 
_reflns.data_reduction_details           ? 
_reflns.data_reduction_method            ? 
_reflns.d_resolution_high                1.60 
_reflns.d_resolution_low                 86.22 
_reflns.details                          ? 
_reflns.limit_h_max                      ? 
_reflns.limit_h_min                      ? 
_reflns.limit_k_max                      ? 
_reflns.limit_k_min                      ? 
_reflns.limit_l_max                      ? 
_reflns.limit_l_min                      ? 
_reflns.number_all                       ? 
_reflns.number_obs                       34085 
_reflns.observed_criterion               ? 
_reflns.observed_criterion_F_max         ? 
_reflns.observed_criterion_F_min         ? 
_reflns.observed_criterion_I_max         ? 
_reflns.observed_criterion_I_min         ? 
_reflns.observed_criterion_sigma_F       ? 
_reflns.observed_criterion_sigma_I       ? 
_reflns.percent_possible_obs             99.8 
_reflns.R_free_details                   ? 
_reflns.Rmerge_F_all                     ? 
_reflns.Rmerge_F_obs                     ? 
_reflns.Friedel_coverage                 ? 
_reflns.number_gt                        ? 
_reflns.threshold_expression             ? 
_reflns.pdbx_redundancy                  12.5 
_reflns.pdbx_Rmerge_I_obs                0.071 
_reflns.pdbx_Rmerge_I_all                ? 
_reflns.pdbx_Rsym_value                  ? 
_reflns.pdbx_netI_over_av_sigmaI         ? 
_reflns.pdbx_netI_over_sigmaI            20.3 
_reflns.pdbx_res_netI_over_av_sigmaI_2   ? 
_reflns.pdbx_res_netI_over_sigmaI_2      ? 
_reflns.pdbx_chi_squared                 ? 
_reflns.pdbx_scaling_rejects             ? 
_reflns.pdbx_d_res_high_opt              ? 
_reflns.pdbx_d_res_low_opt               ? 
_reflns.pdbx_d_res_opt_method            ? 
_reflns.phase_calculation_details        ? 
_reflns.pdbx_Rrim_I_all                  ? 
_reflns.pdbx_Rpim_I_all                  ? 
_reflns.pdbx_d_opt                       ? 
_reflns.pdbx_number_measured_all         ? 
_reflns.pdbx_diffrn_id                   1 
_reflns.pdbx_ordinal                     1 
_reflns.pdbx_CC_half                     ? 
_reflns.pdbx_R_split                     ? 
# 
_reflns_shell.d_res_high                  1.60 
_reflns_shell.d_res_low                   1.69 
_reflns_shell.meanI_over_sigI_all         ? 
_reflns_shell.meanI_over_sigI_obs         5.1 
_reflns_shell.number_measured_all         ? 
_reflns_shell.number_measured_obs         ? 
_reflns_shell.number_possible             ? 
_reflns_shell.number_unique_all           ? 
_reflns_shell.number_unique_obs           4802 
_reflns_shell.percent_possible_all        98.5 
_reflns_shell.percent_possible_obs        ? 
_reflns_shell.Rmerge_F_all                ? 
_reflns_shell.Rmerge_F_obs                ? 
_reflns_shell.Rmerge_I_all                ? 
_reflns_shell.Rmerge_I_obs                0.523 
_reflns_shell.meanI_over_sigI_gt          ? 
_reflns_shell.meanI_over_uI_all           ? 
_reflns_shell.meanI_over_uI_gt            ? 
_reflns_shell.number_measured_gt          ? 
_reflns_shell.number_unique_gt            ? 
_reflns_shell.percent_possible_gt         ? 
_reflns_shell.Rmerge_F_gt                 ? 
_reflns_shell.Rmerge_I_gt                 ? 
_reflns_shell.pdbx_redundancy             10.0 
_reflns_shell.pdbx_Rsym_value             ? 
_reflns_shell.pdbx_chi_squared            ? 
_reflns_shell.pdbx_netI_over_sigmaI_all   ? 
_reflns_shell.pdbx_netI_over_sigmaI_obs   ? 
_reflns_shell.pdbx_Rrim_I_all             ? 
_reflns_shell.pdbx_Rpim_I_all             ? 
_reflns_shell.pdbx_rejects                ? 
_reflns_shell.pdbx_ordinal                1 
_reflns_shell.pdbx_diffrn_id              1 
_reflns_shell.pdbx_CC_half                ? 
_reflns_shell.pdbx_R_split                ? 
# 
_refine.aniso_B[1][1]                            -0.00 
_refine.aniso_B[1][2]                            0.00 
_refine.aniso_B[1][3]                            0.00 
_refine.aniso_B[2][2]                            -0.00 
_refine.aniso_B[2][3]                            0.00 
_refine.aniso_B[3][3]                            0.01 
_refine.B_iso_max                                ? 
_refine.B_iso_mean                               22.201 
_refine.B_iso_min                                ? 
_refine.correlation_coeff_Fo_to_Fc               0.960 
_refine.correlation_coeff_Fo_to_Fc_free          0.951 
_refine.details                                  'HYDROGENS HAVE BEEN ADDED IN THE RIDING POSITIONS' 
_refine.diff_density_max                         ? 
_refine.diff_density_max_esd                     ? 
_refine.diff_density_min                         ? 
_refine.diff_density_min_esd                     ? 
_refine.diff_density_rms                         ? 
_refine.diff_density_rms_esd                     ? 
_refine.entry_id                                 6HO4 
_refine.pdbx_refine_id                           'X-RAY DIFFRACTION' 
_refine.ls_abs_structure_details                 ? 
_refine.ls_abs_structure_Flack                   ? 
_refine.ls_abs_structure_Flack_esd               ? 
_refine.ls_abs_structure_Rogers                  ? 
_refine.ls_abs_structure_Rogers_esd              ? 
_refine.ls_d_res_high                            1.60 
_refine.ls_d_res_low                             86.22 
_refine.ls_extinction_coef                       ? 
_refine.ls_extinction_coef_esd                   ? 
_refine.ls_extinction_expression                 ? 
_refine.ls_extinction_method                     ? 
_refine.ls_goodness_of_fit_all                   ? 
_refine.ls_goodness_of_fit_all_esd               ? 
_refine.ls_goodness_of_fit_obs                   ? 
_refine.ls_goodness_of_fit_obs_esd               ? 
_refine.ls_hydrogen_treatment                    ? 
_refine.ls_matrix_type                           ? 
_refine.ls_number_constraints                    ? 
_refine.ls_number_parameters                     ? 
_refine.ls_number_reflns_all                     ? 
_refine.ls_number_reflns_obs                     32330 
_refine.ls_number_reflns_R_free                  1702 
_refine.ls_number_reflns_R_work                  ? 
_refine.ls_number_restraints                     ? 
_refine.ls_percent_reflns_obs                    99.75 
_refine.ls_percent_reflns_R_free                 5.0 
_refine.ls_R_factor_all                          ? 
_refine.ls_R_factor_obs                          0.18334 
_refine.ls_R_factor_R_free                       0.20469 
_refine.ls_R_factor_R_free_error                 ? 
_refine.ls_R_factor_R_free_error_details         ? 
_refine.ls_R_factor_R_work                       0.18219 
_refine.ls_R_Fsqd_factor_obs                     ? 
_refine.ls_R_I_factor_obs                        ? 
_refine.ls_redundancy_reflns_all                 ? 
_refine.ls_redundancy_reflns_obs                 ? 
_refine.ls_restrained_S_all                      ? 
_refine.ls_restrained_S_obs                      ? 
_refine.ls_shift_over_esd_max                    ? 
_refine.ls_shift_over_esd_mean                   ? 
_refine.ls_structure_factor_coef                 ? 
_refine.ls_weighting_details                     ? 
_refine.ls_weighting_scheme                      ? 
_refine.ls_wR_factor_all                         ? 
_refine.ls_wR_factor_obs                         ? 
_refine.ls_wR_factor_R_free                      ? 
_refine.ls_wR_factor_R_work                      ? 
_refine.occupancy_max                            ? 
_refine.occupancy_min                            ? 
_refine.solvent_model_details                    ? 
_refine.solvent_model_param_bsol                 ? 
_refine.solvent_model_param_ksol                 ? 
_refine.ls_R_factor_gt                           ? 
_refine.ls_goodness_of_fit_gt                    ? 
_refine.ls_goodness_of_fit_ref                   ? 
_refine.ls_shift_over_su_max                     ? 
_refine.ls_shift_over_su_max_lt                  ? 
_refine.ls_shift_over_su_mean                    ? 
_refine.ls_shift_over_su_mean_lt                 ? 
_refine.pdbx_ls_sigma_I                          ? 
_refine.pdbx_ls_sigma_F                          ? 
_refine.pdbx_ls_sigma_Fsqd                       ? 
_refine.pdbx_data_cutoff_high_absF               ? 
_refine.pdbx_data_cutoff_high_rms_absF           ? 
_refine.pdbx_data_cutoff_low_absF                ? 
_refine.pdbx_isotropic_thermal_model             ? 
_refine.pdbx_ls_cross_valid_method               THROUGHOUT 
_refine.pdbx_method_to_determine_struct          ? 
_refine.pdbx_starting_model                      ? 
_refine.pdbx_stereochemistry_target_values       ? 
_refine.pdbx_R_Free_selection_details            RANDOM 
_refine.pdbx_stereochem_target_val_spec_case     ? 
_refine.pdbx_overall_ESU_R                       0.073 
_refine.pdbx_overall_ESU_R_Free                  0.074 
_refine.pdbx_solvent_vdw_probe_radii             1.20 
_refine.pdbx_solvent_ion_probe_radii             0.80 
_refine.pdbx_solvent_shrinkage_radii             0.80 
_refine.pdbx_real_space_R                        ? 
_refine.pdbx_density_correlation                 ? 
_refine.pdbx_pd_number_of_powder_patterns        ? 
_refine.pdbx_pd_number_of_points                 ? 
_refine.pdbx_pd_meas_number_of_points            ? 
_refine.pdbx_pd_proc_ls_prof_R_factor            ? 
_refine.pdbx_pd_proc_ls_prof_wR_factor           ? 
_refine.pdbx_pd_Marquardt_correlation_coeff      ? 
_refine.pdbx_pd_Fsqrd_R_factor                   ? 
_refine.pdbx_pd_ls_matrix_band_width             ? 
_refine.pdbx_overall_phase_error                 ? 
_refine.pdbx_overall_SU_R_free_Cruickshank_DPI   ? 
_refine.pdbx_overall_SU_R_free_Blow_DPI          ? 
_refine.pdbx_overall_SU_R_Blow_DPI               ? 
_refine.pdbx_TLS_residual_ADP_flag               ? 
_refine.pdbx_diffrn_id                           1 
_refine.overall_SU_B                             1.244 
_refine.overall_SU_ML                            0.045 
_refine.overall_SU_R_Cruickshank_DPI             ? 
_refine.overall_SU_R_free                        ? 
_refine.overall_FOM_free_R_set                   ? 
_refine.overall_FOM_work_R_set                   ? 
_refine.pdbx_average_fsc_overall                 ? 
_refine.pdbx_average_fsc_work                    ? 
_refine.pdbx_average_fsc_free                    ? 
# 
_refine_hist.pdbx_refine_id                   'X-RAY DIFFRACTION' 
_refine_hist.cycle_id                         1 
_refine_hist.pdbx_number_atoms_protein        1482 
_refine_hist.pdbx_number_atoms_nucleic_acid   0 
_refine_hist.pdbx_number_atoms_ligand         32 
_refine_hist.number_atoms_solvent             72 
_refine_hist.number_atoms_total               1586 
_refine_hist.d_res_high                       1.60 
_refine_hist.d_res_low                        86.22 
# 
loop_
_refine_ls_restr.pdbx_refine_id 
_refine_ls_restr.criterion 
_refine_ls_restr.dev_ideal 
_refine_ls_restr.dev_ideal_target 
_refine_ls_restr.number 
_refine_ls_restr.rejects 
_refine_ls_restr.type 
_refine_ls_restr.weight 
_refine_ls_restr.pdbx_restraint_function 
'X-RAY DIFFRACTION' ? 0.013  0.013  1545 ? r_bond_refined_d             ? ? 
'X-RAY DIFFRACTION' ? 0.001  0.017  1433 ? r_bond_other_d               ? ? 
'X-RAY DIFFRACTION' ? 1.887  1.666  2105 ? r_angle_refined_deg          ? ? 
'X-RAY DIFFRACTION' ? 1.635  1.590  3297 ? r_angle_other_deg            ? ? 
'X-RAY DIFFRACTION' ? 4.748  5.000  189  ? r_dihedral_angle_1_deg       ? ? 
'X-RAY DIFFRACTION' ? 33.439 21.294 85   ? r_dihedral_angle_2_deg       ? ? 
'X-RAY DIFFRACTION' ? 11.861 15.000 239  ? r_dihedral_angle_3_deg       ? ? 
'X-RAY DIFFRACTION' ? 17.186 15.000 13   ? r_dihedral_angle_4_deg       ? ? 
'X-RAY DIFFRACTION' ? 0.090  0.200  206  ? r_chiral_restr               ? ? 
'X-RAY DIFFRACTION' ? 0.010  0.020  1740 ? r_gen_planes_refined         ? ? 
'X-RAY DIFFRACTION' ? 0.001  0.020  343  ? r_gen_planes_other           ? ? 
'X-RAY DIFFRACTION' ? ?      ?      ?    ? r_nbd_refined                ? ? 
'X-RAY DIFFRACTION' ? ?      ?      ?    ? r_nbd_other                  ? ? 
'X-RAY DIFFRACTION' ? ?      ?      ?    ? r_nbtor_refined              ? ? 
'X-RAY DIFFRACTION' ? ?      ?      ?    ? r_nbtor_other                ? ? 
'X-RAY DIFFRACTION' ? ?      ?      ?    ? r_xyhbond_nbd_refined        ? ? 
'X-RAY DIFFRACTION' ? ?      ?      ?    ? r_xyhbond_nbd_other          ? ? 
'X-RAY DIFFRACTION' ? ?      ?      ?    ? r_metal_ion_refined          ? ? 
'X-RAY DIFFRACTION' ? ?      ?      ?    ? r_metal_ion_other            ? ? 
'X-RAY DIFFRACTION' ? ?      ?      ?    ? r_symmetry_vdw_refined       ? ? 
'X-RAY DIFFRACTION' ? ?      ?      ?    ? r_symmetry_vdw_other         ? ? 
'X-RAY DIFFRACTION' ? ?      ?      ?    ? r_symmetry_hbond_refined     ? ? 
'X-RAY DIFFRACTION' ? ?      ?      ?    ? r_symmetry_hbond_other       ? ? 
'X-RAY DIFFRACTION' ? ?      ?      ?    ? r_symmetry_metal_ion_refined ? ? 
'X-RAY DIFFRACTION' ? ?      ?      ?    ? r_symmetry_metal_ion_other   ? ? 
'X-RAY DIFFRACTION' ? 2.151  2.148  759  ? r_mcbond_it                  ? ? 
'X-RAY DIFFRACTION' ? 2.150  2.145  758  ? r_mcbond_other               ? ? 
'X-RAY DIFFRACTION' ? 3.005  3.220  947  ? r_mcangle_it                 ? ? 
'X-RAY DIFFRACTION' ? 3.005  3.223  948  ? r_mcangle_other              ? ? 
'X-RAY DIFFRACTION' ? 3.549  2.510  786  ? r_scbond_it                  ? ? 
'X-RAY DIFFRACTION' ? 3.547  2.513  787  ? r_scbond_other               ? ? 
'X-RAY DIFFRACTION' ? ?      ?      ?    ? r_scangle_it                 ? ? 
'X-RAY DIFFRACTION' ? 5.303  3.621  1159 ? r_scangle_other              ? ? 
'X-RAY DIFFRACTION' ? 5.829  25.491 1765 ? r_long_range_B_refined       ? ? 
'X-RAY DIFFRACTION' ? 5.829  25.486 1765 ? r_long_range_B_other         ? ? 
'X-RAY DIFFRACTION' ? ?      ?      ?    ? r_rigid_bond_restr           ? ? 
'X-RAY DIFFRACTION' ? ?      ?      ?    ? r_sphericity_free            ? ? 
'X-RAY DIFFRACTION' ? ?      ?      ?    ? r_sphericity_bonded          ? ? 
# 
_refine_ls_shell.pdbx_refine_id                   'X-RAY DIFFRACTION' 
_refine_ls_shell.d_res_high                       1.600 
_refine_ls_shell.d_res_low                        1.642 
_refine_ls_shell.number_reflns_all                ? 
_refine_ls_shell.number_reflns_obs                ? 
_refine_ls_shell.number_reflns_R_free             119 
_refine_ls_shell.number_reflns_R_work             2251 
_refine_ls_shell.percent_reflns_obs               96.93 
_refine_ls_shell.percent_reflns_R_free            ? 
_refine_ls_shell.R_factor_all                     ? 
_refine_ls_shell.R_factor_obs                     ? 
_refine_ls_shell.R_factor_R_free                  0.240 
_refine_ls_shell.R_factor_R_free_error            ? 
_refine_ls_shell.R_factor_R_work                  0.222 
_refine_ls_shell.redundancy_reflns_all            ? 
_refine_ls_shell.redundancy_reflns_obs            ? 
_refine_ls_shell.wR_factor_all                    ? 
_refine_ls_shell.wR_factor_obs                    ? 
_refine_ls_shell.wR_factor_R_free                 ? 
_refine_ls_shell.wR_factor_R_work                 ? 
_refine_ls_shell.pdbx_total_number_of_bins_used   20 
_refine_ls_shell.pdbx_phase_error                 ? 
_refine_ls_shell.pdbx_fsc_work                    ? 
_refine_ls_shell.pdbx_fsc_free                    ? 
# 
_struct.entry_id                     6HO4 
_struct.title                        'TRANSCRIPTIONAL REPRESSOR ETHR FROM MYCOBACTERIUM TUBERCULOSIS IN COMPLEX WITH BDM44693' 
_struct.pdbx_model_details           ? 
_struct.pdbx_formula_weight          ? 
_struct.pdbx_formula_weight_method   ? 
_struct.pdbx_model_type_details      ? 
_struct.pdbx_CASP_flag               N 
# 
_struct_keywords.entry_id        6HO4 
_struct_keywords.text            
'HELIX-TURN-HELIX, DNA BINDING PROTEIN, TETR-FAMILY, COMPLEX, INHIBITOR, DRUG DESIGN, TUBERCULOSIS, ETHIONAMIDE' 
_struct_keywords.pdbx_keywords   'DNA BINDING PROTEIN' 
# 
loop_
_struct_asym.id 
_struct_asym.pdbx_blank_PDB_chainid_flag 
_struct_asym.pdbx_modified 
_struct_asym.entity_id 
_struct_asym.details 
A N N 1 ? 
B N N 2 ? 
C N N 3 ? 
D N N 4 ? 
# 
_struct_ref.id                         1 
_struct_ref.db_name                    UNP 
_struct_ref.db_code                    ETHR_MYCTU 
_struct_ref.pdbx_db_accession          P9WMC1 
_struct_ref.pdbx_db_isoform            ? 
_struct_ref.entity_id                  1 
_struct_ref.pdbx_seq_one_letter_code   
;MTTSAASQASLPRGRRTARPSGDDRELAILATAENLLEDRPLADISVDDLAKGAGISRPTFYFYFPSKEAVLLTLLDRVV
NQADMALQTLAENPADTDRENMWRTGINVFFETFGSHKAVTRAGQAARATSVEVAELWSTFMQKWIAYTAAVIDAERDRG
AAPRTLPAHELATALNLMNERTLFASFAGEQPSVPEARVLDTLVHIWVTSIYGENR
;
_struct_ref.pdbx_align_begin           1 
# 
_struct_ref_seq.align_id                      1 
_struct_ref_seq.ref_id                        1 
_struct_ref_seq.pdbx_PDB_id_code              6HO4 
_struct_ref_seq.pdbx_strand_id                A 
_struct_ref_seq.seq_align_beg                 13 
_struct_ref_seq.pdbx_seq_align_beg_ins_code   ? 
_struct_ref_seq.seq_align_end                 228 
_struct_ref_seq.pdbx_seq_align_end_ins_code   ? 
_struct_ref_seq.pdbx_db_accession             P9WMC1 
_struct_ref_seq.db_align_beg                  1 
_struct_ref_seq.pdbx_db_align_beg_ins_code    ? 
_struct_ref_seq.db_align_end                  216 
_struct_ref_seq.pdbx_db_align_end_ins_code    ? 
_struct_ref_seq.pdbx_auth_seq_align_beg       1 
_struct_ref_seq.pdbx_auth_seq_align_end       216 
# 
loop_
_struct_ref_seq_dif.align_id 
_struct_ref_seq_dif.pdbx_pdb_id_code 
_struct_ref_seq_dif.mon_id 
_struct_ref_seq_dif.pdbx_pdb_strand_id 
_struct_ref_seq_dif.seq_num 
_struct_ref_seq_dif.pdbx_pdb_ins_code 
_struct_ref_seq_dif.pdbx_seq_db_name 
_struct_ref_seq_dif.pdbx_seq_db_accession_code 
_struct_ref_seq_dif.db_mon_id 
_struct_ref_seq_dif.pdbx_seq_db_seq_num 
_struct_ref_seq_dif.details 
_struct_ref_seq_dif.pdbx_auth_seq_num 
_struct_ref_seq_dif.pdbx_ordinal 
1 6HO4 MET A 1  ? UNP P9WMC1 ? ? 'initiating methionine' -11 1  
1 6HO4 THR A 2  ? UNP P9WMC1 ? ? 'expression tag'        -10 2  
1 6HO4 THR A 3  ? UNP P9WMC1 ? ? 'expression tag'        -9  3  
1 6HO4 SER A 4  ? UNP P9WMC1 ? ? 'expression tag'        -8  4  
1 6HO4 ALA A 5  ? UNP P9WMC1 ? ? 'expression tag'        -7  5  
1 6HO4 ALA A 6  ? UNP P9WMC1 ? ? 'expression tag'        -6  6  
1 6HO4 SER A 7  ? UNP P9WMC1 ? ? 'expression tag'        -5  7  
1 6HO4 GLN A 8  ? UNP P9WMC1 ? ? 'expression tag'        -4  8  
1 6HO4 ALA A 9  ? UNP P9WMC1 ? ? 'expression tag'        -3  9  
1 6HO4 SER A 10 ? UNP P9WMC1 ? ? 'expression tag'        -2  10 
1 6HO4 LEU A 11 ? UNP P9WMC1 ? ? 'expression tag'        -1  11 
1 6HO4 PRO A 12 ? UNP P9WMC1 ? ? 'expression tag'        0   12 
# 
_pdbx_struct_assembly.id                   1 
_pdbx_struct_assembly.details              author_and_software_defined_assembly 
_pdbx_struct_assembly.method_details       PISA 
_pdbx_struct_assembly.oligomeric_details   dimeric 
_pdbx_struct_assembly.oligomeric_count     2 
# 
loop_
_pdbx_struct_assembly_prop.biol_id 
_pdbx_struct_assembly_prop.type 
_pdbx_struct_assembly_prop.value 
_pdbx_struct_assembly_prop.details 
1 'ABSA (A^2)' 3210  ? 
1 MORE         -24   ? 
1 'SSA (A^2)'  16880 ? 
# 
_pdbx_struct_assembly_gen.assembly_id       1 
_pdbx_struct_assembly_gen.oper_expression   1,2 
_pdbx_struct_assembly_gen.asym_id_list      A,B,C,D 
# 
_pdbx_struct_assembly_auth_evidence.id                     1 
_pdbx_struct_assembly_auth_evidence.assembly_id            1 
_pdbx_struct_assembly_auth_evidence.experimental_support   none 
_pdbx_struct_assembly_auth_evidence.details                ? 
# 
loop_
_pdbx_struct_oper_list.id 
_pdbx_struct_oper_list.type 
_pdbx_struct_oper_list.name 
_pdbx_struct_oper_list.symmetry_operation 
_pdbx_struct_oper_list.matrix[1][1] 
_pdbx_struct_oper_list.matrix[1][2] 
_pdbx_struct_oper_list.matrix[1][3] 
_pdbx_struct_oper_list.vector[1] 
_pdbx_struct_oper_list.matrix[2][1] 
_pdbx_struct_oper_list.matrix[2][2] 
_pdbx_struct_oper_list.matrix[2][3] 
_pdbx_struct_oper_list.vector[2] 
_pdbx_struct_oper_list.matrix[3][1] 
_pdbx_struct_oper_list.matrix[3][2] 
_pdbx_struct_oper_list.matrix[3][3] 
_pdbx_struct_oper_list.vector[3] 
1 'identity operation'         1_555 x,y,z  1.0000000000  0.0000000000 0.0000000000 0.0000000000  0.0000000000 1.0000000000  0.0000000000 0.0000000000   0.0000000000 0.0000000000 1.0000000000  0.0000000000  
2 'crystal symmetry operation' 7_555 y,x,-z -0.0795004134 0.5084475028 0.8574151977 -8.1121569590 0.5084475028 -0.7191537434 0.4736021856 -15.4596793728 0.8574151977 0.4736021856 -0.2013458432 17.8766046360 
# 
loop_
_struct_conf.conf_type_id 
_struct_conf.id 
_struct_conf.pdbx_PDB_helix_id 
_struct_conf.beg_label_comp_id 
_struct_conf.beg_label_asym_id 
_struct_conf.beg_label_seq_id 
_struct_conf.pdbx_beg_PDB_ins_code 
_struct_conf.end_label_comp_id 
_struct_conf.end_label_asym_id 
_struct_conf.end_label_seq_id 
_struct_conf.pdbx_end_PDB_ins_code 
_struct_conf.beg_auth_comp_id 
_struct_conf.beg_auth_asym_id 
_struct_conf.beg_auth_seq_id 
_struct_conf.end_auth_comp_id 
_struct_conf.end_auth_asym_id 
_struct_conf.end_auth_seq_id 
_struct_conf.pdbx_PDB_helix_class 
_struct_conf.details 
_struct_conf.pdbx_PDB_helix_length 
HELX_P HELX_P1  AA1 ARG A 37  ? GLU A 50  ? ARG A 25  GLU A 38  1 ? 14 
HELX_P HELX_P2  AA2 PRO A 53  ? ILE A 57  ? PRO A 41  ILE A 45  5 ? 5  
HELX_P HELX_P3  AA3 SER A 58  ? GLY A 67  ? SER A 46  GLY A 55  1 ? 10 
HELX_P HELX_P4  AA4 SER A 69  ? TYR A 74  ? SER A 57  TYR A 62  1 ? 6  
HELX_P HELX_P5  AA5 SER A 79  ? ASN A 105 ? SER A 67  ASN A 93  1 ? 27 
HELX_P HELX_P6  AA6 ASP A 110 ? SER A 128 ? ASP A 98  SER A 116 1 ? 19 
HELX_P HELX_P7  AA7 HIS A 129 ? ARG A 140 ? HIS A 117 ARG A 128 1 ? 12 
HELX_P HELX_P8  AA8 SER A 143 ? ARG A 171 ? SER A 131 ARG A 159 1 ? 29 
HELX_P HELX_P9  AA9 PRO A 179 ? ALA A 200 ? PRO A 167 ALA A 188 1 ? 22 
HELX_P HELX_P10 AB1 PRO A 207 ? GLY A 225 ? PRO A 195 GLY A 213 1 ? 19 
# 
_struct_conf_type.id          HELX_P 
_struct_conf_type.criteria    ? 
_struct_conf_type.reference   ? 
# 
_struct_mon_prot_cis.pdbx_id                1 
_struct_mon_prot_cis.label_comp_id          GLN 
_struct_mon_prot_cis.label_seq_id           203 
_struct_mon_prot_cis.label_asym_id          A 
_struct_mon_prot_cis.label_alt_id           . 
_struct_mon_prot_cis.pdbx_PDB_ins_code      ? 
_struct_mon_prot_cis.auth_comp_id           GLN 
_struct_mon_prot_cis.auth_seq_id            191 
_struct_mon_prot_cis.auth_asym_id           A 
_struct_mon_prot_cis.pdbx_label_comp_id_2   PRO 
_struct_mon_prot_cis.pdbx_label_seq_id_2    204 
_struct_mon_prot_cis.pdbx_label_asym_id_2   A 
_struct_mon_prot_cis.pdbx_PDB_ins_code_2    ? 
_struct_mon_prot_cis.pdbx_auth_comp_id_2    PRO 
_struct_mon_prot_cis.pdbx_auth_seq_id_2     192 
_struct_mon_prot_cis.pdbx_auth_asym_id_2    A 
_struct_mon_prot_cis.pdbx_PDB_model_num     1 
_struct_mon_prot_cis.pdbx_omega_angle       4.33 
# 
loop_
_struct_site.id 
_struct_site.pdbx_evidence_code 
_struct_site.pdbx_auth_asym_id 
_struct_site.pdbx_auth_comp_id 
_struct_site.pdbx_auth_seq_id 
_struct_site.pdbx_auth_ins_code 
_struct_site.pdbx_num_residues 
_struct_site.details 
AC1 Software A GFQ 301 ? 15 'binding site for residue GFQ A 301' 
AC2 Software A GOL 302 ? 4  'binding site for residue GOL A 302' 
# 
loop_
_struct_site_gen.id 
_struct_site_gen.site_id 
_struct_site_gen.pdbx_num_res 
_struct_site_gen.label_comp_id 
_struct_site_gen.label_asym_id 
_struct_site_gen.label_seq_id 
_struct_site_gen.pdbx_auth_ins_code 
_struct_site_gen.auth_comp_id 
_struct_site_gen.auth_asym_id 
_struct_site_gen.auth_seq_id 
_struct_site_gen.label_atom_id 
_struct_site_gen.label_alt_id 
_struct_site_gen.symmetry 
_struct_site_gen.details 
1  AC1 15 MET A 114 ? MET A 102 . ? 1_555 ? 
2  AC1 15 TRP A 115 ? TRP A 103 . ? 1_555 ? 
3  AC1 15 GLY A 118 ? GLY A 106 . ? 1_555 ? 
4  AC1 15 PHE A 122 ? PHE A 110 . ? 1_555 ? 
5  AC1 15 PHE A 126 ? PHE A 114 . ? 1_555 ? 
6  AC1 15 TRP A 150 ? TRP A 138 . ? 1_555 ? 
7  AC1 15 MET A 154 ? MET A 142 . ? 1_555 ? 
8  AC1 15 TYR A 160 ? TYR A 148 . ? 1_555 ? 
9  AC1 15 THR A 161 ? THR A 149 . ? 1_555 ? 
10 AC1 15 ASN A 188 ? ASN A 176 . ? 1_555 ? 
11 AC1 15 ASN A 191 ? ASN A 179 . ? 1_555 ? 
12 AC1 15 GLU A 192 ? GLU A 180 . ? 1_555 ? 
13 AC1 15 LEU A 195 ? LEU A 183 . ? 1_555 ? 
14 AC1 15 PHE A 196 ? PHE A 184 . ? 1_555 ? 
15 AC1 15 TRP A 219 ? TRP A 207 . ? 1_555 ? 
16 AC2 4  ASP A 96  ? ASP A 84  . ? 1_555 ? 
17 AC2 4  LYS A 156 ? LYS A 144 . ? 1_555 ? 
18 AC2 4  TRP A 157 ? TRP A 145 . ? 1_555 ? 
19 AC2 4  TYR A 160 ? TYR A 148 . ? 1_555 ? 
# 
_pdbx_validate_symm_contact.id                1 
_pdbx_validate_symm_contact.PDB_model_num     1 
_pdbx_validate_symm_contact.auth_atom_id_1    O 
_pdbx_validate_symm_contact.auth_asym_id_1    A 
_pdbx_validate_symm_contact.auth_comp_id_1    HOH 
_pdbx_validate_symm_contact.auth_seq_id_1     441 
_pdbx_validate_symm_contact.PDB_ins_code_1    ? 
_pdbx_validate_symm_contact.label_alt_id_1    ? 
_pdbx_validate_symm_contact.site_symmetry_1   1_555 
_pdbx_validate_symm_contact.auth_atom_id_2    O 
_pdbx_validate_symm_contact.auth_asym_id_2    A 
_pdbx_validate_symm_contact.auth_comp_id_2    HOH 
_pdbx_validate_symm_contact.auth_seq_id_2     459 
_pdbx_validate_symm_contact.PDB_ins_code_2    ? 
_pdbx_validate_symm_contact.label_alt_id_2    ? 
_pdbx_validate_symm_contact.site_symmetry_2   7_556 
_pdbx_validate_symm_contact.dist              2.19 
# 
loop_
_pdbx_validate_rmsd_angle.id 
_pdbx_validate_rmsd_angle.PDB_model_num 
_pdbx_validate_rmsd_angle.auth_atom_id_1 
_pdbx_validate_rmsd_angle.auth_asym_id_1 
_pdbx_validate_rmsd_angle.auth_comp_id_1 
_pdbx_validate_rmsd_angle.auth_seq_id_1 
_pdbx_validate_rmsd_angle.PDB_ins_code_1 
_pdbx_validate_rmsd_angle.label_alt_id_1 
_pdbx_validate_rmsd_angle.auth_atom_id_2 
_pdbx_validate_rmsd_angle.auth_asym_id_2 
_pdbx_validate_rmsd_angle.auth_comp_id_2 
_pdbx_validate_rmsd_angle.auth_seq_id_2 
_pdbx_validate_rmsd_angle.PDB_ins_code_2 
_pdbx_validate_rmsd_angle.label_alt_id_2 
_pdbx_validate_rmsd_angle.auth_atom_id_3 
_pdbx_validate_rmsd_angle.auth_asym_id_3 
_pdbx_validate_rmsd_angle.auth_comp_id_3 
_pdbx_validate_rmsd_angle.auth_seq_id_3 
_pdbx_validate_rmsd_angle.PDB_ins_code_3 
_pdbx_validate_rmsd_angle.label_alt_id_3 
_pdbx_validate_rmsd_angle.angle_value 
_pdbx_validate_rmsd_angle.angle_target_value 
_pdbx_validate_rmsd_angle.angle_deviation 
_pdbx_validate_rmsd_angle.angle_standard_deviation 
_pdbx_validate_rmsd_angle.linker_flag 
1 1 NE A ARG 104 ? ? CZ A ARG 104 ? ? NH1 A ARG 104 ? ? 125.21 120.30 4.91  0.50 N 
2 1 NE A ARG 104 ? ? CZ A ARG 104 ? ? NH2 A ARG 104 ? ? 115.60 120.30 -4.70 0.50 N 
# 
loop_
_pdbx_validate_torsion.id 
_pdbx_validate_torsion.PDB_model_num 
_pdbx_validate_torsion.auth_comp_id 
_pdbx_validate_torsion.auth_asym_id 
_pdbx_validate_torsion.auth_seq_id 
_pdbx_validate_torsion.PDB_ins_code 
_pdbx_validate_torsion.label_alt_id 
_pdbx_validate_torsion.phi 
_pdbx_validate_torsion.psi 
1 1 ASN A 93  ? ? -116.15 70.09   
2 1 THR A 165 ? ? -102.91 -107.64 
# 
loop_
_pdbx_struct_special_symmetry.id 
_pdbx_struct_special_symmetry.PDB_model_num 
_pdbx_struct_special_symmetry.auth_asym_id 
_pdbx_struct_special_symmetry.auth_comp_id 
_pdbx_struct_special_symmetry.auth_seq_id 
_pdbx_struct_special_symmetry.PDB_ins_code 
_pdbx_struct_special_symmetry.label_asym_id 
_pdbx_struct_special_symmetry.label_comp_id 
_pdbx_struct_special_symmetry.label_seq_id 
1 1 A HOH 414 ? D HOH . 
2 1 A HOH 465 ? D HOH . 
# 
loop_
_pdbx_unobs_or_zero_occ_residues.id 
_pdbx_unobs_or_zero_occ_residues.PDB_model_num 
_pdbx_unobs_or_zero_occ_residues.polymer_flag 
_pdbx_unobs_or_zero_occ_residues.occupancy_flag 
_pdbx_unobs_or_zero_occ_residues.auth_asym_id 
_pdbx_unobs_or_zero_occ_residues.auth_comp_id 
_pdbx_unobs_or_zero_occ_residues.auth_seq_id 
_pdbx_unobs_or_zero_occ_residues.PDB_ins_code 
_pdbx_unobs_or_zero_occ_residues.label_asym_id 
_pdbx_unobs_or_zero_occ_residues.label_comp_id 
_pdbx_unobs_or_zero_occ_residues.label_seq_id 
1  1 Y 1 A MET -11 ? A MET 1   
2  1 Y 1 A THR -10 ? A THR 2   
3  1 Y 1 A THR -9  ? A THR 3   
4  1 Y 1 A SER -8  ? A SER 4   
5  1 Y 1 A ALA -7  ? A ALA 5   
6  1 Y 1 A ALA -6  ? A ALA 6   
7  1 Y 1 A SER -5  ? A SER 7   
8  1 Y 1 A GLN -4  ? A GLN 8   
9  1 Y 1 A ALA -3  ? A ALA 9   
10 1 Y 1 A SER -2  ? A SER 10  
11 1 Y 1 A LEU -1  ? A LEU 11  
12 1 Y 1 A PRO 0   ? A PRO 12  
13 1 Y 1 A MET 1   ? A MET 13  
14 1 Y 1 A THR 2   ? A THR 14  
15 1 Y 1 A THR 3   ? A THR 15  
16 1 Y 1 A SER 4   ? A SER 16  
17 1 Y 1 A ALA 5   ? A ALA 17  
18 1 Y 1 A ALA 6   ? A ALA 18  
19 1 Y 1 A SER 7   ? A SER 19  
20 1 Y 1 A GLN 8   ? A GLN 20  
21 1 Y 1 A ALA 9   ? A ALA 21  
22 1 Y 1 A SER 10  ? A SER 22  
23 1 Y 1 A LEU 11  ? A LEU 23  
24 1 Y 1 A PRO 12  ? A PRO 24  
25 1 Y 1 A ARG 13  ? A ARG 25  
26 1 Y 1 A GLY 14  ? A GLY 26  
27 1 Y 1 A ARG 15  ? A ARG 27  
28 1 Y 1 A ARG 16  ? A ARG 28  
29 1 Y 1 A THR 17  ? A THR 29  
30 1 Y 1 A ALA 18  ? A ALA 30  
31 1 Y 1 A ARG 19  ? A ARG 31  
32 1 Y 1 A PRO 20  ? A PRO 32  
33 1 Y 1 A SER 21  ? A SER 33  
34 1 Y 1 A GLY 22  ? A GLY 34  
35 1 Y 1 A ASP 23  ? A ASP 35  
36 1 Y 1 A ASP 24  ? A ASP 36  
37 1 Y 1 A ASN 215 ? A ASN 227 
38 1 Y 1 A ARG 216 ? A ARG 228 
# 
loop_
_chem_comp_atom.comp_id 
_chem_comp_atom.atom_id 
_chem_comp_atom.type_symbol 
_chem_comp_atom.pdbx_aromatic_flag 
_chem_comp_atom.pdbx_stereo_config 
_chem_comp_atom.pdbx_ordinal 
ALA N    N N N 1   
ALA CA   C N S 2   
ALA C    C N N 3   
ALA O    O N N 4   
ALA CB   C N N 5   
ALA OXT  O N N 6   
ALA H    H N N 7   
ALA H2   H N N 8   
ALA HA   H N N 9   
ALA HB1  H N N 10  
ALA HB2  H N N 11  
ALA HB3  H N N 12  
ALA HXT  H N N 13  
ARG N    N N N 14  
ARG CA   C N S 15  
ARG C    C N N 16  
ARG O    O N N 17  
ARG CB   C N N 18  
ARG CG   C N N 19  
ARG CD   C N N 20  
ARG NE   N N N 21  
ARG CZ   C N N 22  
ARG NH1  N N N 23  
ARG NH2  N N N 24  
ARG OXT  O N N 25  
ARG H    H N N 26  
ARG H2   H N N 27  
ARG HA   H N N 28  
ARG HB2  H N N 29  
ARG HB3  H N N 30  
ARG HG2  H N N 31  
ARG HG3  H N N 32  
ARG HD2  H N N 33  
ARG HD3  H N N 34  
ARG HE   H N N 35  
ARG HH11 H N N 36  
ARG HH12 H N N 37  
ARG HH21 H N N 38  
ARG HH22 H N N 39  
ARG HXT  H N N 40  
ASN N    N N N 41  
ASN CA   C N S 42  
ASN C    C N N 43  
ASN O    O N N 44  
ASN CB   C N N 45  
ASN CG   C N N 46  
ASN OD1  O N N 47  
ASN ND2  N N N 48  
ASN OXT  O N N 49  
ASN H    H N N 50  
ASN H2   H N N 51  
ASN HA   H N N 52  
ASN HB2  H N N 53  
ASN HB3  H N N 54  
ASN HD21 H N N 55  
ASN HD22 H N N 56  
ASN HXT  H N N 57  
ASP N    N N N 58  
ASP CA   C N S 59  
ASP C    C N N 60  
ASP O    O N N 61  
ASP CB   C N N 62  
ASP CG   C N N 63  
ASP OD1  O N N 64  
ASP OD2  O N N 65  
ASP OXT  O N N 66  
ASP H    H N N 67  
ASP H2   H N N 68  
ASP HA   H N N 69  
ASP HB2  H N N 70  
ASP HB3  H N N 71  
ASP HD2  H N N 72  
ASP HXT  H N N 73  
GFQ C4   C N N 74  
GFQ C14  C Y N 75  
GFQ C5   C N N 76  
GFQ C6   C N N 77  
GFQ C11  C Y N 78  
GFQ C7   C Y N 79  
GFQ C8   C Y N 80  
GFQ C9   C Y N 81  
GFQ C10  C Y N 82  
GFQ C12  C Y N 83  
GFQ C13  C Y N 84  
GFQ N1   N Y N 85  
GFQ N2   N N N 86  
GFQ C3   C N N 87  
GFQ C1   C N N 88  
GFQ C2   C N N 89  
GFQ S1   S Y N 90  
GFQ C15  C Y N 91  
GFQ C16  C N N 92  
GFQ O1   O N N 93  
GFQ C17  C N N 94  
GFQ C18  C N N 95  
GFQ C19  C N N 96  
GFQ F1   F N N 97  
GFQ F2   F N N 98  
GFQ F3   F N N 99  
GFQ H1   H N N 100 
GFQ H2   H N N 101 
GFQ H3   H N N 102 
GFQ H4   H N N 103 
GFQ H5   H N N 104 
GFQ H6   H N N 105 
GFQ H7   H N N 106 
GFQ H8   H N N 107 
GFQ H9   H N N 108 
GFQ H10  H N N 109 
GFQ H11  H N N 110 
GFQ H12  H N N 111 
GFQ H13  H N N 112 
GFQ H14  H N N 113 
GFQ H15  H N N 114 
GFQ H16  H N N 115 
GFQ H17  H N N 116 
GFQ H18  H N N 117 
GFQ H19  H N N 118 
GFQ H20  H N N 119 
GFQ H21  H N N 120 
GFQ H22  H N N 121 
GFQ H23  H N N 122 
GLN N    N N N 123 
GLN CA   C N S 124 
GLN C    C N N 125 
GLN O    O N N 126 
GLN CB   C N N 127 
GLN CG   C N N 128 
GLN CD   C N N 129 
GLN OE1  O N N 130 
GLN NE2  N N N 131 
GLN OXT  O N N 132 
GLN H    H N N 133 
GLN H2   H N N 134 
GLN HA   H N N 135 
GLN HB2  H N N 136 
GLN HB3  H N N 137 
GLN HG2  H N N 138 
GLN HG3  H N N 139 
GLN HE21 H N N 140 
GLN HE22 H N N 141 
GLN HXT  H N N 142 
GLU N    N N N 143 
GLU CA   C N S 144 
GLU C    C N N 145 
GLU O    O N N 146 
GLU CB   C N N 147 
GLU CG   C N N 148 
GLU CD   C N N 149 
GLU OE1  O N N 150 
GLU OE2  O N N 151 
GLU OXT  O N N 152 
GLU H    H N N 153 
GLU H2   H N N 154 
GLU HA   H N N 155 
GLU HB2  H N N 156 
GLU HB3  H N N 157 
GLU HG2  H N N 158 
GLU HG3  H N N 159 
GLU HE2  H N N 160 
GLU HXT  H N N 161 
GLY N    N N N 162 
GLY CA   C N N 163 
GLY C    C N N 164 
GLY O    O N N 165 
GLY OXT  O N N 166 
GLY H    H N N 167 
GLY H2   H N N 168 
GLY HA2  H N N 169 
GLY HA3  H N N 170 
GLY HXT  H N N 171 
GOL C1   C N N 172 
GOL O1   O N N 173 
GOL C2   C N N 174 
GOL O2   O N N 175 
GOL C3   C N N 176 
GOL O3   O N N 177 
GOL H11  H N N 178 
GOL H12  H N N 179 
GOL HO1  H N N 180 
GOL H2   H N N 181 
GOL HO2  H N N 182 
GOL H31  H N N 183 
GOL H32  H N N 184 
GOL HO3  H N N 185 
HIS N    N N N 186 
HIS CA   C N S 187 
HIS C    C N N 188 
HIS O    O N N 189 
HIS CB   C N N 190 
HIS CG   C Y N 191 
HIS ND1  N Y N 192 
HIS CD2  C Y N 193 
HIS CE1  C Y N 194 
HIS NE2  N Y N 195 
HIS OXT  O N N 196 
HIS H    H N N 197 
HIS H2   H N N 198 
HIS HA   H N N 199 
HIS HB2  H N N 200 
HIS HB3  H N N 201 
HIS HD1  H N N 202 
HIS HD2  H N N 203 
HIS HE1  H N N 204 
HIS HE2  H N N 205 
HIS HXT  H N N 206 
HOH O    O N N 207 
HOH H1   H N N 208 
HOH H2   H N N 209 
ILE N    N N N 210 
ILE CA   C N S 211 
ILE C    C N N 212 
ILE O    O N N 213 
ILE CB   C N S 214 
ILE CG1  C N N 215 
ILE CG2  C N N 216 
ILE CD1  C N N 217 
ILE OXT  O N N 218 
ILE H    H N N 219 
ILE H2   H N N 220 
ILE HA   H N N 221 
ILE HB   H N N 222 
ILE HG12 H N N 223 
ILE HG13 H N N 224 
ILE HG21 H N N 225 
ILE HG22 H N N 226 
ILE HG23 H N N 227 
ILE HD11 H N N 228 
ILE HD12 H N N 229 
ILE HD13 H N N 230 
ILE HXT  H N N 231 
LEU N    N N N 232 
LEU CA   C N S 233 
LEU C    C N N 234 
LEU O    O N N 235 
LEU CB   C N N 236 
LEU CG   C N N 237 
LEU CD1  C N N 238 
LEU CD2  C N N 239 
LEU OXT  O N N 240 
LEU H    H N N 241 
LEU H2   H N N 242 
LEU HA   H N N 243 
LEU HB2  H N N 244 
LEU HB3  H N N 245 
LEU HG   H N N 246 
LEU HD11 H N N 247 
LEU HD12 H N N 248 
LEU HD13 H N N 249 
LEU HD21 H N N 250 
LEU HD22 H N N 251 
LEU HD23 H N N 252 
LEU HXT  H N N 253 
LYS N    N N N 254 
LYS CA   C N S 255 
LYS C    C N N 256 
LYS O    O N N 257 
LYS CB   C N N 258 
LYS CG   C N N 259 
LYS CD   C N N 260 
LYS CE   C N N 261 
LYS NZ   N N N 262 
LYS OXT  O N N 263 
LYS H    H N N 264 
LYS H2   H N N 265 
LYS HA   H N N 266 
LYS HB2  H N N 267 
LYS HB3  H N N 268 
LYS HG2  H N N 269 
LYS HG3  H N N 270 
LYS HD2  H N N 271 
LYS HD3  H N N 272 
LYS HE2  H N N 273 
LYS HE3  H N N 274 
LYS HZ1  H N N 275 
LYS HZ2  H N N 276 
LYS HZ3  H N N 277 
LYS HXT  H N N 278 
MET N    N N N 279 
MET CA   C N S 280 
MET C    C N N 281 
MET O    O N N 282 
MET CB   C N N 283 
MET CG   C N N 284 
MET SD   S N N 285 
MET CE   C N N 286 
MET OXT  O N N 287 
MET H    H N N 288 
MET H2   H N N 289 
MET HA   H N N 290 
MET HB2  H N N 291 
MET HB3  H N N 292 
MET HG2  H N N 293 
MET HG3  H N N 294 
MET HE1  H N N 295 
MET HE2  H N N 296 
MET HE3  H N N 297 
MET HXT  H N N 298 
PHE N    N N N 299 
PHE CA   C N S 300 
PHE C    C N N 301 
PHE O    O N N 302 
PHE CB   C N N 303 
PHE CG   C Y N 304 
PHE CD1  C Y N 305 
PHE CD2  C Y N 306 
PHE CE1  C Y N 307 
PHE CE2  C Y N 308 
PHE CZ   C Y N 309 
PHE OXT  O N N 310 
PHE H    H N N 311 
PHE H2   H N N 312 
PHE HA   H N N 313 
PHE HB2  H N N 314 
PHE HB3  H N N 315 
PHE HD1  H N N 316 
PHE HD2  H N N 317 
PHE HE1  H N N 318 
PHE HE2  H N N 319 
PHE HZ   H N N 320 
PHE HXT  H N N 321 
PRO N    N N N 322 
PRO CA   C N S 323 
PRO C    C N N 324 
PRO O    O N N 325 
PRO CB   C N N 326 
PRO CG   C N N 327 
PRO CD   C N N 328 
PRO OXT  O N N 329 
PRO H    H N N 330 
PRO HA   H N N 331 
PRO HB2  H N N 332 
PRO HB3  H N N 333 
PRO HG2  H N N 334 
PRO HG3  H N N 335 
PRO HD2  H N N 336 
PRO HD3  H N N 337 
PRO HXT  H N N 338 
SER N    N N N 339 
SER CA   C N S 340 
SER C    C N N 341 
SER O    O N N 342 
SER CB   C N N 343 
SER OG   O N N 344 
SER OXT  O N N 345 
SER H    H N N 346 
SER H2   H N N 347 
SER HA   H N N 348 
SER HB2  H N N 349 
SER HB3  H N N 350 
SER HG   H N N 351 
SER HXT  H N N 352 
THR N    N N N 353 
THR CA   C N S 354 
THR C    C N N 355 
THR O    O N N 356 
THR CB   C N R 357 
THR OG1  O N N 358 
THR CG2  C N N 359 
THR OXT  O N N 360 
THR H    H N N 361 
THR H2   H N N 362 
THR HA   H N N 363 
THR HB   H N N 364 
THR HG1  H N N 365 
THR HG21 H N N 366 
THR HG22 H N N 367 
THR HG23 H N N 368 
THR HXT  H N N 369 
TRP N    N N N 370 
TRP CA   C N S 371 
TRP C    C N N 372 
TRP O    O N N 373 
TRP CB   C N N 374 
TRP CG   C Y N 375 
TRP CD1  C Y N 376 
TRP CD2  C Y N 377 
TRP NE1  N Y N 378 
TRP CE2  C Y N 379 
TRP CE3  C Y N 380 
TRP CZ2  C Y N 381 
TRP CZ3  C Y N 382 
TRP CH2  C Y N 383 
TRP OXT  O N N 384 
TRP H    H N N 385 
TRP H2   H N N 386 
TRP HA   H N N 387 
TRP HB2  H N N 388 
TRP HB3  H N N 389 
TRP HD1  H N N 390 
TRP HE1  H N N 391 
TRP HE3  H N N 392 
TRP HZ2  H N N 393 
TRP HZ3  H N N 394 
TRP HH2  H N N 395 
TRP HXT  H N N 396 
TYR N    N N N 397 
TYR CA   C N S 398 
TYR C    C N N 399 
TYR O    O N N 400 
TYR CB   C N N 401 
TYR CG   C Y N 402 
TYR CD1  C Y N 403 
TYR CD2  C Y N 404 
TYR CE1  C Y N 405 
TYR CE2  C Y N 406 
TYR CZ   C Y N 407 
TYR OH   O N N 408 
TYR OXT  O N N 409 
TYR H    H N N 410 
TYR H2   H N N 411 
TYR HA   H N N 412 
TYR HB2  H N N 413 
TYR HB3  H N N 414 
TYR HD1  H N N 415 
TYR HD2  H N N 416 
TYR HE1  H N N 417 
TYR HE2  H N N 418 
TYR HH   H N N 419 
TYR HXT  H N N 420 
VAL N    N N N 421 
VAL CA   C N S 422 
VAL C    C N N 423 
VAL O    O N N 424 
VAL CB   C N N 425 
VAL CG1  C N N 426 
VAL CG2  C N N 427 
VAL OXT  O N N 428 
VAL H    H N N 429 
VAL H2   H N N 430 
VAL HA   H N N 431 
VAL HB   H N N 432 
VAL HG11 H N N 433 
VAL HG12 H N N 434 
VAL HG13 H N N 435 
VAL HG21 H N N 436 
VAL HG22 H N N 437 
VAL HG23 H N N 438 
VAL HXT  H N N 439 
# 
loop_
_chem_comp_bond.comp_id 
_chem_comp_bond.atom_id_1 
_chem_comp_bond.atom_id_2 
_chem_comp_bond.value_order 
_chem_comp_bond.pdbx_aromatic_flag 
_chem_comp_bond.pdbx_stereo_config 
_chem_comp_bond.pdbx_ordinal 
ALA N   CA   sing N N 1   
ALA N   H    sing N N 2   
ALA N   H2   sing N N 3   
ALA CA  C    sing N N 4   
ALA CA  CB   sing N N 5   
ALA CA  HA   sing N N 6   
ALA C   O    doub N N 7   
ALA C   OXT  sing N N 8   
ALA CB  HB1  sing N N 9   
ALA CB  HB2  sing N N 10  
ALA CB  HB3  sing N N 11  
ALA OXT HXT  sing N N 12  
ARG N   CA   sing N N 13  
ARG N   H    sing N N 14  
ARG N   H2   sing N N 15  
ARG CA  C    sing N N 16  
ARG CA  CB   sing N N 17  
ARG CA  HA   sing N N 18  
ARG C   O    doub N N 19  
ARG C   OXT  sing N N 20  
ARG CB  CG   sing N N 21  
ARG CB  HB2  sing N N 22  
ARG CB  HB3  sing N N 23  
ARG CG  CD   sing N N 24  
ARG CG  HG2  sing N N 25  
ARG CG  HG3  sing N N 26  
ARG CD  NE   sing N N 27  
ARG CD  HD2  sing N N 28  
ARG CD  HD3  sing N N 29  
ARG NE  CZ   sing N N 30  
ARG NE  HE   sing N N 31  
ARG CZ  NH1  sing N N 32  
ARG CZ  NH2  doub N N 33  
ARG NH1 HH11 sing N N 34  
ARG NH1 HH12 sing N N 35  
ARG NH2 HH21 sing N N 36  
ARG NH2 HH22 sing N N 37  
ARG OXT HXT  sing N N 38  
ASN N   CA   sing N N 39  
ASN N   H    sing N N 40  
ASN N   H2   sing N N 41  
ASN CA  C    sing N N 42  
ASN CA  CB   sing N N 43  
ASN CA  HA   sing N N 44  
ASN C   O    doub N N 45  
ASN C   OXT  sing N N 46  
ASN CB  CG   sing N N 47  
ASN CB  HB2  sing N N 48  
ASN CB  HB3  sing N N 49  
ASN CG  OD1  doub N N 50  
ASN CG  ND2  sing N N 51  
ASN ND2 HD21 sing N N 52  
ASN ND2 HD22 sing N N 53  
ASN OXT HXT  sing N N 54  
ASP N   CA   sing N N 55  
ASP N   H    sing N N 56  
ASP N   H2   sing N N 57  
ASP CA  C    sing N N 58  
ASP CA  CB   sing N N 59  
ASP CA  HA   sing N N 60  
ASP C   O    doub N N 61  
ASP C   OXT  sing N N 62  
ASP CB  CG   sing N N 63  
ASP CB  HB2  sing N N 64  
ASP CB  HB3  sing N N 65  
ASP CG  OD1  doub N N 66  
ASP CG  OD2  sing N N 67  
ASP OD2 HD2  sing N N 68  
ASP OXT HXT  sing N N 69  
GFQ F2  C19  sing N N 70  
GFQ F1  C19  sing N N 71  
GFQ O1  C16  doub N N 72  
GFQ C19 F3   sing N N 73  
GFQ C19 C18  sing N N 74  
GFQ C12 C11  doub Y N 75  
GFQ C12 C13  sing Y N 76  
GFQ C18 C17  sing N N 77  
GFQ C16 C13  sing N N 78  
GFQ C16 N2   sing N N 79  
GFQ C17 N2   sing N N 80  
GFQ C11 C10  sing Y N 81  
GFQ C13 C14  doub Y N 82  
GFQ C3  C2   sing N N 83  
GFQ C6  C7   sing N N 84  
GFQ C6  C5   sing N N 85  
GFQ N1  C7   doub Y N 86  
GFQ N1  C8   sing Y N 87  
GFQ C4  C2   sing N N 88  
GFQ C4  C5   sing N N 89  
GFQ C10 C8   sing N N 90  
GFQ C10 C15  doub Y N 91  
GFQ C14 C15  sing Y N 92  
GFQ C2  C1   sing N N 93  
GFQ C7  S1   sing Y N 94  
GFQ C8  C9   doub Y N 95  
GFQ C9  S1   sing Y N 96  
GFQ C4  H1   sing N N 97  
GFQ C4  H2   sing N N 98  
GFQ C14 H3   sing N N 99  
GFQ C5  H4   sing N N 100 
GFQ C5  H5   sing N N 101 
GFQ C6  H6   sing N N 102 
GFQ C6  H7   sing N N 103 
GFQ C11 H8   sing N N 104 
GFQ C9  H9   sing N N 105 
GFQ C12 H10  sing N N 106 
GFQ N2  H11  sing N N 107 
GFQ C3  H12  sing N N 108 
GFQ C3  H13  sing N N 109 
GFQ C3  H14  sing N N 110 
GFQ C1  H15  sing N N 111 
GFQ C1  H16  sing N N 112 
GFQ C1  H17  sing N N 113 
GFQ C2  H18  sing N N 114 
GFQ C15 H19  sing N N 115 
GFQ C17 H20  sing N N 116 
GFQ C17 H21  sing N N 117 
GFQ C18 H22  sing N N 118 
GFQ C18 H23  sing N N 119 
GLN N   CA   sing N N 120 
GLN N   H    sing N N 121 
GLN N   H2   sing N N 122 
GLN CA  C    sing N N 123 
GLN CA  CB   sing N N 124 
GLN CA  HA   sing N N 125 
GLN C   O    doub N N 126 
GLN C   OXT  sing N N 127 
GLN CB  CG   sing N N 128 
GLN CB  HB2  sing N N 129 
GLN CB  HB3  sing N N 130 
GLN CG  CD   sing N N 131 
GLN CG  HG2  sing N N 132 
GLN CG  HG3  sing N N 133 
GLN CD  OE1  doub N N 134 
GLN CD  NE2  sing N N 135 
GLN NE2 HE21 sing N N 136 
GLN NE2 HE22 sing N N 137 
GLN OXT HXT  sing N N 138 
GLU N   CA   sing N N 139 
GLU N   H    sing N N 140 
GLU N   H2   sing N N 141 
GLU CA  C    sing N N 142 
GLU CA  CB   sing N N 143 
GLU CA  HA   sing N N 144 
GLU C   O    doub N N 145 
GLU C   OXT  sing N N 146 
GLU CB  CG   sing N N 147 
GLU CB  HB2  sing N N 148 
GLU CB  HB3  sing N N 149 
GLU CG  CD   sing N N 150 
GLU CG  HG2  sing N N 151 
GLU CG  HG3  sing N N 152 
GLU CD  OE1  doub N N 153 
GLU CD  OE2  sing N N 154 
GLU OE2 HE2  sing N N 155 
GLU OXT HXT  sing N N 156 
GLY N   CA   sing N N 157 
GLY N   H    sing N N 158 
GLY N   H2   sing N N 159 
GLY CA  C    sing N N 160 
GLY CA  HA2  sing N N 161 
GLY CA  HA3  sing N N 162 
GLY C   O    doub N N 163 
GLY C   OXT  sing N N 164 
GLY OXT HXT  sing N N 165 
GOL C1  O1   sing N N 166 
GOL C1  C2   sing N N 167 
GOL C1  H11  sing N N 168 
GOL C1  H12  sing N N 169 
GOL O1  HO1  sing N N 170 
GOL C2  O2   sing N N 171 
GOL C2  C3   sing N N 172 
GOL C2  H2   sing N N 173 
GOL O2  HO2  sing N N 174 
GOL C3  O3   sing N N 175 
GOL C3  H31  sing N N 176 
GOL C3  H32  sing N N 177 
GOL O3  HO3  sing N N 178 
HIS N   CA   sing N N 179 
HIS N   H    sing N N 180 
HIS N   H2   sing N N 181 
HIS CA  C    sing N N 182 
HIS CA  CB   sing N N 183 
HIS CA  HA   sing N N 184 
HIS C   O    doub N N 185 
HIS C   OXT  sing N N 186 
HIS CB  CG   sing N N 187 
HIS CB  HB2  sing N N 188 
HIS CB  HB3  sing N N 189 
HIS CG  ND1  sing Y N 190 
HIS CG  CD2  doub Y N 191 
HIS ND1 CE1  doub Y N 192 
HIS ND1 HD1  sing N N 193 
HIS CD2 NE2  sing Y N 194 
HIS CD2 HD2  sing N N 195 
HIS CE1 NE2  sing Y N 196 
HIS CE1 HE1  sing N N 197 
HIS NE2 HE2  sing N N 198 
HIS OXT HXT  sing N N 199 
HOH O   H1   sing N N 200 
HOH O   H2   sing N N 201 
ILE N   CA   sing N N 202 
ILE N   H    sing N N 203 
ILE N   H2   sing N N 204 
ILE CA  C    sing N N 205 
ILE CA  CB   sing N N 206 
ILE CA  HA   sing N N 207 
ILE C   O    doub N N 208 
ILE C   OXT  sing N N 209 
ILE CB  CG1  sing N N 210 
ILE CB  CG2  sing N N 211 
ILE CB  HB   sing N N 212 
ILE CG1 CD1  sing N N 213 
ILE CG1 HG12 sing N N 214 
ILE CG1 HG13 sing N N 215 
ILE CG2 HG21 sing N N 216 
ILE CG2 HG22 sing N N 217 
ILE CG2 HG23 sing N N 218 
ILE CD1 HD11 sing N N 219 
ILE CD1 HD12 sing N N 220 
ILE CD1 HD13 sing N N 221 
ILE OXT HXT  sing N N 222 
LEU N   CA   sing N N 223 
LEU N   H    sing N N 224 
LEU N   H2   sing N N 225 
LEU CA  C    sing N N 226 
LEU CA  CB   sing N N 227 
LEU CA  HA   sing N N 228 
LEU C   O    doub N N 229 
LEU C   OXT  sing N N 230 
LEU CB  CG   sing N N 231 
LEU CB  HB2  sing N N 232 
LEU CB  HB3  sing N N 233 
LEU CG  CD1  sing N N 234 
LEU CG  CD2  sing N N 235 
LEU CG  HG   sing N N 236 
LEU CD1 HD11 sing N N 237 
LEU CD1 HD12 sing N N 238 
LEU CD1 HD13 sing N N 239 
LEU CD2 HD21 sing N N 240 
LEU CD2 HD22 sing N N 241 
LEU CD2 HD23 sing N N 242 
LEU OXT HXT  sing N N 243 
LYS N   CA   sing N N 244 
LYS N   H    sing N N 245 
LYS N   H2   sing N N 246 
LYS CA  C    sing N N 247 
LYS CA  CB   sing N N 248 
LYS CA  HA   sing N N 249 
LYS C   O    doub N N 250 
LYS C   OXT  sing N N 251 
LYS CB  CG   sing N N 252 
LYS CB  HB2  sing N N 253 
LYS CB  HB3  sing N N 254 
LYS CG  CD   sing N N 255 
LYS CG  HG2  sing N N 256 
LYS CG  HG3  sing N N 257 
LYS CD  CE   sing N N 258 
LYS CD  HD2  sing N N 259 
LYS CD  HD3  sing N N 260 
LYS CE  NZ   sing N N 261 
LYS CE  HE2  sing N N 262 
LYS CE  HE3  sing N N 263 
LYS NZ  HZ1  sing N N 264 
LYS NZ  HZ2  sing N N 265 
LYS NZ  HZ3  sing N N 266 
LYS OXT HXT  sing N N 267 
MET N   CA   sing N N 268 
MET N   H    sing N N 269 
MET N   H2   sing N N 270 
MET CA  C    sing N N 271 
MET CA  CB   sing N N 272 
MET CA  HA   sing N N 273 
MET C   O    doub N N 274 
MET C   OXT  sing N N 275 
MET CB  CG   sing N N 276 
MET CB  HB2  sing N N 277 
MET CB  HB3  sing N N 278 
MET CG  SD   sing N N 279 
MET CG  HG2  sing N N 280 
MET CG  HG3  sing N N 281 
MET SD  CE   sing N N 282 
MET CE  HE1  sing N N 283 
MET CE  HE2  sing N N 284 
MET CE  HE3  sing N N 285 
MET OXT HXT  sing N N 286 
PHE N   CA   sing N N 287 
PHE N   H    sing N N 288 
PHE N   H2   sing N N 289 
PHE CA  C    sing N N 290 
PHE CA  CB   sing N N 291 
PHE CA  HA   sing N N 292 
PHE C   O    doub N N 293 
PHE C   OXT  sing N N 294 
PHE CB  CG   sing N N 295 
PHE CB  HB2  sing N N 296 
PHE CB  HB3  sing N N 297 
PHE CG  CD1  doub Y N 298 
PHE CG  CD2  sing Y N 299 
PHE CD1 CE1  sing Y N 300 
PHE CD1 HD1  sing N N 301 
PHE CD2 CE2  doub Y N 302 
PHE CD2 HD2  sing N N 303 
PHE CE1 CZ   doub Y N 304 
PHE CE1 HE1  sing N N 305 
PHE CE2 CZ   sing Y N 306 
PHE CE2 HE2  sing N N 307 
PHE CZ  HZ   sing N N 308 
PHE OXT HXT  sing N N 309 
PRO N   CA   sing N N 310 
PRO N   CD   sing N N 311 
PRO N   H    sing N N 312 
PRO CA  C    sing N N 313 
PRO CA  CB   sing N N 314 
PRO CA  HA   sing N N 315 
PRO C   O    doub N N 316 
PRO C   OXT  sing N N 317 
PRO CB  CG   sing N N 318 
PRO CB  HB2  sing N N 319 
PRO CB  HB3  sing N N 320 
PRO CG  CD   sing N N 321 
PRO CG  HG2  sing N N 322 
PRO CG  HG3  sing N N 323 
PRO CD  HD2  sing N N 324 
PRO CD  HD3  sing N N 325 
PRO OXT HXT  sing N N 326 
SER N   CA   sing N N 327 
SER N   H    sing N N 328 
SER N   H2   sing N N 329 
SER CA  C    sing N N 330 
SER CA  CB   sing N N 331 
SER CA  HA   sing N N 332 
SER C   O    doub N N 333 
SER C   OXT  sing N N 334 
SER CB  OG   sing N N 335 
SER CB  HB2  sing N N 336 
SER CB  HB3  sing N N 337 
SER OG  HG   sing N N 338 
SER OXT HXT  sing N N 339 
THR N   CA   sing N N 340 
THR N   H    sing N N 341 
THR N   H2   sing N N 342 
THR CA  C    sing N N 343 
THR CA  CB   sing N N 344 
THR CA  HA   sing N N 345 
THR C   O    doub N N 346 
THR C   OXT  sing N N 347 
THR CB  OG1  sing N N 348 
THR CB  CG2  sing N N 349 
THR CB  HB   sing N N 350 
THR OG1 HG1  sing N N 351 
THR CG2 HG21 sing N N 352 
THR CG2 HG22 sing N N 353 
THR CG2 HG23 sing N N 354 
THR OXT HXT  sing N N 355 
TRP N   CA   sing N N 356 
TRP N   H    sing N N 357 
TRP N   H2   sing N N 358 
TRP CA  C    sing N N 359 
TRP CA  CB   sing N N 360 
TRP CA  HA   sing N N 361 
TRP C   O    doub N N 362 
TRP C   OXT  sing N N 363 
TRP CB  CG   sing N N 364 
TRP CB  HB2  sing N N 365 
TRP CB  HB3  sing N N 366 
TRP CG  CD1  doub Y N 367 
TRP CG  CD2  sing Y N 368 
TRP CD1 NE1  sing Y N 369 
TRP CD1 HD1  sing N N 370 
TRP CD2 CE2  doub Y N 371 
TRP CD2 CE3  sing Y N 372 
TRP NE1 CE2  sing Y N 373 
TRP NE1 HE1  sing N N 374 
TRP CE2 CZ2  sing Y N 375 
TRP CE3 CZ3  doub Y N 376 
TRP CE3 HE3  sing N N 377 
TRP CZ2 CH2  doub Y N 378 
TRP CZ2 HZ2  sing N N 379 
TRP CZ3 CH2  sing Y N 380 
TRP CZ3 HZ3  sing N N 381 
TRP CH2 HH2  sing N N 382 
TRP OXT HXT  sing N N 383 
TYR N   CA   sing N N 384 
TYR N   H    sing N N 385 
TYR N   H2   sing N N 386 
TYR CA  C    sing N N 387 
TYR CA  CB   sing N N 388 
TYR CA  HA   sing N N 389 
TYR C   O    doub N N 390 
TYR C   OXT  sing N N 391 
TYR CB  CG   sing N N 392 
TYR CB  HB2  sing N N 393 
TYR CB  HB3  sing N N 394 
TYR CG  CD1  doub Y N 395 
TYR CG  CD2  sing Y N 396 
TYR CD1 CE1  sing Y N 397 
TYR CD1 HD1  sing N N 398 
TYR CD2 CE2  doub Y N 399 
TYR CD2 HD2  sing N N 400 
TYR CE1 CZ   doub Y N 401 
TYR CE1 HE1  sing N N 402 
TYR CE2 CZ   sing Y N 403 
TYR CE2 HE2  sing N N 404 
TYR CZ  OH   sing N N 405 
TYR OH  HH   sing N N 406 
TYR OXT HXT  sing N N 407 
VAL N   CA   sing N N 408 
VAL N   H    sing N N 409 
VAL N   H2   sing N N 410 
VAL CA  C    sing N N 411 
VAL CA  CB   sing N N 412 
VAL CA  HA   sing N N 413 
VAL C   O    doub N N 414 
VAL C   OXT  sing N N 415 
VAL CB  CG1  sing N N 416 
VAL CB  CG2  sing N N 417 
VAL CB  HB   sing N N 418 
VAL CG1 HG11 sing N N 419 
VAL CG1 HG12 sing N N 420 
VAL CG1 HG13 sing N N 421 
VAL CG2 HG21 sing N N 422 
VAL CG2 HG22 sing N N 423 
VAL CG2 HG23 sing N N 424 
VAL OXT HXT  sing N N 425 
# 
_atom_sites.entry_id                    6HO4 
_atom_sites.fract_transf_matrix[1][1]   -0.00196437 
_atom_sites.fract_transf_matrix[1][2]   0.00132198 
_atom_sites.fract_transf_matrix[1][3]   -0.00785175 
_atom_sites.fract_transf_matrix[2][1]   -0.00590389 
_atom_sites.fract_transf_matrix[2][2]   -0.00566809 
_atom_sites.fract_transf_matrix[2][3]   0.00052273 
_atom_sites.fract_transf_matrix[3][1]   -0.01936662 
_atom_sites.fract_transf_matrix[3][2]   0.02094433 
_atom_sites.fract_transf_matrix[3][3]   0.00837152 
_atom_sites.fract_transf_vector[1]      -0.142348 
_atom_sites.fract_transf_vector[2]      -0.287213 
_atom_sites.fract_transf_vector[3]      0.008517 
# 
loop_
_atom_type.symbol 
C 
F 
N 
O 
S 
# 
loop_
_atom_site.group_PDB 
_atom_site.id 
_atom_site.type_symbol 
_atom_site.label_atom_id 
_atom_site.label_alt_id 
_atom_site.label_comp_id 
_atom_site.label_asym_id 
_atom_site.label_entity_id 
_atom_site.label_seq_id 
_atom_site.pdbx_PDB_ins_code 
_atom_site.Cartn_x 
_atom_site.Cartn_y 
_atom_site.Cartn_z 
_atom_site.occupancy 
_atom_site.B_iso_or_equiv 
_atom_site.pdbx_formal_charge 
_atom_site.auth_seq_id 
_atom_site.auth_comp_id 
_atom_site.auth_asym_id 
_atom_site.auth_atom_id 
_atom_site.pdbx_PDB_model_num 
ATOM   1    N N   . ARG A 1 37  ? 19.836  16.511  -1.906  1.00 39.68 ? 25  ARG A N   1 
ATOM   2    C CA  . ARG A 1 37  ? 20.314  15.876  -0.660  1.00 38.75 ? 25  ARG A CA  1 
ATOM   3    C C   . ARG A 1 37  ? 19.128  15.248  0.092   1.00 32.51 ? 25  ARG A C   1 
ATOM   4    O O   . ARG A 1 37  ? 19.362  14.223  0.755   1.00 31.35 ? 25  ARG A O   1 
ATOM   5    C CB  . ARG A 1 37  ? 21.090  16.859  0.216   1.00 44.79 ? 25  ARG A CB  1 
ATOM   6    C CG  . ARG A 1 37  ? 22.460  17.179  -0.366  1.00 47.31 ? 25  ARG A CG  1 
ATOM   7    C CD  . ARG A 1 37  ? 23.416  17.842  0.596   1.00 55.82 ? 25  ARG A CD  1 
ATOM   8    N NE  . ARG A 1 37  ? 22.989  19.176  1.001   1.00 57.69 ? 25  ARG A NE  1 
ATOM   9    C CZ  . ARG A 1 37  ? 23.751  20.059  1.640   1.00 58.99 ? 25  ARG A CZ  1 
ATOM   10   N NH1 . ARG A 1 37  ? 24.997  19.761  1.973   1.00 62.50 ? 25  ARG A NH1 1 
ATOM   11   N NH2 . ARG A 1 37  ? 23.250  21.236  1.966   1.00 59.63 ? 25  ARG A NH2 1 
ATOM   12   N N   . GLU A 1 38  ? 17.933  15.836  0.014   1.00 33.59 ? 26  GLU A N   1 
ATOM   13   C CA  . GLU A 1 38  ? 16.709  15.197  0.580   1.00 34.53 ? 26  GLU A CA  1 
ATOM   14   C C   . GLU A 1 38  ? 16.532  13.839  -0.120  1.00 33.28 ? 26  GLU A C   1 
ATOM   15   O O   . GLU A 1 38  ? 16.341  12.844  0.589   1.00 29.64 ? 26  GLU A O   1 
ATOM   16   C CB  . GLU A 1 38  ? 15.454  16.054  0.439   1.00 35.56 ? 26  GLU A CB  1 
ATOM   17   C CG  . GLU A 1 38  ? 14.295  15.503  1.251   1.00 44.13 ? 26  GLU A CG  1 
ATOM   18   C CD  . GLU A 1 38  ? 12.939  16.172  1.077   1.00 49.13 ? 26  GLU A CD  1 
ATOM   19   O OE1 . GLU A 1 38  ? 12.918  17.373  0.824   1.00 49.10 ? 26  GLU A OE1 1 
ATOM   20   O OE2 . GLU A 1 38  ? 11.902  15.472  1.225   1.00 56.59 ? 26  GLU A OE2 1 
ATOM   21   N N   . LEU A 1 39  ? 16.628  13.804  -1.451  1.00 34.71 ? 27  LEU A N   1 
ATOM   22   C CA  . LEU A 1 39  ? 16.467  12.554  -2.242  1.00 32.18 ? 27  LEU A CA  1 
ATOM   23   C C   . LEU A 1 39  ? 17.556  11.551  -1.853  1.00 30.90 ? 27  LEU A C   1 
ATOM   24   O O   . LEU A 1 39  ? 17.251  10.358  -1.731  1.00 27.50 ? 27  LEU A O   1 
ATOM   25   C CB  . LEU A 1 39  ? 16.487  12.863  -3.744  1.00 36.44 ? 27  LEU A CB  1 
ATOM   26   C CG  . LEU A 1 39  ? 15.217  13.502  -4.312  1.00 39.76 ? 27  LEU A CG  1 
ATOM   27   C CD1 . LEU A 1 39  ? 15.373  13.789  -5.806  1.00 41.67 ? 27  LEU A CD1 1 
ATOM   28   C CD2 . LEU A 1 39  ? 13.988  12.626  -4.074  1.00 42.95 ? 27  LEU A CD2 1 
ATOM   29   N N   . ALA A 1 40  ? 18.799  11.989  -1.632  1.00 30.18 ? 28  ALA A N   1 
ATOM   30   C CA  . ALA A 1 40  ? 19.888  11.101  -1.195  1.00 29.91 ? 28  ALA A CA  1 
ATOM   31   C C   . ALA A 1 40  ? 19.556  10.512  0.178   1.00 25.68 ? 28  ALA A C   1 
ATOM   32   O O   . ALA A 1 40  ? 19.881  9.354   0.430   1.00 26.80 ? 28  ALA A O   1 
ATOM   33   C CB  . ALA A 1 40  ? 21.214  11.852  -1.171  1.00 33.02 ? 28  ALA A CB  1 
ATOM   34   N N   . ILE A 1 41  ? 18.992  11.304  1.095   1.00 24.23 ? 29  ILE A N   1 
ATOM   35   C CA  . ILE A 1 41  ? 18.685  10.784  2.456   1.00 21.93 ? 29  ILE A CA  1 
ATOM   36   C C   . ILE A 1 41  ? 17.612  9.684   2.280   1.00 21.09 ? 29  ILE A C   1 
ATOM   37   O O   . ILE A 1 41  ? 17.685  8.645   2.926   1.00 23.57 ? 29  ILE A O   1 
ATOM   38   C CB  . ILE A 1 41  ? 18.183  11.902  3.383   1.00 23.39 ? 29  ILE A CB  1 
ATOM   39   C CG1 . ILE A 1 41  ? 19.345  12.844  3.760   1.00 20.89 ? 29  ILE A CG1 1 
ATOM   40   C CG2 . ILE A 1 41  ? 17.544  11.317  4.625   1.00 24.05 ? 29  ILE A CG2 1 
ATOM   41   C CD1 . ILE A 1 41  ? 18.879  14.187  4.355   1.00 20.62 ? 29  ILE A CD1 1 
ATOM   42   N N   . LEU A 1 42  ? 16.647  9.965   1.442   1.00 23.86 ? 30  LEU A N   1 
ATOM   43   C CA  . LEU A 1 42  ? 15.479  9.049   1.271   1.00 23.27 ? 30  LEU A CA  1 
ATOM   44   C C   . LEU A 1 42  ? 15.958  7.765   0.605   1.00 24.42 ? 30  LEU A C   1 
ATOM   45   O O   . LEU A 1 42  ? 15.635  6.696   1.137   1.00 23.25 ? 30  LEU A O   1 
ATOM   46   C CB  . LEU A 1 42  ? 14.417  9.741   0.437   1.00 21.73 ? 30  LEU A CB  1 
ATOM   47   C CG  . LEU A 1 42  ? 13.623  10.813  1.179   1.00 23.01 ? 30  LEU A CG  1 
ATOM   48   C CD1 . LEU A 1 42  ? 12.806  11.637  0.213   1.00 24.56 ? 30  LEU A CD1 1 
ATOM   49   C CD2 . LEU A 1 42  ? 12.773  10.200  2.285   1.00 24.46 ? 30  LEU A CD2 1 
ATOM   50   N N   . ALA A 1 43  ? 16.788  7.876   -0.440  1.00 24.40 ? 31  ALA A N   1 
ATOM   51   C CA  . ALA A 1 43  ? 17.346  6.676   -1.114  1.00 25.70 ? 31  ALA A CA  1 
ATOM   52   C C   . ALA A 1 43  ? 18.219  5.872   -0.140  1.00 25.48 ? 31  ALA A C   1 
ATOM   53   O O   . ALA A 1 43  ? 18.121  4.612   -0.104  1.00 25.90 ? 31  ALA A O   1 
ATOM   54   C CB  . ALA A 1 43  ? 18.085  7.081   -2.349  1.00 25.64 ? 31  ALA A CB  1 
ATOM   55   N N   . THR A 1 44  ? 19.100  6.534   0.638   1.00 22.63 ? 32  THR A N   1 
ATOM   56   C CA  . THR A 1 44  ? 19.888  5.871   1.681   1.00 23.57 ? 32  THR A CA  1 
ATOM   57   C C   . THR A 1 44  ? 18.985  5.097   2.628   1.00 24.83 ? 32  THR A C   1 
ATOM   58   O O   . THR A 1 44  ? 19.293  3.936   2.931   1.00 26.70 ? 32  THR A O   1 
ATOM   59   C CB  . THR A 1 44  ? 20.783  6.871   2.433   1.00 26.02 ? 32  THR A CB  1 
ATOM   60   O OG1 . THR A 1 44  ? 21.570  7.461   1.400   1.00 27.69 ? 32  THR A OG1 1 
ATOM   61   C CG2 . THR A 1 44  ? 21.602  6.201   3.502   1.00 28.55 ? 32  THR A CG2 1 
ATOM   62   N N   . ALA A 1 45  ? 17.925  5.723   3.132   1.00 23.01 ? 33  ALA A N   1 
ATOM   63   C CA  . ALA A 1 45  ? 17.024  5.091   4.123   1.00 20.34 ? 33  ALA A CA  1 
ATOM   64   C C   . ALA A 1 45  ? 16.358  3.848   3.472   1.00 20.25 ? 33  ALA A C   1 
ATOM   65   O O   . ALA A 1 45  ? 16.303  2.827   4.162   1.00 21.88 ? 33  ALA A O   1 
ATOM   66   C CB  . ALA A 1 45  ? 15.990  6.076   4.594   1.00 20.32 ? 33  ALA A CB  1 
ATOM   67   N N   . GLU A 1 46  ? 15.885  3.994   2.241   1.00 21.85 ? 34  GLU A N   1 
ATOM   68   C CA  . GLU A 1 46  ? 15.183  2.852   1.570   1.00 20.37 ? 34  GLU A CA  1 
ATOM   69   C C   . GLU A 1 46  ? 16.204  1.707   1.424   1.00 24.12 ? 34  GLU A C   1 
ATOM   70   O O   . GLU A 1 46  ? 15.875  0.513   1.738   1.00 23.14 ? 34  GLU A O   1 
ATOM   71   C CB  . GLU A 1 46  ? 14.570  3.272   0.248   1.00 21.72 ? 34  GLU A CB  1 
ATOM   72   C CG  . GLU A 1 46  ? 13.806  2.119   -0.403  1.00 24.99 ? 34  GLU A CG  1 
ATOM   73   C CD  . GLU A 1 46  ? 12.751  2.542   -1.388  1.00 25.97 ? 34  GLU A CD  1 
ATOM   74   O OE1 . GLU A 1 46  ? 12.854  3.633   -1.954  1.00 26.40 ? 34  GLU A OE1 1 
ATOM   75   O OE2 . GLU A 1 46  ? 11.830  1.729   -1.651  1.00 22.59 ? 34  GLU A OE2 1 
ATOM   76   N N   . ASN A 1 47  ? 17.433  2.026   1.034   1.00 25.65 ? 35  ASN A N   1 
ATOM   77   C CA  . ASN A 1 47  ? 18.488  0.996   0.859   1.00 26.87 ? 35  ASN A CA  1 
ATOM   78   C C   . ASN A 1 47  ? 18.769  0.310   2.185   1.00 26.81 ? 35  ASN A C   1 
ATOM   79   O O   . ASN A 1 47  ? 18.875  -0.922  2.181   1.00 28.90 ? 35  ASN A O   1 
ATOM   80   C CB  . ASN A 1 47  ? 19.782  1.586   0.313   1.00 30.75 ? 35  ASN A CB  1 
ATOM   81   C CG  . ASN A 1 47  ? 19.652  2.001   -1.130  1.00 37.80 ? 35  ASN A CG  1 
ATOM   82   O OD1 . ASN A 1 47  ? 18.845  1.445   -1.882  1.00 45.38 ? 35  ASN A OD1 1 
ATOM   83   N ND2 . ASN A 1 47  ? 20.449  2.984   -1.530  1.00 49.19 ? 35  ASN A ND2 1 
ATOM   84   N N   . LEU A 1 48  ? 18.970  1.055   3.281   1.00 24.79 ? 36  LEU A N   1 
ATOM   85   C CA  . LEU A 1 48  ? 19.346  0.479   4.596   1.00 27.68 ? 36  LEU A CA  1 
ATOM   86   C C   . LEU A 1 48  ? 18.192  -0.355  5.176   1.00 27.47 ? 36  LEU A C   1 
ATOM   87   O O   . LEU A 1 48  ? 18.449  -1.339  5.880   1.00 30.31 ? 36  LEU A O   1 
ATOM   88   C CB  . LEU A 1 48  ? 19.796  1.597   5.544   1.00 30.69 ? 36  LEU A CB  1 
ATOM   89   C CG  . LEU A 1 48  ? 21.116  2.257   5.131   1.00 34.12 ? 36  LEU A CG  1 
ATOM   90   C CD1 . LEU A 1 48  ? 21.469  3.395   6.077   1.00 34.45 ? 36  LEU A CD1 1 
ATOM   91   C CD2 . LEU A 1 48  ? 22.252  1.232   5.044   1.00 34.34 ? 36  LEU A CD2 1 
ATOM   92   N N   . LEU A 1 49  ? 16.944  0.037   4.895   1.00 27.04 ? 37  LEU A N   1 
ATOM   93   C CA  . LEU A 1 49  ? 15.765  -0.667  5.431   1.00 25.65 ? 37  LEU A CA  1 
ATOM   94   C C   . LEU A 1 49  ? 15.657  -2.061  4.806   1.00 24.57 ? 37  LEU A C   1 
ATOM   95   O O   . LEU A 1 49  ? 15.031  -2.887  5.448   1.00 27.88 ? 37  LEU A O   1 
ATOM   96   C CB  . LEU A 1 49  ? 14.524  0.177   5.169   1.00 26.00 ? 37  LEU A CB  1 
ATOM   97   C CG  . LEU A 1 49  ? 14.360  1.316   6.181   1.00 23.74 ? 37  LEU A CG  1 
ATOM   98   C CD1 . LEU A 1 49  ? 13.296  2.283   5.706   1.00 25.61 ? 37  LEU A CD1 1 
ATOM   99   C CD2 . LEU A 1 49  ? 14.070  0.811   7.595   1.00 23.08 ? 37  LEU A CD2 1 
ATOM   100  N N   . GLU A 1 50  ? 16.336  -2.319  3.697   1.00 25.70 ? 38  GLU A N   1 
ATOM   101  C CA  . GLU A 1 50  ? 16.343  -3.668  3.057   1.00 28.86 ? 38  GLU A CA  1 
ATOM   102  C C   . GLU A 1 50  ? 17.182  -4.616  3.915   1.00 35.40 ? 38  GLU A C   1 
ATOM   103  O O   . GLU A 1 50  ? 16.818  -5.788  3.967   1.00 38.97 ? 38  GLU A O   1 
ATOM   104  C CB  . GLU A 1 50  ? 16.751  -3.541  1.593   1.00 32.03 ? 38  GLU A CB  1 
ATOM   105  C CG  . GLU A 1 50  ? 15.660  -2.874  0.782   1.00 43.11 ? 38  GLU A CG  1 
ATOM   106  C CD  . GLU A 1 50  ? 16.074  -2.246  -0.533  1.00 54.93 ? 38  GLU A CD  1 
ATOM   107  O OE1 . GLU A 1 50  ? 17.038  -2.748  -1.131  1.00 60.15 ? 38  GLU A OE1 1 
ATOM   108  O OE2 . GLU A 1 50  ? 15.424  -1.248  -0.955  1.00 64.78 ? 38  GLU A OE2 1 
ATOM   109  N N   . ASP A 1 51  ? 18.164  -4.089  4.658   1.00 41.58 ? 39  ASP A N   1 
ATOM   110  C CA  . ASP A 1 51  ? 19.125  -4.874  5.480   1.00 42.38 ? 39  ASP A CA  1 
ATOM   111  C C   . ASP A 1 51  ? 18.700  -4.955  6.941   1.00 39.94 ? 39  ASP A C   1 
ATOM   112  O O   . ASP A 1 51  ? 19.017  -5.960  7.577   1.00 40.40 ? 39  ASP A O   1 
ATOM   113  C CB  . ASP A 1 51  ? 20.522  -4.268  5.398   1.00 51.12 ? 39  ASP A CB  1 
ATOM   114  C CG  . ASP A 1 51  ? 21.257  -4.795  4.183   1.00 64.54 ? 39  ASP A CG  1 
ATOM   115  O OD1 . ASP A 1 51  ? 20.606  -5.506  3.378   1.00 63.88 ? 39  ASP A OD1 1 
ATOM   116  O OD2 . ASP A 1 51  ? 22.464  -4.504  4.054   1.00 73.27 ? 39  ASP A OD2 1 
ATOM   117  N N   . ARG A 1 52  ? 18.093  -3.917  7.499   1.00 34.92 ? 40  ARG A N   1 
ATOM   118  C CA  . ARG A 1 52  ? 17.785  -3.909  8.946   1.00 34.59 ? 40  ARG A CA  1 
ATOM   119  C C   . ARG A 1 52  ? 16.643  -2.965  9.260   1.00 33.82 ? 40  ARG A C   1 
ATOM   120  O O   . ARG A 1 52  ? 16.246  -2.157  8.424   1.00 34.62 ? 40  ARG A O   1 
ATOM   121  C CB  . ARG A 1 52  ? 19.036  -3.545  9.754   1.00 44.17 ? 40  ARG A CB  1 
ATOM   122  C CG  . ARG A 1 52  ? 19.948  -2.516  9.103   1.00 49.13 ? 40  ARG A CG  1 
ATOM   123  C CD  . ARG A 1 52  ? 21.209  -2.404  9.940   1.00 53.64 ? 40  ARG A CD  1 
ATOM   124  N NE  . ARG A 1 52  ? 21.659  -1.027  10.047  1.00 55.81 ? 40  ARG A NE  1 
ATOM   125  C CZ  . ARG A 1 52  ? 22.406  -0.396  9.152   1.00 53.94 ? 40  ARG A CZ  1 
ATOM   126  N NH1 . ARG A 1 52  ? 22.825  -1.016  8.059   1.00 52.71 ? 40  ARG A NH1 1 
ATOM   127  N NH2 . ARG A 1 52  ? 22.729  0.868   9.357   1.00 53.25 ? 40  ARG A NH2 1 
ATOM   128  N N   . PRO A 1 53  ? 16.031  -3.162  10.443  1.00 33.46 ? 41  PRO A N   1 
ATOM   129  C CA  . PRO A 1 53  ? 14.931  -2.334  10.923  1.00 31.70 ? 41  PRO A CA  1 
ATOM   130  C C   . PRO A 1 53  ? 15.370  -0.898  11.216  1.00 34.82 ? 41  PRO A C   1 
ATOM   131  O O   . PRO A 1 53  ? 16.555  -0.689  11.391  1.00 33.66 ? 41  PRO A O   1 
ATOM   132  C CB  . PRO A 1 53  ? 14.475  -3.021  12.218  1.00 36.97 ? 41  PRO A CB  1 
ATOM   133  C CG  . PRO A 1 53  ? 15.652  -3.868  12.635  1.00 37.89 ? 41  PRO A CG  1 
ATOM   134  C CD  . PRO A 1 53  ? 16.304  -4.297  11.340  1.00 37.92 ? 41  PRO A CD  1 
ATOM   135  N N   . LEU A 1 54  ? 14.417  0.030   11.222  1.00 35.28 ? 42  LEU A N   1 
ATOM   136  C CA  . LEU A 1 54  ? 14.688  1.471   11.428  1.00 36.46 ? 42  LEU A CA  1 
ATOM   137  C C   . LEU A 1 54  ? 15.396  1.684   12.786  1.00 40.33 ? 42  LEU A C   1 
ATOM   138  O O   . LEU A 1 54  ? 16.282  2.556   12.859  1.00 43.59 ? 42  LEU A O   1 
ATOM   139  C CB  . LEU A 1 54  ? 13.369  2.242   11.372  1.00 34.96 ? 42  LEU A CB  1 
ATOM   140  C CG  . LEU A 1 54  ? 13.539  3.756   11.435  1.00 33.83 ? 42  LEU A CG  1 
ATOM   141  C CD1 . LEU A 1 54  ? 14.171  4.280   10.158  1.00 32.14 ? 42  LEU A CD1 1 
ATOM   142  C CD2 . LEU A 1 54  ? 12.228  4.436   11.744  1.00 35.74 ? 42  LEU A CD2 1 
ATOM   143  N N   . ALA A 1 55  ? 15.030  0.913   13.813  1.00 44.36 ? 43  ALA A N   1 
ATOM   144  C CA  . ALA A 1 55  ? 15.669  0.900   15.160  1.00 42.94 ? 43  ALA A CA  1 
ATOM   145  C C   . ALA A 1 55  ? 17.185  0.647   15.071  1.00 44.88 ? 43  ALA A C   1 
ATOM   146  O O   . ALA A 1 55  ? 17.907  1.155   15.943  1.00 49.63 ? 43  ALA A O   1 
ATOM   147  C CB  . ALA A 1 55  ? 14.994  -0.130  16.032  1.00 40.31 ? 43  ALA A CB  1 
ATOM   148  N N   . ASP A 1 56  ? 17.683  -0.066  14.059  1.00 40.34 ? 44  ASP A N   1 
ATOM   149  C CA  . ASP A 1 56  ? 19.135  -0.351  13.891  1.00 40.06 ? 44  ASP A CA  1 
ATOM   150  C C   . ASP A 1 56  ? 19.774  0.578   12.857  1.00 38.04 ? 44  ASP A C   1 
ATOM   151  O O   . ASP A 1 56  ? 20.915  0.296   12.433  1.00 41.13 ? 44  ASP A O   1 
ATOM   152  C CB  . ASP A 1 56  ? 19.374  -1.791  13.448  1.00 44.82 ? 44  ASP A CB  1 
ATOM   153  C CG  . ASP A 1 56  ? 18.814  -2.835  14.391  1.00 46.71 ? 44  ASP A CG  1 
ATOM   154  O OD1 . ASP A 1 56  ? 18.159  -2.450  15.385  1.00 54.94 ? 44  ASP A OD1 1 
ATOM   155  O OD2 . ASP A 1 56  ? 19.029  -4.027  14.108  1.00 56.24 ? 44  ASP A OD2 1 
ATOM   156  N N   . ILE A 1 57  ? 19.072  1.617   12.407  1.00 36.57 ? 45  ILE A N   1 
ATOM   157  C CA  . ILE A 1 57  ? 19.639  2.636   11.474  1.00 36.79 ? 45  ILE A CA  1 
ATOM   158  C C   . ILE A 1 57  ? 19.750  3.932   12.281  1.00 37.85 ? 45  ILE A C   1 
ATOM   159  O O   . ILE A 1 57  ? 18.771  4.281   12.955  1.00 38.46 ? 45  ILE A O   1 
ATOM   160  C CB  . ILE A 1 57  ? 18.760  2.809   10.221  1.00 35.30 ? 45  ILE A CB  1 
ATOM   161  C CG1 . ILE A 1 57  ? 18.716  1.531   9.383   1.00 34.47 ? 45  ILE A CG1 1 
ATOM   162  C CG2 . ILE A 1 57  ? 19.215  4.000   9.387   1.00 35.61 ? 45  ILE A CG2 1 
ATOM   163  C CD1 . ILE A 1 57  ? 17.596  1.514   8.352   1.00 30.06 ? 45  ILE A CD1 1 
ATOM   164  N N   . SER A 1 58  ? 20.919  4.567   12.293  1.00 41.99 ? 46  SER A N   1 
ATOM   165  C CA  . SER A 1 58  ? 21.139  5.813   13.082  1.00 42.47 ? 46  SER A CA  1 
ATOM   166  C C   . SER A 1 58  ? 20.988  7.017   12.146  1.00 37.63 ? 46  SER A C   1 
ATOM   167  O O   . SER A 1 58  ? 21.126  6.863   10.927  1.00 33.68 ? 46  SER A O   1 
ATOM   168  C CB  . SER A 1 58  ? 22.485  5.802   13.805  1.00 33.58 ? 46  SER A CB  1 
ATOM   169  O OG  . SER A 1 58  ? 23.520  5.529   12.874  1.00 38.49 ? 46  SER A OG  1 
ATOM   170  N N   . VAL A 1 59  ? 20.718  8.199   12.694  1.00 40.35 ? 47  VAL A N   1 
ATOM   171  C CA  . VAL A 1 59  ? 20.745  9.448   11.880  1.00 37.21 ? 47  VAL A CA  1 
ATOM   172  C C   . VAL A 1 59  ? 22.123  9.521   11.199  1.00 31.37 ? 47  VAL A C   1 
ATOM   173  O O   . VAL A 1 59  ? 22.222  9.916   9.997   1.00 36.16 ? 47  VAL A O   1 
ATOM   174  C CB  . VAL A 1 59  ? 20.410  10.673  12.752  1.00 36.63 ? 47  VAL A CB  1 
ATOM   175  C CG1 . VAL A 1 59  ? 20.682  11.964  12.008  1.00 36.17 ? 47  VAL A CG1 1 
ATOM   176  C CG2 . VAL A 1 59  ? 18.960  10.638  13.240  1.00 39.81 ? 47  VAL A CG2 1 
ATOM   177  N N   . ASP A 1 60  ? 23.177  9.125   11.923  1.00 39.99 ? 48  ASP A N   1 
ATOM   178  C CA  . ASP A 1 60  ? 24.586  9.145   11.432  1.00 44.72 ? 48  ASP A CA  1 
ATOM   179  C C   . ASP A 1 60  ? 24.714  8.227   10.197  1.00 36.71 ? 48  ASP A C   1 
ATOM   180  O O   . ASP A 1 60  ? 25.312  8.644   9.160   1.00 34.17 ? 48  ASP A O   1 
ATOM   181  C CB  . ASP A 1 60  ? 25.564  8.837   12.581  1.00 46.60 ? 48  ASP A CB  1 
ATOM   182  C CG  . ASP A 1 60  ? 25.625  9.879   13.710  1.00 55.34 ? 48  ASP A CG  1 
ATOM   183  O OD1 . ASP A 1 60  ? 25.261  11.081  13.498  1.00 50.36 ? 48  ASP A OD1 1 
ATOM   184  O OD2 . ASP A 1 60  ? 26.041  9.494   14.814  1.00 57.46 ? 48  ASP A OD2 1 
ATOM   185  N N   . ASP A 1 61  ? 24.084  7.045   10.233  1.00 45.43 ? 49  ASP A N   1 
ATOM   186  C CA  . ASP A 1 61  ? 23.997  6.134   9.054   1.00 41.39 ? 49  ASP A CA  1 
ATOM   187  C C   . ASP A 1 61  ? 23.352  6.858   7.865   1.00 33.27 ? 49  ASP A C   1 
ATOM   188  O O   . ASP A 1 61  ? 23.901  6.819   6.753   1.00 34.46 ? 49  ASP A O   1 
ATOM   189  C CB  . ASP A 1 61  ? 23.192  4.865   9.370   1.00 45.71 ? 49  ASP A CB  1 
ATOM   190  C CG  . ASP A 1 61  ? 23.841  3.914   10.353  1.00 48.08 ? 49  ASP A CG  1 
ATOM   191  O OD1 . ASP A 1 61  ? 25.085  3.865   10.380  1.00 47.09 ? 49  ASP A OD1 1 
ATOM   192  O OD2 . ASP A 1 61  ? 23.087  3.240   11.092  1.00 50.87 ? 49  ASP A OD2 1 
ATOM   193  N N   . LEU A 1 62  ? 22.215  7.528   8.068   1.00 33.03 ? 50  LEU A N   1 
ATOM   194  C CA  . LEU A 1 62  ? 21.518  8.208   6.948   1.00 30.09 ? 50  LEU A CA  1 
ATOM   195  C C   . LEU A 1 62  ? 22.383  9.328   6.404   1.00 27.45 ? 50  LEU A C   1 
ATOM   196  O O   . LEU A 1 62  ? 22.404  9.566   5.186   1.00 29.34 ? 50  LEU A O   1 
ATOM   197  C CB  . LEU A 1 62  ? 20.177  8.736   7.457   1.00 31.86 ? 50  LEU A CB  1 
ATOM   198  C CG  . LEU A 1 62  ? 19.226  7.662   7.969   1.00 31.22 ? 50  LEU A CG  1 
ATOM   199  C CD1 . LEU A 1 62  ? 17.926  8.280   8.460   1.00 33.31 ? 50  LEU A CD1 1 
ATOM   200  C CD2 . LEU A 1 62  ? 18.961  6.644   6.865   1.00 32.42 ? 50  LEU A CD2 1 
ATOM   201  N N   . ALA A 1 63  ? 23.043  10.062  7.297   1.00 34.02 ? 51  ALA A N   1 
ATOM   202  C CA  . ALA A 1 63  ? 23.851  11.236  6.919   1.00 31.89 ? 51  ALA A CA  1 
ATOM   203  C C   . ALA A 1 63  ? 25.018  10.767  6.046   1.00 27.34 ? 51  ALA A C   1 
ATOM   204  O O   . ALA A 1 63  ? 25.173  11.275  4.919   1.00 30.43 ? 51  ALA A O   1 
ATOM   205  C CB  . ALA A 1 63  ? 24.298  11.950  8.178   1.00 31.03 ? 51  ALA A CB  1 
ATOM   206  N N   . LYS A 1 64  ? 25.766  9.798   6.547   1.00 35.63 ? 52  LYS A N   1 
ATOM   207  C CA  . LYS A 1 64  ? 26.916  9.201   5.816   1.00 37.74 ? 52  LYS A CA  1 
ATOM   208  C C   . LYS A 1 64  ? 26.457  8.797   4.409   1.00 37.82 ? 52  LYS A C   1 
ATOM   209  O O   . LYS A 1 64  ? 27.034  9.251   3.423   1.00 37.60 ? 52  LYS A O   1 
ATOM   210  C CB  . LYS A 1 64  ? 27.470  8.053   6.658   1.00 45.61 ? 52  LYS A CB  1 
ATOM   211  C CG  . LYS A 1 64  ? 28.718  7.382   6.096   1.00 53.80 ? 52  LYS A CG  1 
ATOM   212  C CD  . LYS A 1 64  ? 29.066  6.092   6.820   1.00 58.41 ? 52  LYS A CD  1 
ATOM   213  C CE  . LYS A 1 64  ? 30.420  5.535   6.430   1.00 60.91 ? 52  LYS A CE  1 
ATOM   214  N NZ  . LYS A 1 64  ? 31.152  5.054   7.625   1.00 62.31 ? 52  LYS A NZ  1 
ATOM   215  N N   . GLY A 1 65  ? 25.366  8.030   4.293   1.00 41.23 ? 53  GLY A N   1 
ATOM   216  C CA  . GLY A 1 65  ? 24.913  7.576   2.970   1.00 31.54 ? 53  GLY A CA  1 
ATOM   217  C C   . GLY A 1 65  ? 24.590  8.723   2.051   1.00 32.98 ? 53  GLY A C   1 
ATOM   218  O O   . GLY A 1 65  ? 24.803  8.573   0.846   1.00 36.72 ? 53  GLY A O   1 
ATOM   219  N N   . ALA A 1 66  ? 24.075  9.858   2.557   1.00 30.87 ? 54  ALA A N   1 
ATOM   220  C CA  . ALA A 1 66  ? 23.678  11.008  1.700   1.00 30.18 ? 54  ALA A CA  1 
ATOM   221  C C   . ALA A 1 66  ? 24.851  11.975  1.469   1.00 31.48 ? 54  ALA A C   1 
ATOM   222  O O   . ALA A 1 66  ? 24.677  12.979  0.718   1.00 36.94 ? 54  ALA A O   1 
ATOM   223  C CB  . ALA A 1 66  ? 22.525  11.741  2.338   1.00 34.23 ? 54  ALA A CB  1 
ATOM   224  N N   . GLY A 1 67  ? 25.989  11.709  2.099   1.00 37.53 ? 55  GLY A N   1 
ATOM   225  C CA  . GLY A 1 67  ? 27.227  12.504  1.896   1.00 37.33 ? 55  GLY A CA  1 
ATOM   226  C C   . GLY A 1 67  ? 27.170  13.842  2.633   1.00 35.33 ? 55  GLY A C   1 
ATOM   227  O O   . GLY A 1 67  ? 27.670  14.872  2.097   1.00 33.71 ? 55  GLY A O   1 
ATOM   228  N N   . ILE A 1 68  ? 26.494  13.848  3.778   1.00 33.27 ? 56  ILE A N   1 
ATOM   229  C CA  . ILE A 1 68  ? 26.282  15.092  4.585   1.00 32.32 ? 56  ILE A CA  1 
ATOM   230  C C   . ILE A 1 68  ? 26.629  14.807  6.044   1.00 29.75 ? 56  ILE A C   1 
ATOM   231  O O   . ILE A 1 68  ? 26.682  13.667  6.444   1.00 28.99 ? 56  ILE A O   1 
ATOM   232  C CB  . ILE A 1 68  ? 24.829  15.598  4.463   1.00 29.56 ? 56  ILE A CB  1 
ATOM   233  C CG1 . ILE A 1 68  ? 23.867  14.591  5.103   1.00 30.85 ? 56  ILE A CG1 1 
ATOM   234  C CG2 . ILE A 1 68  ? 24.481  15.986  3.046   1.00 32.28 ? 56  ILE A CG2 1 
ATOM   235  C CD1 . ILE A 1 68  ? 22.403  14.971  5.041   1.00 28.74 ? 56  ILE A CD1 1 
ATOM   236  N N   . SER A 1 69  ? 26.752  15.838  6.897   1.00 27.09 ? 57  SER A N   1 
ATOM   237  C CA  . SER A 1 69  ? 26.916  15.659  8.361   1.00 25.95 ? 57  SER A CA  1 
ATOM   238  C C   . SER A 1 69  ? 25.578  15.431  9.076   1.00 26.97 ? 57  SER A C   1 
ATOM   239  O O   . SER A 1 69  ? 24.505  15.768  8.469   1.00 25.55 ? 57  SER A O   1 
ATOM   240  C CB  . SER A 1 69  ? 27.604  16.892  8.922   1.00 29.22 ? 57  SER A CB  1 
ATOM   241  O OG  . SER A 1 69  ? 26.687  17.988  8.917   1.00 24.50 ? 57  SER A OG  1 
ATOM   242  N N   . ARG A 1 70  ? 25.623  14.984  10.336  1.00 25.95 ? 58  ARG A N   1 
ATOM   243  C CA  . ARG A 1 70  ? 24.447  14.868  11.228  1.00 28.34 ? 58  ARG A CA  1 
ATOM   244  C C   . ARG A 1 70  ? 23.684  16.179  11.327  1.00 29.92 ? 58  ARG A C   1 
ATOM   245  O O   . ARG A 1 70  ? 22.464  16.209  11.111  1.00 25.95 ? 58  ARG A O   1 
ATOM   246  C CB  . ARG A 1 70  ? 24.854  14.323  12.598  1.00 36.20 ? 58  ARG A CB  1 
ATOM   247  C CG  . ARG A 1 70  ? 23.751  14.296  13.646  1.00 38.65 ? 58  ARG A CG  1 
ATOM   248  C CD  . ARG A 1 70  ? 24.352  13.915  14.996  1.00 45.60 ? 58  ARG A CD  1 
ATOM   249  N NE  . ARG A 1 70  ? 23.322  13.666  15.986  1.00 47.54 ? 58  ARG A NE  1 
ATOM   250  C CZ  . ARG A 1 70  ? 22.708  12.497  16.167  1.00 56.22 ? 58  ARG A CZ  1 
ATOM   251  N NH1 . ARG A 1 70  ? 21.778  12.380  17.103  1.00 57.70 ? 58  ARG A NH1 1 
ATOM   252  N NH2 . ARG A 1 70  ? 23.020  11.449  15.426  1.00 47.71 ? 58  ARG A NH2 1 
ATOM   253  N N   . PRO A 1 71  ? 24.285  17.349  11.721  1.00 23.54 ? 59  PRO A N   1 
ATOM   254  C CA  . PRO A 1 71  ? 23.422  18.494  11.883  1.00 23.40 ? 59  PRO A CA  1 
ATOM   255  C C   . PRO A 1 71  ? 22.822  18.869  10.534  1.00 18.45 ? 59  PRO A C   1 
ATOM   256  O O   . PRO A 1 71  ? 21.784  19.473  10.482  1.00 21.86 ? 59  PRO A O   1 
ATOM   257  C CB  . PRO A 1 71  ? 24.359  19.592  12.467  1.00 22.97 ? 59  PRO A CB  1 
ATOM   258  C CG  . PRO A 1 71  ? 25.735  19.105  12.121  1.00 21.64 ? 59  PRO A CG  1 
ATOM   259  C CD  . PRO A 1 71  ? 25.669  17.585  12.152  1.00 29.18 ? 59  PRO A CD  1 
ATOM   260  N N   . THR A 1 72  ? 23.540  18.585  9.434   1.00 20.59 ? 60  THR A N   1 
ATOM   261  C CA  . THR A 1 72  ? 23.009  18.913  8.079   1.00 18.16 ? 60  THR A CA  1 
ATOM   262  C C   . THR A 1 72  ? 21.787  18.028  7.795   1.00 20.04 ? 60  THR A C   1 
ATOM   263  O O   . THR A 1 72  ? 20.836  18.576  7.230   1.00 20.57 ? 60  THR A O   1 
ATOM   264  C CB  . THR A 1 72  ? 24.062  18.821  6.967   1.00 20.35 ? 60  THR A CB  1 
ATOM   265  O OG1 . THR A 1 72  ? 25.022  19.865  7.130   1.00 19.93 ? 60  THR A OG1 1 
ATOM   266  C CG2 . THR A 1 72  ? 23.456  19.038  5.592   1.00 21.87 ? 60  THR A CG2 1 
ATOM   267  N N   . PHE A 1 73  ? 21.820  16.770  8.228   1.00 19.85 ? 61  PHE A N   1 
ATOM   268  C CA  . PHE A 1 73  ? 20.613  15.892  8.168   1.00 20.34 ? 61  PHE A CA  1 
ATOM   269  C C   . PHE A 1 73  ? 19.427  16.621  8.810   1.00 24.94 ? 61  PHE A C   1 
ATOM   270  O O   . PHE A 1 73  ? 18.337  16.649  8.215   1.00 23.78 ? 61  PHE A O   1 
ATOM   271  C CB  . PHE A 1 73  ? 20.867  14.572  8.870   1.00 23.08 ? 61  PHE A CB  1 
ATOM   272  C CG  . PHE A 1 73  ? 19.624  13.745  9.087   1.00 23.93 ? 61  PHE A CG  1 
ATOM   273  C CD1 . PHE A 1 73  ? 18.789  13.981  10.166  1.00 25.07 ? 61  PHE A CD1 1 
ATOM   274  C CD2 . PHE A 1 73  ? 19.300  12.751  8.179   1.00 25.01 ? 61  PHE A CD2 1 
ATOM   275  C CE1 . PHE A 1 73  ? 17.641  13.216  10.379  1.00 26.68 ? 61  PHE A CE1 1 
ATOM   276  C CE2 . PHE A 1 73  ? 18.156  11.987  8.393   1.00 22.51 ? 61  PHE A CE2 1 
ATOM   277  C CZ  . PHE A 1 73  ? 17.337  12.212  9.470   1.00 24.75 ? 61  PHE A CZ  1 
ATOM   278  N N   . TYR A 1 74  ? 19.615  17.228  9.988   1.00 25.62 ? 62  TYR A N   1 
ATOM   279  C CA  . TYR A 1 74  ? 18.474  17.822  10.742  1.00 28.23 ? 62  TYR A CA  1 
ATOM   280  C C   . TYR A 1 74  ? 17.914  19.055  10.039  1.00 28.35 ? 62  TYR A C   1 
ATOM   281  O O   . TYR A 1 74  ? 16.817  19.539  10.414  1.00 29.28 ? 62  TYR A O   1 
ATOM   282  C CB  . TYR A 1 74  ? 18.876  18.130  12.175  1.00 27.19 ? 62  TYR A CB  1 
ATOM   283  C CG  . TYR A 1 74  ? 18.984  16.894  13.003  1.00 30.35 ? 62  TYR A CG  1 
ATOM   284  C CD1 . TYR A 1 74  ? 17.869  16.093  13.211  1.00 26.53 ? 62  TYR A CD1 1 
ATOM   285  C CD2 . TYR A 1 74  ? 20.187  16.482  13.523  1.00 33.59 ? 62  TYR A CD2 1 
ATOM   286  C CE1 . TYR A 1 74  ? 17.942  14.972  14.016  1.00 29.30 ? 62  TYR A CE1 1 
ATOM   287  C CE2 . TYR A 1 74  ? 20.277  15.348  14.307  1.00 36.11 ? 62  TYR A CE2 1 
ATOM   288  C CZ  . TYR A 1 74  ? 19.152  14.574  14.525  1.00 28.35 ? 62  TYR A CZ  1 
ATOM   289  O OH  . TYR A 1 74  ? 19.298  13.485  15.321  1.00 36.53 ? 62  TYR A OH  1 
ATOM   290  N N   . PHE A 1 75  ? 18.623  19.581  9.060   1.00 28.64 ? 63  PHE A N   1 
ATOM   291  C CA  . PHE A 1 75  ? 18.108  20.649  8.188   1.00 29.05 ? 63  PHE A CA  1 
ATOM   292  C C   . PHE A 1 75  ? 17.010  20.107  7.260   1.00 33.14 ? 63  PHE A C   1 
ATOM   293  O O   . PHE A 1 75  ? 16.168  20.865  6.770   1.00 32.14 ? 63  PHE A O   1 
ATOM   294  C CB  . PHE A 1 75  ? 19.199  21.273  7.327   1.00 32.43 ? 63  PHE A CB  1 
ATOM   295  C CG  . PHE A 1 75  ? 18.659  22.459  6.589   1.00 33.61 ? 63  PHE A CG  1 
ATOM   296  C CD1 . PHE A 1 75  ? 18.402  23.641  7.277   1.00 36.74 ? 63  PHE A CD1 1 
ATOM   297  C CD2 . PHE A 1 75  ? 18.368  22.393  5.237   1.00 39.38 ? 63  PHE A CD2 1 
ATOM   298  C CE1 . PHE A 1 75  ? 17.850  24.726  6.610   1.00 40.22 ? 63  PHE A CE1 1 
ATOM   299  C CE2 . PHE A 1 75  ? 17.843  23.489  4.567   1.00 40.67 ? 63  PHE A CE2 1 
ATOM   300  C CZ  . PHE A 1 75  ? 17.607  24.660  5.251   1.00 42.21 ? 63  PHE A CZ  1 
ATOM   301  N N   . TYR A 1 76  ? 17.038  18.808  6.970   1.00 24.31 ? 64  TYR A N   1 
ATOM   302  C CA  . TYR A 1 76  ? 16.119  18.217  5.973   1.00 23.88 ? 64  TYR A CA  1 
ATOM   303  C C   . TYR A 1 76  ? 14.987  17.460  6.662   1.00 22.72 ? 64  TYR A C   1 
ATOM   304  O O   . TYR A 1 76  ? 13.874  17.484  6.098   1.00 26.97 ? 64  TYR A O   1 
ATOM   305  C CB  . TYR A 1 76  ? 16.899  17.317  5.014   1.00 23.92 ? 64  TYR A CB  1 
ATOM   306  C CG  . TYR A 1 76  ? 17.780  18.123  4.106   1.00 25.10 ? 64  TYR A CG  1 
ATOM   307  C CD1 . TYR A 1 76  ? 17.242  18.815  3.035   1.00 28.28 ? 64  TYR A CD1 1 
ATOM   308  C CD2 . TYR A 1 76  ? 19.137  18.251  4.358   1.00 23.93 ? 64  TYR A CD2 1 
ATOM   309  C CE1 . TYR A 1 76  ? 18.034  19.608  2.217   1.00 31.28 ? 64  TYR A CE1 1 
ATOM   310  C CE2 . TYR A 1 76  ? 19.937  19.032  3.550   1.00 27.92 ? 64  TYR A CE2 1 
ATOM   311  C CZ  . TYR A 1 76  ? 19.379  19.722  2.494   1.00 29.90 ? 64  TYR A CZ  1 
ATOM   312  O OH  . TYR A 1 76  ? 20.202  20.461  1.708   1.00 37.07 ? 64  TYR A OH  1 
ATOM   313  N N   . PHE A 1 77  ? 15.285  16.781  7.759   1.00 25.32 ? 65  PHE A N   1 
ATOM   314  C CA  . PHE A 1 77  ? 14.304  15.966  8.499   1.00 26.25 ? 65  PHE A CA  1 
ATOM   315  C C   . PHE A 1 77  ? 14.550  16.136  9.984   1.00 27.95 ? 65  PHE A C   1 
ATOM   316  O O   . PHE A 1 77  ? 15.684  16.116  10.454  1.00 27.60 ? 65  PHE A O   1 
ATOM   317  C CB  . PHE A 1 77  ? 14.470  14.482  8.151   1.00 23.69 ? 65  PHE A CB  1 
ATOM   318  C CG  . PHE A 1 77  ? 14.136  14.161  6.723   1.00 24.18 ? 65  PHE A CG  1 
ATOM   319  C CD1 . PHE A 1 77  ? 12.818  13.920  6.338   1.00 22.74 ? 65  PHE A CD1 1 
ATOM   320  C CD2 . PHE A 1 77  ? 15.123  14.066  5.749   1.00 23.37 ? 65  PHE A CD2 1 
ATOM   321  C CE1 . PHE A 1 77  ? 12.510  13.629  5.023   1.00 23.41 ? 65  PHE A CE1 1 
ATOM   322  C CE2 . PHE A 1 77  ? 14.807  13.780  4.428   1.00 24.61 ? 65  PHE A CE2 1 
ATOM   323  C CZ  . PHE A 1 77  ? 13.498  13.541  4.069   1.00 23.83 ? 65  PHE A CZ  1 
ATOM   324  N N   . PRO A 1 78  ? 13.472  16.225  10.781  1.00 27.92 ? 66  PRO A N   1 
ATOM   325  C CA  . PRO A 1 78  ? 13.623  16.266  12.232  1.00 27.71 ? 66  PRO A CA  1 
ATOM   326  C C   . PRO A 1 78  ? 14.092  14.979  12.902  1.00 30.07 ? 66  PRO A C   1 
ATOM   327  O O   . PRO A 1 78  ? 14.564  15.027  13.999  1.00 30.97 ? 66  PRO A O   1 
ATOM   328  C CB  . PRO A 1 78  ? 12.220  16.689  12.698  1.00 30.19 ? 66  PRO A CB  1 
ATOM   329  C CG  . PRO A 1 78  ? 11.281  16.238  11.591  1.00 29.88 ? 66  PRO A CG  1 
ATOM   330  C CD  . PRO A 1 78  ? 12.081  16.362  10.313  1.00 27.18 ? 66  PRO A CD  1 
ATOM   331  N N   . SER A 1 79  ? 13.905  13.806  12.269  1.00 28.69 ? 67  SER A N   1 
ATOM   332  C CA  . SER A 1 79  ? 14.201  12.486  12.880  1.00 29.76 ? 67  SER A CA  1 
ATOM   333  C C   . SER A 1 79  ? 14.323  11.436  11.758  1.00 26.84 ? 67  SER A C   1 
ATOM   334  O O   . SER A 1 79  ? 13.856  11.734  10.648  1.00 24.04 ? 67  SER A O   1 
ATOM   335  C CB  . SER A 1 79  ? 13.073  12.077  13.778  1.00 32.92 ? 67  SER A CB  1 
ATOM   336  O OG  . SER A 1 79  ? 11.863  12.146  13.034  1.00 30.33 ? 67  SER A OG  1 
ATOM   337  N N   . LYS A 1 80  ? 14.834  10.269  12.092  1.00 29.81 ? 68  LYS A N   1 
ATOM   338  C CA  . LYS A 1 80  ? 14.805  9.109   11.162  1.00 30.63 ? 68  LYS A CA  1 
ATOM   339  C C   . LYS A 1 80  ? 13.333  8.685   10.979  1.00 31.10 ? 68  LYS A C   1 
ATOM   340  O O   . LYS A 1 80  ? 12.994  8.249   9.858   1.00 27.40 ? 68  LYS A O   1 
ATOM   341  C CB  . LYS A 1 80  ? 15.731  7.996   11.656  1.00 32.79 ? 68  LYS A CB  1 
ATOM   342  C CG  . LYS A 1 80  ? 15.355  7.384   12.988  1.00 36.16 ? 68  LYS A CG  1 
ATOM   343  C CD  . LYS A 1 80  ? 16.303  6.295   13.393  1.00 38.38 ? 68  LYS A CD  1 
ATOM   344  C CE  . LYS A 1 80  ? 15.968  5.742   14.756  1.00 43.07 ? 68  LYS A CE  1 
ATOM   345  N NZ  . LYS A 1 80  ? 16.740  4.516   15.023  1.00 44.31 ? 68  LYS A NZ  1 
ATOM   346  N N   . GLU A 1 81  ? 12.476  8.899   11.980  1.00 30.33 ? 69  GLU A N   1 
ATOM   347  C CA  . GLU A 1 81  ? 11.029  8.537   11.919  1.00 28.07 ? 69  GLU A CA  1 
ATOM   348  C C   . GLU A 1 81  ? 10.368  9.375   10.827  1.00 27.12 ? 69  GLU A C   1 
ATOM   349  O O   . GLU A 1 81  ? 9.548   8.853   10.025  1.00 25.59 ? 69  GLU A O   1 
ATOM   350  C CB  . GLU A 1 81  ? 10.341  8.707   13.281  1.00 27.45 ? 69  GLU A CB  1 
ATOM   351  C CG  . GLU A 1 81  ? 10.756  7.646   14.282  1.00 30.23 ? 69  GLU A CG  1 
ATOM   352  C CD  . GLU A 1 81  ? 12.042  7.873   15.067  1.00 36.11 ? 69  GLU A CD  1 
ATOM   353  O OE1 . GLU A 1 81  ? 12.623  8.973   14.955  1.00 33.77 ? 69  GLU A OE1 1 
ATOM   354  O OE2 . GLU A 1 81  ? 12.459  6.936   15.761  1.00 44.51 ? 69  GLU A OE2 1 
ATOM   355  N N   . ALA A 1 82  ? 10.712  10.658  10.710  1.00 24.13 ? 70  ALA A N   1 
ATOM   356  C CA  . ALA A 1 82  ? 10.138  11.515  9.661   1.00 21.72 ? 70  ALA A CA  1 
ATOM   357  C C   . ALA A 1 82  ? 10.585  11.029  8.282   1.00 20.32 ? 70  ALA A C   1 
ATOM   358  O O   . ALA A 1 82  ? 9.890   11.296  7.290   1.00 21.21 ? 70  ALA A O   1 
ATOM   359  C CB  . ALA A 1 82  ? 10.560  12.959  9.883   1.00 22.56 ? 70  ALA A CB  1 
ATOM   360  N N   . VAL A 1 83  ? 11.800  10.481  8.199   1.00 20.04 ? 71  VAL A N   1 
ATOM   361  C CA  . VAL A 1 83  ? 12.334  9.969   6.915   1.00 19.60 ? 71  VAL A CA  1 
ATOM   362  C C   . VAL A 1 83  ? 11.427  8.800   6.487   1.00 18.14 ? 71  VAL A C   1 
ATOM   363  O O   . VAL A 1 83  ? 11.028  8.798   5.321   1.00 21.00 ? 71  VAL A O   1 
ATOM   364  C CB  . VAL A 1 83  ? 13.796  9.522   7.000   1.00 21.19 ? 71  VAL A CB  1 
ATOM   365  C CG1 . VAL A 1 83  ? 14.270  8.954   5.681   1.00 20.42 ? 71  VAL A CG1 1 
ATOM   366  C CG2 . VAL A 1 83  ? 14.684  10.722  7.376   1.00 21.74 ? 71  VAL A CG2 1 
ATOM   367  N N   . LEU A 1 84  ? 11.196  7.879   7.407   1.00 20.90 ? 72  LEU A N   1 
ATOM   368  C CA  . LEU A 1 84  ? 10.282  6.732   7.049   1.00 21.33 ? 72  LEU A CA  1 
ATOM   369  C C   . LEU A 1 84  ? 8.899   7.266   6.687   1.00 22.69 ? 72  LEU A C   1 
ATOM   370  O O   . LEU A 1 84  ? 8.289   6.720   5.704   1.00 21.26 ? 72  LEU A O   1 
ATOM   371  C CB  . LEU A 1 84  ? 10.216  5.746   8.207   1.00 21.38 ? 72  LEU A CB  1 
ATOM   372  C CG  . LEU A 1 84  ? 9.231   4.578   8.053   1.00 22.91 ? 72  LEU A CG  1 
ATOM   373  C CD1 . LEU A 1 84  ? 9.563   3.792   6.792   1.00 23.02 ? 72  LEU A CD1 1 
ATOM   374  C CD2 . LEU A 1 84  ? 9.329   3.716   9.286   1.00 23.40 ? 72  LEU A CD2 1 
ATOM   375  N N   . LEU A 1 85  ? 8.325   8.194   7.461   1.00 22.63 ? 73  LEU A N   1 
ATOM   376  C CA  . LEU A 1 85  ? 7.017   8.788   7.114   1.00 21.96 ? 73  LEU A CA  1 
ATOM   377  C C   . LEU A 1 85  ? 7.032   9.310   5.689   1.00 22.30 ? 73  LEU A C   1 
ATOM   378  O O   . LEU A 1 85  ? 6.083   9.065   4.912   1.00 23.30 ? 73  LEU A O   1 
ATOM   379  C CB  . LEU A 1 85  ? 6.662   9.880   8.132   1.00 21.72 ? 73  LEU A CB  1 
ATOM   380  C CG  . LEU A 1 85  ? 5.375   10.640  7.856   1.00 23.01 ? 73  LEU A CG  1 
ATOM   381  C CD1 . LEU A 1 85  ? 4.148   9.723   7.939   1.00 22.04 ? 73  LEU A CD1 1 
ATOM   382  C CD2 . LEU A 1 85  ? 5.225   11.794  8.845   1.00 25.21 ? 73  LEU A CD2 1 
ATOM   383  N N   . THR A 1 86  ? 8.087   10.015  5.263   1.00 20.73 ? 74  THR A N   1 
ATOM   384  C CA  . THR A 1 86  ? 8.130   10.564  3.899   1.00 20.81 ? 74  THR A CA  1 
ATOM   385  C C   . THR A 1 86  ? 8.202   9.407   2.882   1.00 18.04 ? 74  THR A C   1 
ATOM   386  O O   . THR A 1 86  ? 7.591   9.523   1.823   1.00 19.43 ? 74  THR A O   1 
ATOM   387  C CB  . THR A 1 86  ? 9.319   11.520  3.758   1.00 22.68 ? 74  THR A CB  1 
ATOM   388  O OG1 . THR A 1 86  ? 9.147   12.591  4.700   1.00 25.31 ? 74  THR A OG1 1 
ATOM   389  C CG2 . THR A 1 86  ? 9.441   12.054  2.358   1.00 22.83 ? 74  THR A CG2 1 
ATOM   390  N N   . LEU A 1 87  ? 8.990   8.377   3.171   1.00 19.49 ? 75  LEU A N   1 
ATOM   391  C CA  . LEU A 1 87  ? 9.133   7.229   2.240   1.00 19.28 ? 75  LEU A CA  1 
ATOM   392  C C   . LEU A 1 87  ? 7.745   6.593   2.081   1.00 17.92 ? 75  LEU A C   1 
ATOM   393  O O   . LEU A 1 87  ? 7.331   6.363   0.951   1.00 20.12 ? 75  LEU A O   1 
ATOM   394  C CB  . LEU A 1 87  ? 10.122  6.179   2.744   1.00 20.26 ? 75  LEU A CB  1 
ATOM   395  C CG  . LEU A 1 87  ? 11.612  6.527   2.621   1.00 20.91 ? 75  LEU A CG  1 
ATOM   396  C CD1 . LEU A 1 87  ? 12.441  5.534   3.381   1.00 23.81 ? 75  LEU A CD1 1 
ATOM   397  C CD2 . LEU A 1 87  ? 12.019  6.604   1.198   1.00 22.83 ? 75  LEU A CD2 1 
ATOM   398  N N   . LEU A 1 88  ? 7.069   6.368   3.183   1.00 18.90 ? 76  LEU A N   1 
ATOM   399  C CA  . LEU A 1 88  ? 5.734   5.690   3.127   1.00 19.24 ? 76  LEU A CA  1 
ATOM   400  C C   . LEU A 1 88  ? 4.747   6.582   2.374   1.00 19.35 ? 76  LEU A C   1 
ATOM   401  O O   . LEU A 1 88  ? 3.966   6.113   1.534   1.00 18.86 ? 76  LEU A O   1 
ATOM   402  C CB  . LEU A 1 88  ? 5.239   5.363   4.527   1.00 19.78 ? 76  LEU A CB  1 
ATOM   403  C CG  . LEU A 1 88  ? 3.882   4.651   4.584   1.00 21.20 ? 76  LEU A CG  1 
ATOM   404  C CD1 . LEU A 1 88  ? 3.948   3.333   3.832   1.00 20.74 ? 76  LEU A CD1 1 
ATOM   405  C CD2 . LEU A 1 88  ? 3.482   4.419   6.031   1.00 19.16 ? 76  LEU A CD2 1 
ATOM   406  N N   . ASP A 1 89  ? 4.760   7.880   2.664   1.00 19.39 ? 77  ASP A N   1 
ATOM   407  C CA  . ASP A 1 89  ? 3.908   8.872   1.997   1.00 19.46 ? 77  ASP A CA  1 
ATOM   408  C C   . ASP A 1 89  ? 4.162   8.798   0.491   1.00 19.89 ? 77  ASP A C   1 
ATOM   409  O O   . ASP A 1 89  ? 3.212   8.814   -0.288  1.00 19.07 ? 77  ASP A O   1 
ATOM   410  C CB  . ASP A 1 89  ? 4.170   10.267  2.568   1.00 20.65 ? 77  ASP A CB  1 
ATOM   411  C CG  . ASP A 1 89  ? 3.250   11.299  1.977   1.00 27.52 ? 77  ASP A CG  1 
ATOM   412  O OD1 . ASP A 1 89  ? 3.604   11.825  0.918   1.00 32.88 ? 77  ASP A OD1 1 
ATOM   413  O OD2 . ASP A 1 89  ? 2.171   11.524  2.539   1.00 37.34 ? 77  ASP A OD2 1 
ATOM   414  N N   . ARG A 1 90  ? 5.419   8.661   0.062   1.00 19.51 ? 78  ARG A N   1 
ATOM   415  C CA  . ARG A 1 90  ? 5.705   8.596   -1.398  1.00 21.97 ? 78  ARG A CA  1 
ATOM   416  C C   . ARG A 1 90  ? 5.093   7.334   -2.015  1.00 18.00 ? 78  ARG A C   1 
ATOM   417  O O   . ARG A 1 90  ? 4.461   7.440   -3.075  1.00 19.10 ? 78  ARG A O   1 
ATOM   418  C CB  . ARG A 1 90  ? 7.211   8.667   -1.646  1.00 28.30 ? 78  ARG A CB  1 
ATOM   419  C CG  . ARG A 1 90  ? 7.823   9.987   -1.197  1.00 39.74 ? 78  ARG A CG  1 
ATOM   420  C CD  . ARG A 1 90  ? 7.614   11.178  -2.126  1.00 49.76 ? 78  ARG A CD  1 
ATOM   421  N NE  . ARG A 1 90  ? 8.221   12.405  -1.577  1.00 56.64 ? 78  ARG A NE  1 
ATOM   422  C CZ  . ARG A 1 90  ? 9.477   12.824  -1.785  1.00 65.77 ? 78  ARG A CZ  1 
ATOM   423  N NH1 . ARG A 1 90  ? 10.299  12.138  -2.567  1.00 64.23 ? 78  ARG A NH1 1 
ATOM   424  N NH2 . ARG A 1 90  ? 9.900   13.946  -1.211  1.00 65.13 ? 78  ARG A NH2 1 
ATOM   425  N N   . VAL A 1 91  ? 5.239   6.208   -1.347  1.00 18.32 ? 79  VAL A N   1 
ATOM   426  C CA  . VAL A 1 91  ? 4.791   4.913   -1.922  1.00 18.12 ? 79  VAL A CA  1 
ATOM   427  C C   . VAL A 1 91  ? 3.266   4.913   -1.924  1.00 18.97 ? 79  VAL A C   1 
ATOM   428  O O   . VAL A 1 91  ? 2.627   4.508   -2.913  1.00 17.42 ? 79  VAL A O   1 
ATOM   429  C CB  . VAL A 1 91  ? 5.397   3.750   -1.119  1.00 20.71 ? 79  VAL A CB  1 
ATOM   430  C CG1 . VAL A 1 91  ? 4.770   2.400   -1.486  1.00 21.96 ? 79  VAL A CG1 1 
ATOM   431  C CG2 . VAL A 1 91  ? 6.904   3.710   -1.291  1.00 19.76 ? 79  VAL A CG2 1 
ATOM   432  N N   . VAL A 1 92  ? 2.656   5.355   -0.838  1.00 16.92 ? 80  VAL A N   1 
ATOM   433  C CA  . VAL A 1 92  ? 1.171   5.407   -0.740  1.00 16.96 ? 80  VAL A CA  1 
ATOM   434  C C   . VAL A 1 92  ? 0.578   6.299   -1.810  1.00 16.10 ? 80  VAL A C   1 
ATOM   435  O O   . VAL A 1 92  ? -0.375  5.945   -2.487  1.00 16.79 ? 80  VAL A O   1 
ATOM   436  C CB  . VAL A 1 92  ? 0.755   5.845   0.672   1.00 18.43 ? 80  VAL A CB  1 
ATOM   437  C CG1 . VAL A 1 92  ? -0.663  6.375   0.754   1.00 23.13 ? 80  VAL A CG1 1 
ATOM   438  C CG2 . VAL A 1 92  ? 0.994   4.727   1.680   1.00 19.78 ? 80  VAL A CG2 1 
ATOM   439  N N   . ASN A 1 93  ? 1.195   7.476   -2.013  1.00 17.46 ? 81  ASN A N   1 
ATOM   440  C CA  . ASN A 1 93  ? 0.702   8.374   -3.081  1.00 18.52 ? 81  ASN A CA  1 
ATOM   441  C C   . ASN A 1 93  ? 0.959   7.785   -4.474  1.00 18.10 ? 81  ASN A C   1 
ATOM   442  O O   . ASN A 1 93  ? 0.138   7.987   -5.351  1.00 18.45 ? 81  ASN A O   1 
ATOM   443  C CB  . ASN A 1 93  ? 1.295   9.768   -2.887  1.00 19.42 ? 81  ASN A CB  1 
ATOM   444  C CG  . ASN A 1 93  ? 0.468   10.585  -1.914  1.00 20.90 ? 81  ASN A CG  1 
ATOM   445  O OD1 . ASN A 1 93  ? -0.601  11.111  -2.276  1.00 24.60 ? 81  ASN A OD1 1 
ATOM   446  N ND2 . ASN A 1 93  ? 0.915   10.614  -0.676  1.00 23.77 ? 81  ASN A ND2 1 
ATOM   447  N N   . GLN A 1 94  ? 2.051   7.073   -4.675  1.00 17.34 ? 82  GLN A N   1 
ATOM   448  C CA  . GLN A 1 94  ? 2.319   6.382   -5.956  1.00 17.71 ? 82  GLN A CA  1 
ATOM   449  C C   . GLN A 1 94  ? 1.166   5.414   -6.268  1.00 17.86 ? 82  GLN A C   1 
ATOM   450  O O   . GLN A 1 94  ? 0.654   5.369   -7.389  1.00 18.06 ? 82  GLN A O   1 
ATOM   451  C CB  . GLN A 1 94  ? 3.665   5.674   -5.900  1.00 19.65 ? 82  GLN A CB  1 
ATOM   452  C CG  . GLN A 1 94  ? 4.043   5.009   -7.199  1.00 24.40 ? 82  GLN A CG  1 
ATOM   453  C CD  . GLN A 1 94  ? 5.395   4.311   -7.131  1.00 30.33 ? 82  GLN A CD  1 
ATOM   454  O OE1 . GLN A 1 94  ? 5.730   3.494   -7.985  1.00 39.32 ? 82  GLN A OE1 1 
ATOM   455  N NE2 . GLN A 1 94  ? 6.144   4.526   -6.062  1.00 33.61 ? 82  GLN A NE2 1 
ATOM   456  N N   . ALA A 1 95  ? 0.777   4.613   -5.274  1.00 16.85 ? 83  ALA A N   1 
ATOM   457  C CA  . ALA A 1 95  ? -0.309  3.631   -5.486  1.00 15.60 ? 83  ALA A CA  1 
ATOM   458  C C   . ALA A 1 95  ? -1.616  4.404   -5.782  1.00 14.76 ? 83  ALA A C   1 
ATOM   459  O O   . ALA A 1 95  ? -2.388  4.013   -6.641  1.00 17.03 ? 83  ALA A O   1 
ATOM   460  C CB  . ALA A 1 95  ? -0.442  2.728   -4.255  1.00 16.29 ? 83  ALA A CB  1 
ATOM   461  N N   . ASP A 1 96  ? -1.909  5.424   -4.997  1.00 16.24 ? 84  ASP A N   1 
ATOM   462  C CA  . ASP A 1 96  ? -3.136  6.203   -5.128  1.00 16.02 ? 84  ASP A CA  1 
ATOM   463  C C   . ASP A 1 96  ? -3.220  6.836   -6.524  1.00 16.51 ? 84  ASP A C   1 
ATOM   464  O O   . ASP A 1 96  ? -4.268  6.673   -7.142  1.00 17.88 ? 84  ASP A O   1 
ATOM   465  C CB  . ASP A 1 96  ? -3.222  7.270   -4.056  1.00 16.49 ? 84  ASP A CB  1 
ATOM   466  C CG  . ASP A 1 96  ? -4.610  7.863   -3.993  1.00 19.05 ? 84  ASP A CG  1 
ATOM   467  O OD1 . ASP A 1 96  ? -5.585  7.081   -3.786  1.00 20.26 ? 84  ASP A OD1 1 
ATOM   468  O OD2 . ASP A 1 96  ? -4.722  9.125   -4.205  1.00 21.27 ? 84  ASP A OD2 1 
ATOM   469  N N   . MET A 1 97  ? -2.122  7.435   -6.989  1.00 18.76 ? 85  MET A N   1 
ATOM   470  C CA  . MET A 1 97  ? -2.110  8.081   -8.325  1.00 22.31 ? 85  MET A CA  1 
ATOM   471  C C   . MET A 1 97  ? -2.223  7.017   -9.415  1.00 20.46 ? 85  MET A C   1 
ATOM   472  O O   . MET A 1 97  ? -2.893  7.241   -10.414 1.00 21.58 ? 85  MET A O   1 
ATOM   473  C CB  . MET A 1 97  ? -0.839  8.917   -8.494  1.00 25.66 ? 85  MET A CB  1 
ATOM   474  C CG  . MET A 1 97  ? -0.851  10.147  -7.662  1.00 33.03 ? 85  MET A CG  1 
ATOM   475  S SD  . MET A 1 97  ? 0.708   11.055  -7.903  1.00 47.52 ? 85  MET A SD  1 
ATOM   476  C CE  . MET A 1 97  ? 0.521   11.714  -9.566  1.00 45.85 ? 85  MET A CE  1 
ATOM   477  N N   . ALA A 1 98  ? -1.662  5.829   -9.236  1.00 20.12 ? 86  ALA A N   1 
ATOM   478  C CA  . ALA A 1 98  ? -1.843  4.740   -10.216 1.00 18.34 ? 86  ALA A CA  1 
ATOM   479  C C   . ALA A 1 98  ? -3.317  4.333   -10.288 1.00 21.16 ? 86  ALA A C   1 
ATOM   480  O O   . ALA A 1 98  ? -3.829  4.077   -11.359 1.00 21.43 ? 86  ALA A O   1 
ATOM   481  C CB  . ALA A 1 98  ? -0.964  3.568   -9.900  1.00 20.08 ? 86  ALA A CB  1 
ATOM   482  N N   . LEU A 1 99  ? -3.989  4.211   -9.150  1.00 19.02 ? 87  LEU A N   1 
ATOM   483  C CA  . LEU A 1 99  ? -5.399  3.830   -9.181  1.00 19.88 ? 87  LEU A CA  1 
ATOM   484  C C   . LEU A 1 99  ? -6.230  4.958   -9.822  1.00 20.20 ? 87  LEU A C   1 
ATOM   485  O O   . LEU A 1 99  ? -7.116  4.637   -10.618 1.00 23.28 ? 87  LEU A O   1 
ATOM   486  C CB  . LEU A 1 99  ? -5.818  3.544   -7.730  1.00 20.48 ? 87  LEU A CB  1 
ATOM   487  C CG  . LEU A 1 99  ? -7.212  2.983   -7.540  1.00 22.66 ? 87  LEU A CG  1 
ATOM   488  C CD1 . LEU A 1 99  ? -7.386  1.631   -8.226  1.00 25.00 ? 87  LEU A CD1 1 
ATOM   489  C CD2 . LEU A 1 99  ? -7.501  2.876   -6.038  1.00 21.03 ? 87  LEU A CD2 1 
ATOM   490  N N   . GLN A 1 100 ? -5.870  6.202   -9.570  1.00 22.67 ? 88  GLN A N   1 
ATOM   491  C CA  . GLN A 1 100 ? -6.569  7.376   -10.182 1.00 23.86 ? 88  GLN A CA  1 
ATOM   492  C C   . GLN A 1 100 ? -6.401  7.310   -11.698 1.00 27.94 ? 88  GLN A C   1 
ATOM   493  O O   . GLN A 1 100 ? -7.398  7.568   -12.374 1.00 30.11 ? 88  GLN A O   1 
ATOM   494  C CB  . GLN A 1 100 ? -6.032  8.696   -9.642  1.00 27.62 ? 88  GLN A CB  1 
ATOM   495  C CG  . GLN A 1 100 ? -6.586  9.042   -8.274  1.00 37.11 ? 88  GLN A CG  1 
ATOM   496  C CD  . GLN A 1 100 ? -6.040  10.361  -7.782  1.00 46.46 ? 88  GLN A CD  1 
ATOM   497  O OE1 . GLN A 1 100 ? -5.344  10.418  -6.769  1.00 50.43 ? 88  GLN A OE1 1 
ATOM   498  N NE2 . GLN A 1 100 ? -6.320  11.419  -8.532  1.00 40.52 ? 88  GLN A NE2 1 
ATOM   499  N N   . THR A 1 101 ? -5.224  6.884   -12.176 1.00 26.90 ? 89  THR A N   1 
ATOM   500  C CA  . THR A 1 101 ? -4.921  6.808   -13.620 1.00 29.01 ? 89  THR A CA  1 
ATOM   501  C C   . THR A 1 101 ? -5.795  5.741   -14.250 1.00 29.42 ? 89  THR A C   1 
ATOM   502  O O   . THR A 1 101 ? -6.439  6.044   -15.287 1.00 31.61 ? 89  THR A O   1 
ATOM   503  C CB  . THR A 1 101 ? -3.442  6.555   -13.902 1.00 30.57 ? 89  THR A CB  1 
ATOM   504  O OG1 . THR A 1 101 ? -2.753  7.670   -13.357 1.00 34.33 ? 89  THR A OG1 1 
ATOM   505  C CG2 . THR A 1 101 ? -3.154  6.405   -15.379 1.00 34.49 ? 89  THR A CG2 1 
ATOM   506  N N   . LEU A 1 102 ? -5.868  4.551   -13.645 1.00 29.45 ? 90  LEU A N   1 
ATOM   507  C CA  . LEU A 1 102 ? -6.752  3.465   -14.126 1.00 28.41 ? 90  LEU A CA  1 
ATOM   508  C C   . LEU A 1 102 ? -8.187  3.988   -14.179 1.00 29.58 ? 90  LEU A C   1 
ATOM   509  O O   . LEU A 1 102 ? -8.885  3.652   -15.135 1.00 32.93 ? 90  LEU A O   1 
ATOM   510  C CB  . LEU A 1 102 ? -6.722  2.263   -13.169 1.00 31.37 ? 90  LEU A CB  1 
ATOM   511  C CG  . LEU A 1 102 ? -5.603  1.242   -13.283 1.00 38.69 ? 90  LEU A CG  1 
ATOM   512  C CD1 . LEU A 1 102 ? -5.910  0.093   -12.327 1.00 36.27 ? 90  LEU A CD1 1 
ATOM   513  C CD2 . LEU A 1 102 ? -5.445  0.720   -14.710 1.00 37.75 ? 90  LEU A CD2 1 
ATOM   514  N N   . ALA A 1 103 ? -8.629  4.719   -13.142 1.00 32.02 ? 91  ALA A N   1 
ATOM   515  C CA  . ALA A 1 103 ? -10.036 5.149   -12.971 1.00 32.64 ? 91  ALA A CA  1 
ATOM   516  C C   . ALA A 1 103 ? -10.409 6.026   -14.172 1.00 40.24 ? 91  ALA A C   1 
ATOM   517  O O   . ALA A 1 103 ? -11.518 5.882   -14.675 1.00 36.66 ? 91  ALA A O   1 
ATOM   518  C CB  . ALA A 1 103 ? -10.258 5.879   -11.661 1.00 31.29 ? 91  ALA A CB  1 
ATOM   519  N N   . GLU A 1 104 ? -9.474  6.859   -14.629 1.00 36.53 ? 92  GLU A N   1 
ATOM   520  C CA  . GLU A 1 104 ? -9.692  7.834   -15.727 1.00 43.31 ? 92  GLU A CA  1 
ATOM   521  C C   . GLU A 1 104 ? -9.644  7.121   -17.088 1.00 45.09 ? 92  GLU A C   1 
ATOM   522  O O   . GLU A 1 104 ? -10.404 7.530   -17.958 1.00 51.76 ? 92  GLU A O   1 
ATOM   523  C CB  . GLU A 1 104 ? -8.640  8.933   -15.612 1.00 44.28 ? 92  GLU A CB  1 
ATOM   524  C CG  . GLU A 1 104 ? -8.867  9.847   -14.421 1.00 46.87 ? 92  GLU A CG  1 
ATOM   525  C CD  . GLU A 1 104 ? -7.700  10.782  -14.161 1.00 50.35 ? 92  GLU A CD  1 
ATOM   526  O OE1 . GLU A 1 104 ? -6.802  10.829  -15.010 1.00 53.60 ? 92  GLU A OE1 1 
ATOM   527  O OE2 . GLU A 1 104 ? -7.689  11.453  -13.113 1.00 53.05 ? 92  GLU A OE2 1 
ATOM   528  N N   . ASN A 1 105 ? -8.777  6.113   -17.256 1.00 50.22 ? 93  ASN A N   1 
ATOM   529  C CA  . ASN A 1 105 ? -8.546  5.361   -18.525 1.00 49.75 ? 93  ASN A CA  1 
ATOM   530  C C   . ASN A 1 105 ? -8.948  3.904   -18.338 1.00 52.15 ? 93  ASN A C   1 
ATOM   531  O O   . ASN A 1 105 ? -8.077  3.033   -18.304 1.00 52.06 ? 93  ASN A O   1 
ATOM   532  C CB  . ASN A 1 105 ? -7.080  5.417   -18.956 1.00 51.24 ? 93  ASN A CB  1 
ATOM   533  C CG  . ASN A 1 105 ? -6.532  6.823   -18.907 1.00 52.56 ? 93  ASN A CG  1 
ATOM   534  O OD1 . ASN A 1 105 ? -6.826  7.629   -19.779 1.00 57.13 ? 93  ASN A OD1 1 
ATOM   535  N ND2 . ASN A 1 105 ? -5.770  7.136   -17.874 1.00 51.40 ? 93  ASN A ND2 1 
ATOM   536  N N   . PRO A 1 106 ? -10.263 3.596   -18.208 1.00 55.15 ? 94  PRO A N   1 
ATOM   537  C CA  . PRO A 1 106 ? -10.716 2.207   -18.037 1.00 58.22 ? 94  PRO A CA  1 
ATOM   538  C C   . PRO A 1 106 ? -10.094 1.204   -19.040 1.00 55.82 ? 94  PRO A C   1 
ATOM   539  O O   . PRO A 1 106 ? -10.089 1.514   -20.218 1.00 55.87 ? 94  PRO A O   1 
ATOM   540  C CB  . PRO A 1 106 ? -12.244 2.333   -18.253 1.00 56.78 ? 94  PRO A CB  1 
ATOM   541  C CG  . PRO A 1 106 ? -12.448 3.699   -18.897 1.00 55.67 ? 94  PRO A CG  1 
ATOM   542  C CD  . PRO A 1 106 ? -11.379 4.559   -18.266 1.00 51.58 ? 94  PRO A CD  1 
ATOM   543  N N   . ALA A 1 107 ? -9.596  0.038   -18.585 1.00 48.84 ? 95  ALA A N   1 
ATOM   544  C CA  . ALA A 1 107 ? -9.148  -1.079  -19.465 1.00 42.84 ? 95  ALA A CA  1 
ATOM   545  C C   . ALA A 1 107 ? -10.366 -1.763  -20.103 1.00 44.76 ? 95  ALA A C   1 
ATOM   546  O O   . ALA A 1 107 ? -11.429 -1.892  -19.442 1.00 46.87 ? 95  ALA A O   1 
ATOM   547  C CB  . ALA A 1 107 ? -8.289  -2.081  -18.728 1.00 41.28 ? 95  ALA A CB  1 
ATOM   548  N N   . ASP A 1 108 ? -10.194 -2.224  -21.342 1.00 42.39 ? 96  ASP A N   1 
ATOM   549  C CA  . ASP A 1 108 ? -11.268 -2.716  -22.246 1.00 46.70 ? 96  ASP A CA  1 
ATOM   550  C C   . ASP A 1 108 ? -11.215 -4.244  -22.189 1.00 47.70 ? 96  ASP A C   1 
ATOM   551  O O   . ASP A 1 108 ? -10.503 -4.870  -23.021 1.00 46.26 ? 96  ASP A O   1 
ATOM   552  C CB  . ASP A 1 108 ? -11.061 -2.103  -23.636 1.00 53.71 ? 96  ASP A CB  1 
ATOM   553  C CG  . ASP A 1 108 ? -12.004 -2.576  -24.726 1.00 61.40 ? 96  ASP A CG  1 
ATOM   554  O OD1 . ASP A 1 108 ? -12.921 -3.384  -24.427 1.00 61.72 ? 96  ASP A OD1 1 
ATOM   555  O OD2 . ASP A 1 108 ? -11.799 -2.133  -25.875 1.00 68.60 ? 96  ASP A OD2 1 
ATOM   556  N N   . THR A 1 109 ? -11.864 -4.811  -21.169 1.00 48.30 ? 97  THR A N   1 
ATOM   557  C CA  . THR A 1 109 ? -11.691 -6.222  -20.737 1.00 44.10 ? 97  THR A CA  1 
ATOM   558  C C   . THR A 1 109 ? -12.878 -6.564  -19.812 1.00 40.98 ? 97  THR A C   1 
ATOM   559  O O   . THR A 1 109 ? -13.716 -5.685  -19.557 1.00 39.66 ? 97  THR A O   1 
ATOM   560  C CB  . THR A 1 109 ? -10.267 -6.388  -20.184 1.00 44.79 ? 97  THR A CB  1 
ATOM   561  O OG1 . THR A 1 109 ? -9.935  -7.776  -20.084 1.00 44.89 ? 97  THR A OG1 1 
ATOM   562  C CG2 . THR A 1 109 ? -10.084 -5.667  -18.861 1.00 46.59 ? 97  THR A CG2 1 
ATOM   563  N N   . ASP A 1 110 ? -12.978 -7.812  -19.349 1.00 37.65 ? 98  ASP A N   1 
ATOM   564  C CA  . ASP A 1 110 ? -14.159 -8.289  -18.594 1.00 34.46 ? 98  ASP A CA  1 
ATOM   565  C C   . ASP A 1 110 ? -14.041 -7.804  -17.138 1.00 34.04 ? 98  ASP A C   1 
ATOM   566  O O   . ASP A 1 110 ? -13.003 -7.212  -16.765 1.00 31.70 ? 98  ASP A O   1 
ATOM   567  C CB  . ASP A 1 110 ? -14.295 -9.806  -18.748 1.00 36.56 ? 98  ASP A CB  1 
ATOM   568  C CG  . ASP A 1 110 ? -13.072 -10.591 -18.324 1.00 38.59 ? 98  ASP A CG  1 
ATOM   569  O OD1 . ASP A 1 110 ? -12.351 -10.122 -17.445 1.00 32.24 ? 98  ASP A OD1 1 
ATOM   570  O OD2 . ASP A 1 110 ? -12.862 -11.659 -18.882 1.00 48.83 ? 98  ASP A OD2 1 
ATOM   571  N N   . ARG A 1 111 ? -15.066 -8.041  -16.332 1.00 28.60 ? 99  ARG A N   1 
ATOM   572  C CA  . ARG A 1 111 ? -15.088 -7.572  -14.927 1.00 29.01 ? 99  ARG A CA  1 
ATOM   573  C C   . ARG A 1 111 ? -13.953 -8.245  -14.129 1.00 27.31 ? 99  ARG A C   1 
ATOM   574  O O   . ARG A 1 111 ? -13.371 -7.558  -13.273 1.00 24.13 ? 99  ARG A O   1 
ATOM   575  C CB  . ARG A 1 111 ? -16.482 -7.808  -14.338 1.00 32.02 ? 99  ARG A CB  1 
ATOM   576  C CG  . ARG A 1 111 ? -16.798 -9.267  -14.066 1.00 34.78 ? 99  ARG A CG  1 
ATOM   577  C CD  . ARG A 1 111 ? -18.281 -9.593  -14.062 1.00 36.49 ? 99  ARG A CD  1 
ATOM   578  N NE  . ARG A 1 111 ? -18.436 -10.951 -13.580 1.00 36.30 ? 99  ARG A NE  1 
ATOM   579  C CZ  . ARG A 1 111 ? -19.608 -11.527 -13.331 1.00 37.74 ? 99  ARG A CZ  1 
ATOM   580  N NH1 . ARG A 1 111 ? -20.714 -10.841 -13.506 1.00 37.28 ? 99  ARG A NH1 1 
ATOM   581  N NH2 . ARG A 1 111 ? -19.658 -12.771 -12.898 1.00 41.02 ? 99  ARG A NH2 1 
ATOM   582  N N   . GLU A 1 112 ? -13.612 -9.513  -14.359 1.00 25.09 ? 100 GLU A N   1 
ATOM   583  C CA  . GLU A 1 112 ? -12.544 -10.152 -13.560 1.00 24.35 ? 100 GLU A CA  1 
ATOM   584  C C   . GLU A 1 112 ? -11.229 -9.406  -13.817 1.00 23.18 ? 100 GLU A C   1 
ATOM   585  O O   . GLU A 1 112 ? -10.423 -9.076  -12.907 1.00 22.42 ? 100 GLU A O   1 
ATOM   586  C CB  . GLU A 1 112 ? -12.437 -11.627 -13.894 1.00 27.73 ? 100 GLU A CB  1 
ATOM   587  C CG  . GLU A 1 112 ? -11.242 -12.245 -13.247 1.00 29.86 ? 100 GLU A CG  1 
ATOM   588  C CD  . GLU A 1 112 ? -11.135 -13.747 -13.319 1.00 36.19 ? 100 GLU A CD  1 
ATOM   589  O OE1 . GLU A 1 112 ? -12.175 -14.410 -13.505 1.00 50.29 ? 100 GLU A OE1 1 
ATOM   590  O OE2 . GLU A 1 112 ? -10.005 -14.247 -13.176 1.00 45.49 ? 100 GLU A OE2 1 
ATOM   591  N N   . ASN A 1 113 ? -10.978 -9.090  -15.073 1.00 21.97 ? 101 ASN A N   1 
ATOM   592  C CA  . ASN A 1 113 ? -9.708  -8.405  -15.412 1.00 23.37 ? 101 ASN A CA  1 
ATOM   593  C C   . ASN A 1 113 ? -9.713  -6.957  -14.910 1.00 19.88 ? 101 ASN A C   1 
ATOM   594  O O   . ASN A 1 113 ? -8.612  -6.409  -14.536 1.00 22.17 ? 101 ASN A O   1 
ATOM   595  C CB  . ASN A 1 113 ? -9.506  -8.449  -16.935 1.00 28.89 ? 101 ASN A CB  1 
ATOM   596  C CG  . ASN A 1 113 ? -8.046  -8.624  -17.257 1.00 37.07 ? 101 ASN A CG  1 
ATOM   597  O OD1 . ASN A 1 113 ? -7.429  -7.664  -17.708 1.00 51.73 ? 101 ASN A OD1 1 
ATOM   598  N ND2 . ASN A 1 113 ? -7.496  -9.801  -16.969 1.00 39.35 ? 101 ASN A ND2 1 
ATOM   599  N N   . MET A 1 114 ? -10.860 -6.290  -14.870 1.00 20.42 ? 102 MET A N   1 
ATOM   600  C CA  . MET A 1 114 ? -11.031 -4.937  -14.289 1.00 20.51 ? 102 MET A CA  1 
ATOM   601  C C   . MET A 1 114 ? -10.507 -5.002  -12.826 1.00 18.71 ? 102 MET A C   1 
ATOM   602  O O   . MET A 1 114 ? -9.682  -4.153  -12.426 1.00 18.93 ? 102 MET A O   1 
ATOM   603  C CB  . MET A 1 114 ? -12.498 -4.457  -14.324 1.00 28.14 ? 102 MET A CB  1 
ATOM   604  C CG  . MET A 1 114 ? -12.744 -3.128  -13.563 1.00 31.59 ? 102 MET A CG  1 
ATOM   605  S SD  . MET A 1 114 ? -14.479 -2.399  -13.469 1.00 35.26 ? 102 MET A SD  1 
ATOM   606  C CE  . MET A 1 114 ? -15.274 -3.428  -12.230 1.00 29.39 ? 102 MET A CE  1 
ATOM   607  N N   . TRP A 1 115 ? -11.078 -5.894  -12.030 1.00 18.59 ? 103 TRP A N   1 
ATOM   608  C CA  . TRP A 1 115 ? -10.697 -5.955  -10.600 1.00 15.78 ? 103 TRP A CA  1 
ATOM   609  C C   . TRP A 1 115 ? -9.211  -6.341  -10.506 1.00 15.16 ? 103 TRP A C   1 
ATOM   610  O O   . TRP A 1 115 ? -8.494  -5.816  -9.627  1.00 15.60 ? 103 TRP A O   1 
ATOM   611  C CB  . TRP A 1 115 ? -11.618 -6.899  -9.820  1.00 17.48 ? 103 TRP A CB  1 
ATOM   612  C CG  . TRP A 1 115 ? -12.989 -6.315  -9.655  1.00 15.81 ? 103 TRP A CG  1 
ATOM   613  C CD1 . TRP A 1 115 ? -14.124 -6.714  -10.306 1.00 19.08 ? 103 TRP A CD1 1 
ATOM   614  C CD2 . TRP A 1 115 ? -13.377 -5.216  -8.822  1.00 16.37 ? 103 TRP A CD2 1 
ATOM   615  N NE1 . TRP A 1 115 ? -15.188 -5.948  -9.916  1.00 17.37 ? 103 TRP A NE1 1 
ATOM   616  C CE2 . TRP A 1 115 ? -14.775 -5.015  -9.018  1.00 16.87 ? 103 TRP A CE2 1 
ATOM   617  C CE3 . TRP A 1 115 ? -12.703 -4.365  -7.957  1.00 16.24 ? 103 TRP A CE3 1 
ATOM   618  C CZ2 . TRP A 1 115 ? -15.481 -4.024  -8.354  1.00 16.73 ? 103 TRP A CZ2 1 
ATOM   619  C CZ3 . TRP A 1 115 ? -13.394 -3.350  -7.330  1.00 16.84 ? 103 TRP A CZ3 1 
ATOM   620  C CH2 . TRP A 1 115 ? -14.764 -3.190  -7.532  1.00 18.22 ? 103 TRP A CH2 1 
ATOM   621  N N   . ARG A 1 116 ? -8.756  -7.270  -11.319 1.00 15.53 ? 104 ARG A N   1 
ATOM   622  C CA  . ARG A 1 116 ? -7.339  -7.676  -11.298 1.00 15.34 ? 104 ARG A CA  1 
ATOM   623  C C   . ARG A 1 116 ? -6.433  -6.469  -11.548 1.00 15.55 ? 104 ARG A C   1 
ATOM   624  O O   . ARG A 1 116 ? -5.385  -6.303  -10.865 1.00 13.88 ? 104 ARG A O   1 
ATOM   625  C CB  . ARG A 1 116 ? -7.077  -8.797  -12.300 1.00 16.51 ? 104 ARG A CB  1 
ATOM   626  C CG  . ARG A 1 116 ? -5.652  -9.315  -12.225 1.00 18.25 ? 104 ARG A CG  1 
ATOM   627  C CD  . ARG A 1 116 ? -5.247  -10.482 -13.088 1.00 24.45 ? 104 ARG A CD  1 
ATOM   628  N NE  . ARG A 1 116 ? -6.378  -11.214 -13.558 1.00 34.68 ? 104 ARG A NE  1 
ATOM   629  C CZ  . ARG A 1 116 ? -6.912  -12.344 -13.100 1.00 41.20 ? 104 ARG A CZ  1 
ATOM   630  N NH1 . ARG A 1 116 ? -6.438  -13.062 -12.079 1.00 36.45 ? 104 ARG A NH1 1 
ATOM   631  N NH2 . ARG A 1 116 ? -7.977  -12.776 -13.752 1.00 47.21 ? 104 ARG A NH2 1 
ATOM   632  N N   . THR A 1 117 ? -6.775  -5.586  -12.502 1.00 16.31 ? 105 THR A N   1 
ATOM   633  C CA  . THR A 1 117 ? -5.925  -4.408  -12.738 1.00 16.07 ? 105 THR A CA  1 
ATOM   634  C C   . THR A 1 117 ? -5.878  -3.512  -11.531 1.00 15.30 ? 105 THR A C   1 
ATOM   635  O O   . THR A 1 117 ? -4.806  -2.982  -11.223 1.00 16.94 ? 105 THR A O   1 
ATOM   636  C CB  . THR A 1 117 ? -6.398  -3.681  -14.015 1.00 18.62 ? 105 THR A CB  1 
ATOM   637  O OG1 . THR A 1 117 ? -7.701  -3.129  -13.805 1.00 31.90 ? 105 THR A OG1 1 
ATOM   638  C CG2 . THR A 1 117 ? -6.462  -4.635  -15.145 1.00 16.35 ? 105 THR A CG2 1 
ATOM   639  N N   . GLY A 1 118 ? -6.985  -3.334  -10.795 1.00 16.16 ? 106 GLY A N   1 
ATOM   640  C CA  . GLY A 1 118 ? -6.991  -2.520  -9.584  1.00 15.42 ? 106 GLY A CA  1 
ATOM   641  C C   . GLY A 1 118 ? -6.153  -3.133  -8.471  1.00 14.54 ? 106 GLY A C   1 
ATOM   642  O O   . GLY A 1 118 ? -5.352  -2.468  -7.860  1.00 14.81 ? 106 GLY A O   1 
ATOM   643  N N   . ILE A 1 119 ? -6.364  -4.396  -8.173  1.00 12.70 ? 107 ILE A N   1 
ATOM   644  C CA  . ILE A 1 119 ? -5.580  -5.056  -7.083  1.00 12.07 ? 107 ILE A CA  1 
ATOM   645  C C   . ILE A 1 119 ? -4.111  -4.991  -7.474  1.00 12.30 ? 107 ILE A C   1 
ATOM   646  O O   . ILE A 1 119 ? -3.225  -4.805  -6.616  1.00 12.10 ? 107 ILE A O   1 
ATOM   647  C CB  . ILE A 1 119 ? -6.076  -6.500  -6.827  1.00 12.94 ? 107 ILE A CB  1 
ATOM   648  C CG1 . ILE A 1 119 ? -7.551  -6.476  -6.390  1.00 13.39 ? 107 ILE A CG1 1 
ATOM   649  C CG2 . ILE A 1 119 ? -5.175  -7.204  -5.832  1.00 12.67 ? 107 ILE A CG2 1 
ATOM   650  C CD1 . ILE A 1 119 ? -8.162  -7.834  -6.340  1.00 15.52 ? 107 ILE A CD1 1 
ATOM   651  N N   . ASN A 1 120 ? -3.819  -5.178  -8.755  1.00 12.33 ? 108 ASN A N   1 
ATOM   652  C CA  . ASN A 1 120 ? -2.425  -5.170  -9.218  1.00 12.91 ? 108 ASN A CA  1 
ATOM   653  C C   . ASN A 1 120 ? -1.702  -3.852  -8.930  1.00 12.97 ? 108 ASN A C   1 
ATOM   654  O O   . ASN A 1 120 ? -0.484  -3.844  -8.787  1.00 13.23 ? 108 ASN A O   1 
ATOM   655  C CB  . ASN A 1 120 ? -2.367  -5.467  -10.713 1.00 12.42 ? 108 ASN A CB  1 
ATOM   656  C CG  . ASN A 1 120 ? -0.950  -5.745  -11.184 1.00 14.81 ? 108 ASN A CG  1 
ATOM   657  O OD1 . ASN A 1 120 ? -0.263  -6.632  -10.683 1.00 13.49 ? 108 ASN A OD1 1 
ATOM   658  N ND2 . ASN A 1 120 ? -0.512  -4.943  -12.167 1.00 14.20 ? 108 ASN A ND2 1 
ATOM   659  N N   . VAL A 1 121 ? -2.405  -2.733  -8.888  1.00 13.51 ? 109 VAL A N   1 
ATOM   660  C CA  . VAL A 1 121 ? -1.762  -1.451  -8.498  1.00 14.42 ? 109 VAL A CA  1 
ATOM   661  C C   . VAL A 1 121 ? -1.076  -1.635  -7.153  1.00 13.73 ? 109 VAL A C   1 
ATOM   662  O O   . VAL A 1 121 ? 0.035   -1.166  -6.944  1.00 14.75 ? 109 VAL A O   1 
ATOM   663  C CB  . VAL A 1 121 ? -2.791  -0.304  -8.417  1.00 16.98 ? 109 VAL A CB  1 
ATOM   664  C CG1 . VAL A 1 121 ? -2.265  0.888   -7.666  1.00 19.43 ? 109 VAL A CG1 1 
ATOM   665  C CG2 . VAL A 1 121 ? -3.233  0.080   -9.813  1.00 20.36 ? 109 VAL A CG2 1 
ATOM   666  N N   . PHE A 1 122 ? -1.768  -2.255  -6.205  1.00 14.07 ? 110 PHE A N   1 
ATOM   667  C CA  . PHE A 1 122 ? -1.226  -2.401  -4.854  1.00 13.27 ? 110 PHE A CA  1 
ATOM   668  C C   . PHE A 1 122 ? -0.146  -3.479  -4.807  1.00 13.29 ? 110 PHE A C   1 
ATOM   669  O O   . PHE A 1 122 ? 0.886   -3.297  -4.154  1.00 13.61 ? 110 PHE A O   1 
ATOM   670  C CB  . PHE A 1 122 ? -2.387  -2.643  -3.877  1.00 13.20 ? 110 PHE A CB  1 
ATOM   671  C CG  . PHE A 1 122 ? -3.295  -1.448  -3.836  1.00 12.62 ? 110 PHE A CG  1 
ATOM   672  C CD1 . PHE A 1 122 ? -2.919  -0.320  -3.120  1.00 13.25 ? 110 PHE A CD1 1 
ATOM   673  C CD2 . PHE A 1 122 ? -4.412  -1.381  -4.657  1.00 13.71 ? 110 PHE A CD2 1 
ATOM   674  C CE1 . PHE A 1 122 ? -3.734  0.803   -3.107  1.00 12.51 ? 110 PHE A CE1 1 
ATOM   675  C CE2 . PHE A 1 122 ? -5.199  -0.250  -4.667  1.00 14.65 ? 110 PHE A CE2 1 
ATOM   676  C CZ  . PHE A 1 122 ? -4.842  0.843   -3.927  1.00 13.80 ? 110 PHE A CZ  1 
ATOM   677  N N   . PHE A 1 123 ? -0.381  -4.591  -5.488  1.00 12.52 ? 111 PHE A N   1 
ATOM   678  C CA  . PHE A 1 123 ? 0.601   -5.692  -5.603  1.00 12.79 ? 111 PHE A CA  1 
ATOM   679  C C   . PHE A 1 123 ? 1.939   -5.148  -6.150  1.00 13.03 ? 111 PHE A C   1 
ATOM   680  O O   . PHE A 1 123 ? 2.988   -5.392  -5.573  1.00 13.92 ? 111 PHE A O   1 
ATOM   681  C CB  . PHE A 1 123 ? 0.011   -6.783  -6.503  1.00 13.51 ? 111 PHE A CB  1 
ATOM   682  C CG  . PHE A 1 123 ? 0.925   -7.955  -6.726  1.00 12.81 ? 111 PHE A CG  1 
ATOM   683  C CD1 . PHE A 1 123 ? 1.271   -8.862  -5.739  1.00 13.35 ? 111 PHE A CD1 1 
ATOM   684  C CD2 . PHE A 1 123 ? 1.449   -8.187  -7.986  1.00 14.41 ? 111 PHE A CD2 1 
ATOM   685  C CE1 . PHE A 1 123 ? 2.083   -9.955  -6.006  1.00 13.64 ? 111 PHE A CE1 1 
ATOM   686  C CE2 . PHE A 1 123 ? 2.293   -9.272  -8.238  1.00 14.76 ? 111 PHE A CE2 1 
ATOM   687  C CZ  . PHE A 1 123 ? 2.595   -10.151 -7.254  1.00 14.01 ? 111 PHE A CZ  1 
ATOM   688  N N   . GLU A 1 124 ? 1.883   -4.423  -7.280  1.00 13.08 ? 112 GLU A N   1 
ATOM   689  C CA  . GLU A 1 124 ? 3.126   -3.921  -7.906  1.00 13.63 ? 112 GLU A CA  1 
ATOM   690  C C   . GLU A 1 124 ? 3.706   -2.757  -7.112  1.00 14.39 ? 112 GLU A C   1 
ATOM   691  O O   . GLU A 1 124 ? 4.949   -2.728  -6.949  1.00 16.91 ? 112 GLU A O   1 
ATOM   692  C CB  . GLU A 1 124 ? 2.844   -3.471  -9.338  1.00 17.15 ? 112 GLU A CB  1 
ATOM   693  C CG  . GLU A 1 124 ? 2.745   -4.633  -10.277 1.00 19.89 ? 112 GLU A CG  1 
ATOM   694  C CD  . GLU A 1 124 ? 4.054   -5.383  -10.481 1.00 23.89 ? 112 GLU A CD  1 
ATOM   695  O OE1 . GLU A 1 124 ? 5.165   -4.771  -10.270 1.00 24.79 ? 112 GLU A OE1 1 
ATOM   696  O OE2 . GLU A 1 124 ? 3.954   -6.610  -10.752 1.00 25.09 ? 112 GLU A OE2 1 
ATOM   697  N N   . THR A 1 125 ? 2.884   -1.825  -6.634  1.00 13.71 ? 113 THR A N   1 
ATOM   698  C CA  . THR A 1 125 ? 3.450   -0.627  -5.997  1.00 14.80 ? 113 THR A CA  1 
ATOM   699  C C   . THR A 1 125 ? 4.102   -1.015  -4.679  1.00 17.20 ? 113 THR A C   1 
ATOM   700  O O   . THR A 1 125 ? 5.274   -0.719  -4.433  1.00 16.60 ? 113 THR A O   1 
ATOM   701  C CB  . THR A 1 125 ? 2.426   0.493   -5.841  1.00 15.59 ? 113 THR A CB  1 
ATOM   702  O OG1 . THR A 1 125 ? 1.849   0.845   -7.104  1.00 17.04 ? 113 THR A OG1 1 
ATOM   703  C CG2 . THR A 1 125 ? 3.073   1.698   -5.182  1.00 18.67 ? 113 THR A CG2 1 
ATOM   704  N N   . PHE A 1 126 ? 3.386   -1.660  -3.767  1.00 13.93 ? 114 PHE A N   1 
ATOM   705  C CA  . PHE A 1 126 ? 3.920   -2.048  -2.448  1.00 13.94 ? 114 PHE A CA  1 
ATOM   706  C C   . PHE A 1 126 ? 4.949   -3.165  -2.638  1.00 15.44 ? 114 PHE A C   1 
ATOM   707  O O   . PHE A 1 126 ? 5.903   -3.189  -1.958  1.00 14.91 ? 114 PHE A O   1 
ATOM   708  C CB  . PHE A 1 126 ? 2.787   -2.348  -1.466  1.00 13.99 ? 114 PHE A CB  1 
ATOM   709  C CG  . PHE A 1 126 ? 2.051   -1.108  -1.030  1.00 15.06 ? 114 PHE A CG  1 
ATOM   710  C CD1 . PHE A 1 126 ? 2.578   -0.313  -0.020  1.00 17.79 ? 114 PHE A CD1 1 
ATOM   711  C CD2 . PHE A 1 126 ? 0.851   -0.729  -1.572  1.00 15.91 ? 114 PHE A CD2 1 
ATOM   712  C CE1 . PHE A 1 126 ? 1.936   0.837   0.407   1.00 18.37 ? 114 PHE A CE1 1 
ATOM   713  C CE2 . PHE A 1 126 ? 0.202   0.452   -1.173  1.00 17.16 ? 114 PHE A CE2 1 
ATOM   714  C CZ  . PHE A 1 126 ? 0.750   1.231   -0.193  1.00 16.95 ? 114 PHE A CZ  1 
ATOM   715  N N   . GLY A 1 127 ? 4.717   -4.095  -3.563  1.00 15.54 ? 115 GLY A N   1 
ATOM   716  C CA  . GLY A 1 127 ? 5.638   -5.228  -3.765  1.00 16.68 ? 115 GLY A CA  1 
ATOM   717  C C   . GLY A 1 127 ? 6.948   -4.774  -4.391  1.00 16.39 ? 115 GLY A C   1 
ATOM   718  O O   . GLY A 1 127 ? 7.893   -5.543  -4.269  1.00 19.37 ? 115 GLY A O   1 
ATOM   719  N N   . SER A 1 128 ? 6.995   -3.596  -4.968  1.00 17.09 ? 116 SER A N   1 
ATOM   720  C CA  . SER A 1 128 ? 8.241   -3.009  -5.539  1.00 19.73 ? 116 SER A CA  1 
ATOM   721  C C   . SER A 1 128 ? 8.986   -2.251  -4.449  1.00 21.26 ? 116 SER A C   1 
ATOM   722  O O   . SER A 1 128 ? 10.093  -1.797  -4.730  1.00 22.55 ? 116 SER A O   1 
ATOM   723  C CB  . SER A 1 128 ? 7.940   -2.142  -6.705  1.00 21.81 ? 116 SER A CB  1 
ATOM   724  O OG  . SER A 1 128 ? 7.491   -2.975  -7.751  1.00 25.97 ? 116 SER A OG  1 
ATOM   725  N N   . HIS A 1 129 ? 8.353   -1.970  -3.314  1.00 17.12 ? 117 HIS A N   1 
ATOM   726  C CA  . HIS A 1 129 ? 8.961   -1.230  -2.174  1.00 17.92 ? 117 HIS A CA  1 
ATOM   727  C C   . HIS A 1 129 ? 8.746   -2.051  -0.894  1.00 16.95 ? 117 HIS A C   1 
ATOM   728  O O   . HIS A 1 129 ? 8.122   -1.573  0.052   1.00 17.02 ? 117 HIS A O   1 
ATOM   729  C CB  . HIS A 1 129 ? 8.367   0.165   -2.075  1.00 17.50 ? 117 HIS A CB  1 
ATOM   730  C CG  . HIS A 1 129 ? 8.612   0.972   -3.294  1.00 19.15 ? 117 HIS A CG  1 
ATOM   731  N ND1 . HIS A 1 129 ? 9.821   1.642   -3.486  1.00 21.67 ? 117 HIS A ND1 1 
ATOM   732  C CD2 . HIS A 1 129 ? 7.928   1.102   -4.439  1.00 21.98 ? 117 HIS A CD2 1 
ATOM   733  C CE1 . HIS A 1 129 ? 9.808   2.213   -4.679  1.00 22.68 ? 117 HIS A CE1 1 
ATOM   734  N NE2 . HIS A 1 129 ? 8.690   1.898   -5.305  1.00 24.06 ? 117 HIS A NE2 1 
ATOM   735  N N   . LYS A 1 130 ? 9.235   -3.286  -0.853  1.00 16.92 ? 118 LYS A N   1 
ATOM   736  C CA  . LYS A 1 130 ? 8.949   -4.195  0.278   1.00 17.56 ? 118 LYS A CA  1 
ATOM   737  C C   . LYS A 1 130 ? 9.503   -3.673  1.589   1.00 17.49 ? 118 LYS A C   1 
ATOM   738  O O   . LYS A 1 130 ? 8.835   -3.807  2.604   1.00 16.94 ? 118 LYS A O   1 
ATOM   739  C CB  . LYS A 1 130 ? 9.479   -5.596  0.011   1.00 17.90 ? 118 LYS A CB  1 
ATOM   740  C CG  . LYS A 1 130 ? 8.711   -6.359  -1.052  1.00 19.77 ? 118 LYS A CG  1 
ATOM   741  C CD  . LYS A 1 130 ? 9.192   -7.756  -1.121  1.00 22.03 ? 118 LYS A CD  1 
ATOM   742  C CE  . LYS A 1 130 ? 8.307   -8.637  -1.964  1.00 25.12 ? 118 LYS A CE  1 
ATOM   743  N NZ  . LYS A 1 130 ? 8.404   -8.308  -3.394  1.00 27.49 ? 118 LYS A NZ  1 
ATOM   744  N N   . ALA A 1 131 ? 10.703  -3.073  1.583   1.00 17.98 ? 119 ALA A N   1 
ATOM   745  C CA  . ALA A 1 131 ? 11.298  -2.638  2.854   1.00 18.33 ? 119 ALA A CA  1 
ATOM   746  C C   . ALA A 1 131 ? 10.506  -1.446  3.400   1.00 16.41 ? 119 ALA A C   1 
ATOM   747  O O   . ALA A 1 131 ? 10.272  -1.430  4.604   1.00 18.42 ? 119 ALA A O   1 
ATOM   748  C CB  . ALA A 1 131 ? 12.754  -2.292  2.622   1.00 21.16 ? 119 ALA A CB  1 
ATOM   749  N N   . VAL A 1 132 ? 10.094  -0.511  2.561   1.00 16.46 ? 120 VAL A N   1 
ATOM   750  C CA  . VAL A 1 132 ? 9.282   0.637   3.034   1.00 16.81 ? 120 VAL A CA  1 
ATOM   751  C C   . VAL A 1 132 ? 7.925   0.083   3.518   1.00 18.43 ? 120 VAL A C   1 
ATOM   752  O O   . VAL A 1 132 ? 7.388   0.521   4.532   1.00 18.64 ? 120 VAL A O   1 
ATOM   753  C CB  . VAL A 1 132 ? 9.132   1.714   1.955   1.00 17.19 ? 120 VAL A CB  1 
ATOM   754  C CG1 . VAL A 1 132 ? 8.109   2.725   2.412   1.00 16.91 ? 120 VAL A CG1 1 
ATOM   755  C CG2 . VAL A 1 132 ? 10.457  2.406   1.668   1.00 19.72 ? 120 VAL A CG2 1 
ATOM   756  N N   . THR A 1 133 ? 7.352   -0.876  2.782   1.00 17.83 ? 121 THR A N   1 
ATOM   757  C CA  . THR A 1 133 ? 6.051   -1.464  3.173   1.00 18.76 ? 121 THR A CA  1 
ATOM   758  C C   . THR A 1 133 ? 6.134   -2.065  4.590   1.00 18.53 ? 121 THR A C   1 
ATOM   759  O O   . THR A 1 133 ? 5.286   -1.763  5.467   1.00 19.17 ? 121 THR A O   1 
ATOM   760  C CB  . THR A 1 133 ? 5.621   -2.494  2.131   1.00 16.07 ? 121 THR A CB  1 
ATOM   761  O OG1 . THR A 1 133 ? 5.365   -1.843  0.890   1.00 17.19 ? 121 THR A OG1 1 
ATOM   762  C CG2 . THR A 1 133 ? 4.356   -3.215  2.557   1.00 18.04 ? 121 THR A CG2 1 
ATOM   763  N N   . ARG A 1 134 ? 7.129   -2.882  4.813   1.00 16.76 ? 122 ARG A N   1 
ATOM   764  C CA  . ARG A 1 134 ? 7.375   -3.604  6.079   1.00 17.62 ? 122 ARG A CA  1 
ATOM   765  C C   . ARG A 1 134 ? 7.603   -2.591  7.210   1.00 19.56 ? 122 ARG A C   1 
ATOM   766  O O   . ARG A 1 134 ? 6.895   -2.599  8.221   1.00 20.43 ? 122 ARG A O   1 
ATOM   767  C CB  . ARG A 1 134 ? 8.561   -4.543  5.901   1.00 23.33 ? 122 ARG A CB  1 
ATOM   768  C CG  . ARG A 1 134 ? 8.977   -5.238  7.194   1.00 25.96 ? 122 ARG A CG  1 
ATOM   769  C CD  . ARG A 1 134 ? 10.428  -5.715  7.068   1.00 32.72 ? 122 ARG A CD  1 
ATOM   770  N NE  . ARG A 1 134 ? 11.328  -4.646  7.541   1.00 40.47 ? 122 ARG A NE  1 
ATOM   771  C CZ  . ARG A 1 134 ? 12.427  -4.157  6.930   1.00 43.34 ? 122 ARG A CZ  1 
ATOM   772  N NH1 . ARG A 1 134 ? 13.115  -3.184  7.520   1.00 40.69 ? 122 ARG A NH1 1 
ATOM   773  N NH2 . ARG A 1 134 ? 12.841  -4.629  5.759   1.00 44.52 ? 122 ARG A NH2 1 
ATOM   774  N N   . ALA A 1 135 ? 8.498   -1.642  6.972   1.00 19.35 ? 123 ALA A N   1 
ATOM   775  C CA  . ALA A 1 135 ? 8.844   -0.666  8.022   1.00 18.53 ? 123 ALA A CA  1 
ATOM   776  C C   . ALA A 1 135 ? 7.673   0.265   8.296   1.00 17.67 ? 123 ALA A C   1 
ATOM   777  O O   . ALA A 1 135 ? 7.395   0.608   9.508   1.00 18.75 ? 123 ALA A O   1 
ATOM   778  C CB  . ALA A 1 135 ? 10.062  0.093   7.615   1.00 18.94 ? 123 ALA A CB  1 
ATOM   779  N N   . GLY A 1 136 ? 7.006   0.747   7.253   1.00 17.23 ? 124 GLY A N   1 
ATOM   780  C CA  . GLY A 1 136 ? 5.828   1.610   7.403   1.00 19.16 ? 124 GLY A CA  1 
ATOM   781  C C   . GLY A 1 136 ? 4.722   0.908   8.172   1.00 19.12 ? 124 GLY A C   1 
ATOM   782  O O   . GLY A 1 136 ? 4.093   1.520   9.018   1.00 20.12 ? 124 GLY A O   1 
ATOM   783  N N   . GLN A 1 137 ? 4.427   -0.374  7.898   1.00 19.52 ? 125 GLN A N   1 
ATOM   784  C CA  . GLN A 1 137 ? 3.368   -1.040  8.677   1.00 19.67 ? 125 GLN A CA  1 
ATOM   785  C C   . GLN A 1 137 ? 3.792   -1.162  10.146  1.00 19.58 ? 125 GLN A C   1 
ATOM   786  O O   . GLN A 1 137 ? 2.919   -0.994  11.021  1.00 20.71 ? 125 GLN A O   1 
ATOM   787  C CB  . GLN A 1 137 ? 3.049   -2.389  8.024   1.00 19.78 ? 125 GLN A CB  1 
ATOM   788  C CG  . GLN A 1 137 ? 2.381   -2.215  6.660   1.00 20.08 ? 125 GLN A CG  1 
ATOM   789  C CD  . GLN A 1 137 ? 1.058   -1.477  6.708   1.00 19.61 ? 125 GLN A CD  1 
ATOM   790  O OE1 . GLN A 1 137 ? 0.180   -1.859  7.452   1.00 22.66 ? 125 GLN A OE1 1 
ATOM   791  N NE2 . GLN A 1 137 ? 0.924   -0.384  5.954   1.00 19.66 ? 125 GLN A NE2 1 
ATOM   792  N N   . ALA A 1 138 ? 5.041   -1.485  10.418  1.00 20.43 ? 126 ALA A N   1 
ATOM   793  C CA  . ALA A 1 138 ? 5.528   -1.619  11.806  1.00 22.49 ? 126 ALA A CA  1 
ATOM   794  C C   . ALA A 1 138 ? 5.402   -0.273  12.533  1.00 23.88 ? 126 ALA A C   1 
ATOM   795  O O   . ALA A 1 138 ? 4.987   -0.280  13.709  1.00 25.00 ? 126 ALA A O   1 
ATOM   796  C CB  . ALA A 1 138 ? 6.918   -2.155  11.819  1.00 23.05 ? 126 ALA A CB  1 
ATOM   797  N N   . ALA A 1 139 ? 5.681   0.844   11.860  1.00 21.07 ? 127 ALA A N   1 
ATOM   798  C CA  . ALA A 1 139 ? 5.599   2.200   12.458  1.00 20.67 ? 127 ALA A CA  1 
ATOM   799  C C   . ALA A 1 139 ? 4.168   2.581   12.817  1.00 22.45 ? 127 ALA A C   1 
ATOM   800  O O   . ALA A 1 139 ? 3.966   3.503   13.609  1.00 23.88 ? 127 ALA A O   1 
ATOM   801  C CB  . ALA A 1 139 ? 6.236   3.176   11.517  1.00 20.13 ? 127 ALA A CB  1 
ATOM   802  N N   . ARG A 1 140 ? 3.139   1.918   12.275  1.00 19.88 ? 128 ARG A N   1 
ATOM   803  C CA  . ARG A 1 140 ? 1.744   2.236   12.636  1.00 19.96 ? 128 ARG A CA  1 
ATOM   804  C C   . ARG A 1 140 ? 1.566   2.140   14.157  1.00 20.96 ? 128 ARG A C   1 
ATOM   805  O O   . ARG A 1 140 ? 0.699   2.877   14.680  1.00 25.01 ? 128 ARG A O   1 
ATOM   806  C CB  . ARG A 1 140 ? 0.757   1.307   11.908  1.00 20.37 ? 128 ARG A CB  1 
ATOM   807  C CG  . ARG A 1 140 ? 0.678   1.625   10.430  1.00 22.11 ? 128 ARG A CG  1 
ATOM   808  C CD  . ARG A 1 140 ? -0.141  0.575   9.677   1.00 20.16 ? 128 ARG A CD  1 
ATOM   809  N NE  . ARG A 1 140 ? -1.502  0.589   10.154  1.00 22.94 ? 128 ARG A NE  1 
ATOM   810  C CZ  . ARG A 1 140 ? -2.409  -0.296  9.754   1.00 26.90 ? 128 ARG A CZ  1 
ATOM   811  N NH1 . ARG A 1 140 ? -2.066  -1.229  8.879   1.00 22.95 ? 128 ARG A NH1 1 
ATOM   812  N NH2 . ARG A 1 140 ? -3.633  -0.250  10.233  1.00 25.47 ? 128 ARG A NH2 1 
ATOM   813  N N   . ALA A 1 141 ? 2.285   1.243   14.805  1.00 24.11 ? 129 ALA A N   1 
ATOM   814  C CA  . ALA A 1 141 ? 2.121   0.999   16.258  1.00 25.73 ? 129 ALA A CA  1 
ATOM   815  C C   . ALA A 1 141 ? 2.625   2.215   17.044  1.00 29.49 ? 129 ALA A C   1 
ATOM   816  O O   . ALA A 1 141 ? 2.060   2.501   18.108  1.00 31.07 ? 129 ALA A O   1 
ATOM   817  C CB  . ALA A 1 141 ? 2.814   -0.259  16.677  1.00 24.57 ? 129 ALA A CB  1 
ATOM   818  N N   . THR A 1 142 ? 3.661   2.893   16.553  1.00 27.68 ? 130 THR A N   1 
ATOM   819  C CA  . THR A 1 142 ? 4.455   3.846   17.379  1.00 27.65 ? 130 THR A CA  1 
ATOM   820  C C   . THR A 1 142 ? 4.300   5.281   16.876  1.00 33.35 ? 130 THR A C   1 
ATOM   821  O O   . THR A 1 142 ? 4.608   6.192   17.642  1.00 31.86 ? 130 THR A O   1 
ATOM   822  C CB  . THR A 1 142 ? 5.921   3.405   17.438  1.00 31.33 ? 130 THR A CB  1 
ATOM   823  O OG1 . THR A 1 142 ? 6.447   3.346   16.112  1.00 30.12 ? 130 THR A OG1 1 
ATOM   824  C CG2 . THR A 1 142 ? 6.098   2.062   18.109  1.00 33.02 ? 130 THR A CG2 1 
ATOM   825  N N   . SER A 1 143 ? 3.853   5.495   15.641  1.00 25.92 ? 131 SER A N   1 
ATOM   826  C CA  . SER A 1 143 ? 3.772   6.835   15.013  1.00 24.91 ? 131 SER A CA  1 
ATOM   827  C C   . SER A 1 143 ? 2.324   7.172   14.747  1.00 29.40 ? 131 SER A C   1 
ATOM   828  O O   . SER A 1 143 ? 1.731   6.542   13.859  1.00 26.50 ? 131 SER A O   1 
ATOM   829  C CB  . SER A 1 143 ? 4.561   6.908   13.747  1.00 24.24 ? 131 SER A CB  1 
ATOM   830  O OG  . SER A 1 143 ? 4.286   8.109   13.075  1.00 25.52 ? 131 SER A OG  1 
ATOM   831  N N   . VAL A 1 144 ? 1.777   8.196   15.401  1.00 29.15 ? 132 VAL A N   1 
ATOM   832  C CA  . VAL A 1 144 ? 0.408   8.671   15.085  1.00 27.45 ? 132 VAL A CA  1 
ATOM   833  C C   . VAL A 1 144 ? 0.375   9.147   13.628  1.00 26.52 ? 132 VAL A C   1 
ATOM   834  O O   . VAL A 1 144 ? -0.652  8.992   12.987  1.00 24.29 ? 132 VAL A O   1 
ATOM   835  C CB  . VAL A 1 144 ? -0.066  9.759   16.073  1.00 34.96 ? 132 VAL A CB  1 
ATOM   836  C CG1 . VAL A 1 144 ? -1.374  10.405  15.641  1.00 36.25 ? 132 VAL A CG1 1 
ATOM   837  C CG2 . VAL A 1 144 ? -0.211  9.177   17.472  1.00 34.93 ? 132 VAL A CG2 1 
ATOM   838  N N   . GLU A 1 145 ? 1.436   9.750   13.103  1.00 24.28 ? 133 GLU A N   1 
ATOM   839  C CA  . GLU A 1 145 ? 1.395   10.330  11.747  1.00 25.01 ? 133 GLU A CA  1 
ATOM   840  C C   . GLU A 1 145 ? 1.298   9.160   10.746  1.00 20.76 ? 133 GLU A C   1 
ATOM   841  O O   . GLU A 1 145 ? 0.577   9.314   9.736   1.00 21.51 ? 133 GLU A O   1 
ATOM   842  C CB  . GLU A 1 145 ? 2.650   11.167  11.508  1.00 29.25 ? 133 GLU A CB  1 
ATOM   843  C CG  . GLU A 1 145 ? 2.742   12.373  12.432  1.00 34.72 ? 133 GLU A CG  1 
ATOM   844  C CD  . GLU A 1 145 ? 3.845   13.349  12.061  1.00 46.04 ? 133 GLU A CD  1 
ATOM   845  O OE1 . GLU A 1 145 ? 4.737   13.569  12.913  1.00 56.89 ? 133 GLU A OE1 1 
ATOM   846  O OE2 . GLU A 1 145 ? 3.803   13.906  10.929  1.00 54.84 ? 133 GLU A OE2 1 
ATOM   847  N N   . VAL A 1 146 ? 2.064   8.098   10.989  1.00 22.20 ? 134 VAL A N   1 
ATOM   848  C CA  . VAL A 1 146 ? 2.016   6.908   10.071  1.00 19.32 ? 134 VAL A CA  1 
ATOM   849  C C   . VAL A 1 146 ? 0.604   6.312   10.140  1.00 19.34 ? 134 VAL A C   1 
ATOM   850  O O   . VAL A 1 146 ? 0.019   6.045   9.078   1.00 17.33 ? 134 VAL A O   1 
ATOM   851  C CB  . VAL A 1 146 ? 3.103   5.875   10.368  1.00 20.01 ? 134 VAL A CB  1 
ATOM   852  C CG1 . VAL A 1 146 ? 2.920   4.559   9.620   1.00 19.17 ? 134 VAL A CG1 1 
ATOM   853  C CG2 . VAL A 1 146 ? 4.474   6.453   10.039  1.00 21.21 ? 134 VAL A CG2 1 
ATOM   854  N N   . ALA A 1 147 ? 0.105   6.048   11.344  1.00 19.91 ? 135 ALA A N   1 
ATOM   855  C CA  . ALA A 1 147 ? -1.260  5.482   11.529  1.00 19.82 ? 135 ALA A CA  1 
ATOM   856  C C   . ALA A 1 147 ? -2.272  6.357   10.805  1.00 20.68 ? 135 ALA A C   1 
ATOM   857  O O   . ALA A 1 147 ? -3.179  5.825   10.159  1.00 18.16 ? 135 ALA A O   1 
ATOM   858  C CB  . ALA A 1 147 ? -1.540  5.358   13.013  1.00 20.68 ? 135 ALA A CB  1 
ATOM   859  N N   . GLU A 1 148 ? -2.203  7.687   10.949  1.00 18.42 ? 136 GLU A N   1 
ATOM   860  C CA  . GLU A 1 148 ? -3.174  8.578   10.319  1.00 19.37 ? 136 GLU A CA  1 
ATOM   861  C C   . GLU A 1 148 ? -3.033  8.539   8.803   1.00 18.43 ? 136 GLU A C   1 
ATOM   862  O O   . GLU A 1 148 ? -4.056  8.562   8.135   1.00 18.65 ? 136 GLU A O   1 
ATOM   863  C CB  . GLU A 1 148 ? -3.102  10.000  10.916  1.00 23.81 ? 136 GLU A CB  1 
ATOM   864  C CG  . GLU A 1 148 ? -3.679  9.956   12.321  1.00 30.25 ? 136 GLU A CG  1 
ATOM   865  C CD  . GLU A 1 148 ? -3.892  11.258  13.063  1.00 42.02 ? 136 GLU A CD  1 
ATOM   866  O OE1 . GLU A 1 148 ? -3.387  12.298  12.584  1.00 40.66 ? 136 GLU A OE1 1 
ATOM   867  O OE2 . GLU A 1 148 ? -4.565  11.210  14.139  1.00 45.26 ? 136 GLU A OE2 1 
ATOM   868  N N   . LEU A 1 149 ? -1.804  8.450   8.286   1.00 17.65 ? 137 LEU A N   1 
ATOM   869  C CA  . LEU A 1 149 ? -1.576  8.395   6.821   1.00 18.21 ? 137 LEU A CA  1 
ATOM   870  C C   . LEU A 1 149 ? -2.248  7.114   6.304   1.00 15.16 ? 137 LEU A C   1 
ATOM   871  O O   . LEU A 1 149 ? -3.012  7.211   5.327   1.00 15.75 ? 137 LEU A O   1 
ATOM   872  C CB  . LEU A 1 149 ? -0.073  8.402   6.540   1.00 18.49 ? 137 LEU A CB  1 
ATOM   873  C CG  . LEU A 1 149 ? 0.332   8.204   5.088   1.00 20.98 ? 137 LEU A CG  1 
ATOM   874  C CD1 . LEU A 1 149 ? -0.087  9.347   4.223   1.00 23.23 ? 137 LEU A CD1 1 
ATOM   875  C CD2 . LEU A 1 149 ? 1.816   7.952   4.980   1.00 23.01 ? 137 LEU A CD2 1 
ATOM   876  N N   . TRP A 1 150 ? -1.946  6.000   6.961   1.00 16.82 ? 138 TRP A N   1 
ATOM   877  C CA  . TRP A 1 150 ? -2.451  4.691   6.480   1.00 17.09 ? 138 TRP A CA  1 
ATOM   878  C C   . TRP A 1 150 ? -3.977  4.705   6.548   1.00 16.08 ? 138 TRP A C   1 
ATOM   879  O O   . TRP A 1 150 ? -4.708  4.348   5.587   1.00 13.82 ? 138 TRP A O   1 
ATOM   880  C CB  . TRP A 1 150 ? -1.879  3.536   7.292   1.00 16.77 ? 138 TRP A CB  1 
ATOM   881  C CG  . TRP A 1 150 ? -2.198  2.259   6.589   1.00 17.44 ? 138 TRP A CG  1 
ATOM   882  C CD1 . TRP A 1 150 ? -3.140  1.356   6.952   1.00 16.96 ? 138 TRP A CD1 1 
ATOM   883  C CD2 . TRP A 1 150 ? -1.658  1.823   5.338   1.00 16.14 ? 138 TRP A CD2 1 
ATOM   884  N NE1 . TRP A 1 150 ? -3.174  0.335   6.029   1.00 16.39 ? 138 TRP A NE1 1 
ATOM   885  C CE2 . TRP A 1 150 ? -2.295  0.609   5.019   1.00 16.83 ? 138 TRP A CE2 1 
ATOM   886  C CE3 . TRP A 1 150 ? -0.687  2.341   4.477   1.00 18.94 ? 138 TRP A CE3 1 
ATOM   887  C CZ2 . TRP A 1 150 ? -1.986  -0.075  3.840   1.00 16.77 ? 138 TRP A CZ2 1 
ATOM   888  C CZ3 . TRP A 1 150 ? -0.370  1.653   3.319   1.00 17.61 ? 138 TRP A CZ3 1 
ATOM   889  C CH2 . TRP A 1 150 ? -1.023  0.461   3.011   1.00 17.98 ? 138 TRP A CH2 1 
ATOM   890  N N   . SER A 1 151 ? -4.517  5.170   7.675   1.00 15.34 ? 139 SER A N   1 
ATOM   891  C CA  . SER A 1 151 ? -5.983  5.267   7.846   1.00 16.15 ? 139 SER A CA  1 
ATOM   892  C C   . SER A 1 151 ? -6.639  6.113   6.750   1.00 14.58 ? 139 SER A C   1 
ATOM   893  O O   . SER A 1 151 ? -7.693  5.744   6.171   1.00 16.64 ? 139 SER A O   1 
ATOM   894  C CB  . SER A 1 151 ? -6.268  5.780   9.241   1.00 17.84 ? 139 SER A CB  1 
ATOM   895  O OG  . SER A 1 151 ? -7.640  6.006   9.406   1.00 23.70 ? 139 SER A OG  1 
ATOM   896  N N   . THR A 1 152 ? -6.089  7.296   6.470   1.00 15.91 ? 140 THR A N   1 
ATOM   897  C CA  . THR A 1 152 ? -6.630  8.237   5.491   1.00 17.39 ? 140 THR A CA  1 
ATOM   898  C C   . THR A 1 152 ? -6.732  7.560   4.109   1.00 14.93 ? 140 THR A C   1 
ATOM   899  O O   . THR A 1 152 ? -7.757  7.654   3.426   1.00 15.55 ? 140 THR A O   1 
ATOM   900  C CB  . THR A 1 152 ? -5.745  9.492   5.384   1.00 19.60 ? 140 THR A CB  1 
ATOM   901  O OG1 . THR A 1 152 ? -5.983  10.190  6.610   1.00 24.64 ? 140 THR A OG1 1 
ATOM   902  C CG2 . THR A 1 152 ? -6.125  10.370  4.227   1.00 23.40 ? 140 THR A CG2 1 
ATOM   903  N N   . PHE A 1 153 ? -5.652  6.907   3.671   1.00 14.25 ? 141 PHE A N   1 
ATOM   904  C CA  . PHE A 1 153 ? -5.651  6.298   2.319   1.00 15.39 ? 141 PHE A CA  1 
ATOM   905  C C   . PHE A 1 153 ? -6.547  5.053   2.292   1.00 13.10 ? 141 PHE A C   1 
ATOM   906  O O   . PHE A 1 153 ? -7.221  4.850   1.311   1.00 13.04 ? 141 PHE A O   1 
ATOM   907  C CB  . PHE A 1 153 ? -4.228  6.078   1.806   1.00 15.22 ? 141 PHE A CB  1 
ATOM   908  C CG  . PHE A 1 153 ? -3.628  7.338   1.250   1.00 16.79 ? 141 PHE A CG  1 
ATOM   909  C CD1 . PHE A 1 153 ? -3.831  7.641   -0.070  1.00 18.53 ? 141 PHE A CD1 1 
ATOM   910  C CD2 . PHE A 1 153 ? -3.073  8.287   2.103   1.00 17.60 ? 141 PHE A CD2 1 
ATOM   911  C CE1 . PHE A 1 153 ? -3.301  8.804   -0.616  1.00 19.95 ? 141 PHE A CE1 1 
ATOM   912  C CE2 . PHE A 1 153 ? -2.611  9.487   1.570   1.00 20.35 ? 141 PHE A CE2 1 
ATOM   913  C CZ  . PHE A 1 153 ? -2.758  9.733   0.222   1.00 19.67 ? 141 PHE A CZ  1 
ATOM   914  N N   . MET A 1 154 ? -6.532  4.242   3.343   1.00 13.06 ? 142 MET A N   1 
ATOM   915  C CA  . MET A 1 154 ? -7.449  3.071   3.307   1.00 13.35 ? 142 MET A CA  1 
ATOM   916  C C   . MET A 1 154 ? -8.890  3.567   3.189   1.00 13.36 ? 142 MET A C   1 
ATOM   917  O O   . MET A 1 154 ? -9.703  2.917   2.508   1.00 12.79 ? 142 MET A O   1 
ATOM   918  C CB  . MET A 1 154 ? -7.263  2.220   4.558   1.00 12.88 ? 142 MET A CB  1 
ATOM   919  C CG  . MET A 1 154 ? -5.970  1.452   4.593   1.00 13.84 ? 142 MET A CG  1 
ATOM   920  S SD  . MET A 1 154 ? -5.847  0.127   3.314   1.00 15.02 ? 142 MET A SD  1 
ATOM   921  C CE  . MET A 1 154 ? -6.947  -1.095  4.043   1.00 14.29 ? 142 MET A CE  1 
ATOM   922  N N   . GLN A 1 155 ? -9.253  4.606   3.950   1.00 14.52 ? 143 GLN A N   1 
ATOM   923  C CA  . GLN A 1 155 ? -10.624 5.145   3.801   1.00 15.70 ? 143 GLN A CA  1 
ATOM   924  C C   . GLN A 1 155 ? -10.908 5.538   2.346   1.00 13.63 ? 143 GLN A C   1 
ATOM   925  O O   . GLN A 1 155 ? -11.980 5.240   1.813   1.00 14.79 ? 143 GLN A O   1 
ATOM   926  C CB  . GLN A 1 155 ? -10.836 6.333   4.722   1.00 16.25 ? 143 GLN A CB  1 
ATOM   927  C CG  . GLN A 1 155 ? -10.872 5.946   6.176   1.00 22.04 ? 143 GLN A CG  1 
ATOM   928  C CD  . GLN A 1 155 ? -11.004 7.192   7.021   1.00 29.83 ? 143 GLN A CD  1 
ATOM   929  O OE1 . GLN A 1 155 ? -11.952 7.955   6.836   1.00 36.49 ? 143 GLN A OE1 1 
ATOM   930  N NE2 . GLN A 1 155 ? -10.016 7.454   7.866   1.00 29.43 ? 143 GLN A NE2 1 
ATOM   931  N N   . LYS A 1 156 ? -9.957  6.192   1.695   1.00 13.55 ? 144 LYS A N   1 
ATOM   932  C CA  . LYS A 1 156 ? -10.135 6.610   0.312   1.00 15.66 ? 144 LYS A CA  1 
ATOM   933  C C   . LYS A 1 156 ? -10.285 5.406   -0.610  1.00 13.68 ? 144 LYS A C   1 
ATOM   934  O O   . LYS A 1 156 ? -11.168 5.362   -1.468  1.00 13.65 ? 144 LYS A O   1 
ATOM   935  C CB  . LYS A 1 156 ? -8.959  7.497   -0.093  1.00 16.88 ? 144 LYS A CB  1 
ATOM   936  C CG  . LYS A 1 156 ? -9.079  8.066   -1.482  1.00 20.91 ? 144 LYS A CG  1 
ATOM   937  C CD  . LYS A 1 156 ? -7.933  9.037   -1.812  1.00 25.89 ? 144 LYS A CD  1 
ATOM   938  C CE  . LYS A 1 156 ? -8.144  9.674   -3.170  1.00 29.99 ? 144 LYS A CE  1 
ATOM   939  N NZ  . LYS A 1 156 ? -6.951  10.454  -3.580  1.00 32.30 ? 144 LYS A NZ  1 
ATOM   940  N N   . TRP A 1 157 ? -9.424  4.396   -0.462  1.00 13.43 ? 145 TRP A N   1 
ATOM   941  C CA  . TRP A 1 157 ? -9.465  3.225   -1.354  1.00 14.47 ? 145 TRP A CA  1 
ATOM   942  C C   . TRP A 1 157 ? -10.737 2.396   -1.129  1.00 12.64 ? 145 TRP A C   1 
ATOM   943  O O   . TRP A 1 157 ? -11.345 1.909   -2.075  1.00 12.98 ? 145 TRP A O   1 
ATOM   944  C CB  . TRP A 1 157 ? -8.211  2.390   -1.154  1.00 13.70 ? 145 TRP A CB  1 
ATOM   945  C CG  . TRP A 1 157 ? -6.966  3.175   -1.463  1.00 14.64 ? 145 TRP A CG  1 
ATOM   946  C CD1 . TRP A 1 157 ? -6.872  4.161   -2.394  1.00 15.70 ? 145 TRP A CD1 1 
ATOM   947  C CD2 . TRP A 1 157 ? -5.659  2.977   -0.936  1.00 12.74 ? 145 TRP A CD2 1 
ATOM   948  N NE1 . TRP A 1 157 ? -5.581  4.637   -2.424  1.00 15.11 ? 145 TRP A NE1 1 
ATOM   949  C CE2 . TRP A 1 157 ? -4.808  3.925   -1.567  1.00 14.48 ? 145 TRP A CE2 1 
ATOM   950  C CE3 . TRP A 1 157 ? -5.117  2.134   0.044   1.00 13.06 ? 145 TRP A CE3 1 
ATOM   951  C CZ2 . TRP A 1 157 ? -3.454  4.018   -1.241  1.00 14.23 ? 145 TRP A CZ2 1 
ATOM   952  C CZ3 . TRP A 1 157 ? -3.785  2.237   0.360   1.00 15.00 ? 145 TRP A CZ3 1 
ATOM   953  C CH2 . TRP A 1 157 ? -2.964  3.156   -0.308  1.00 13.75 ? 145 TRP A CH2 1 
ATOM   954  N N   . ILE A 1 158 ? -11.172 2.296   0.126   1.00 11.73 ? 146 ILE A N   1 
ATOM   955  C CA  . ILE A 1 158 ? -12.459 1.623   0.474   1.00 12.30 ? 146 ILE A CA  1 
ATOM   956  C C   . ILE A 1 158 ? -13.662 2.387   -0.122  1.00 12.08 ? 146 ILE A C   1 
ATOM   957  O O   . ILE A 1 158 ? -14.539 1.760   -0.719  1.00 12.48 ? 146 ILE A O   1 
ATOM   958  C CB  . ILE A 1 158 ? -12.616 1.467   1.996   1.00 11.09 ? 146 ILE A CB  1 
ATOM   959  C CG1 . ILE A 1 158 ? -11.634 0.424   2.522   1.00 12.22 ? 146 ILE A CG1 1 
ATOM   960  C CG2 . ILE A 1 158 ? -14.040 1.089   2.384   1.00 11.58 ? 146 ILE A CG2 1 
ATOM   961  C CD1 . ILE A 1 158 ? -11.420 0.454   3.993   1.00 14.37 ? 146 ILE A CD1 1 
ATOM   962  N N   . ALA A 1 159 ? -13.638 3.711   -0.048  1.00 13.68 ? 147 ALA A N   1 
ATOM   963  C CA  . ALA A 1 159 ? -14.753 4.505   -0.592  1.00 13.46 ? 147 ALA A CA  1 
ATOM   964  C C   . ALA A 1 159 ? -14.832 4.284   -2.108  1.00 14.06 ? 147 ALA A C   1 
ATOM   965  O O   . ALA A 1 159 ? -15.932 4.149   -2.673  1.00 15.72 ? 147 ALA A O   1 
ATOM   966  C CB  . ALA A 1 159 ? -14.608 5.952   -0.234  1.00 13.93 ? 147 ALA A CB  1 
ATOM   967  N N   . TYR A 1 160 ? -13.669 4.270   -2.766  1.00 14.17 ? 148 TYR A N   1 
ATOM   968  C CA  . TYR A 1 160 ? -13.636 4.092   -4.220  1.00 16.11 ? 148 TYR A CA  1 
ATOM   969  C C   . TYR A 1 160 ? -14.135 2.688   -4.593  1.00 15.56 ? 148 TYR A C   1 
ATOM   970  O O   . TYR A 1 160 ? -14.958 2.486   -5.481  1.00 16.16 ? 148 TYR A O   1 
ATOM   971  C CB  . TYR A 1 160 ? -12.250 4.362   -4.789  1.00 16.96 ? 148 TYR A CB  1 
ATOM   972  C CG  . TYR A 1 160 ? -12.237 4.178   -6.273  1.00 18.83 ? 148 TYR A CG  1 
ATOM   973  C CD1 . TYR A 1 160 ? -13.072 4.894   -7.103  1.00 21.41 ? 148 TYR A CD1 1 
ATOM   974  C CD2 . TYR A 1 160 ? -11.380 3.261   -6.854  1.00 23.60 ? 148 TYR A CD2 1 
ATOM   975  C CE1 . TYR A 1 160 ? -13.038 4.741   -8.479  1.00 24.04 ? 148 TYR A CE1 1 
ATOM   976  C CE2 . TYR A 1 160 ? -11.362 3.081   -8.225  1.00 26.43 ? 148 TYR A CE2 1 
ATOM   977  C CZ  . TYR A 1 160 ? -12.209 3.791   -9.028  1.00 26.61 ? 148 TYR A CZ  1 
ATOM   978  O OH  . TYR A 1 160 ? -12.168 3.589   -10.379 1.00 37.88 ? 148 TYR A OH  1 
ATOM   979  N N   . THR A 1 161 ? -13.667 1.671   -3.865  1.00 13.63 ? 149 THR A N   1 
ATOM   980  C CA  . THR A 1 161 ? -14.125 0.298   -4.033  1.00 13.23 ? 149 THR A CA  1 
ATOM   981  C C   . THR A 1 161 ? -15.654 0.251   -3.927  1.00 13.36 ? 149 THR A C   1 
ATOM   982  O O   . THR A 1 161 ? -16.318 -0.404  -4.723  1.00 14.61 ? 149 THR A O   1 
ATOM   983  C CB  . THR A 1 161 ? -13.484 -0.664  -3.000  1.00 12.91 ? 149 THR A CB  1 
ATOM   984  O OG1 . THR A 1 161 ? -12.051 -0.589  -3.082  1.00 13.19 ? 149 THR A OG1 1 
ATOM   985  C CG2 . THR A 1 161 ? -13.954 -2.075  -3.206  1.00 13.49 ? 149 THR A CG2 1 
ATOM   986  N N   . ALA A 1 162 ? -16.226 0.864   -2.875  1.00 13.97 ? 150 ALA A N   1 
ATOM   987  C CA  . ALA A 1 162 ? -17.677 0.809   -2.632  1.00 15.01 ? 150 ALA A CA  1 
ATOM   988  C C   . ALA A 1 162 ? -18.414 1.512   -3.788  1.00 15.36 ? 150 ALA A C   1 
ATOM   989  O O   . ALA A 1 162 ? -19.437 0.975   -4.195  1.00 15.83 ? 150 ALA A O   1 
ATOM   990  C CB  . ALA A 1 162 ? -17.992 1.418   -1.304  1.00 14.95 ? 150 ALA A CB  1 
ATOM   991  N N   . ALA A 1 163 ? -17.855 2.615   -4.262  1.00 16.54 ? 151 ALA A N   1 
ATOM   992  C CA  . ALA A 1 163 ? -18.468 3.389   -5.393  1.00 18.52 ? 151 ALA A CA  1 
ATOM   993  C C   . ALA A 1 163 ? -18.508 2.517   -6.630  1.00 18.69 ? 151 ALA A C   1 
ATOM   994  O O   . ALA A 1 163 ? -19.550 2.494   -7.339  1.00 20.35 ? 151 ALA A O   1 
ATOM   995  C CB  . ALA A 1 163 ? -17.710 4.663   -5.670  1.00 18.51 ? 151 ALA A CB  1 
ATOM   996  N N   . VAL A 1 164 ? -17.442 1.782   -6.921  1.00 16.82 ? 152 VAL A N   1 
ATOM   997  C CA  . VAL A 1 164 ? -17.449 0.862   -8.086  1.00 17.44 ? 152 VAL A CA  1 
ATOM   998  C C   . VAL A 1 164 ? -18.440 -0.280  -7.883  1.00 17.14 ? 152 VAL A C   1 
ATOM   999  O O   . VAL A 1 164 ? -19.184 -0.625  -8.802  1.00 18.69 ? 152 VAL A O   1 
ATOM   1000 C CB  . VAL A 1 164 ? -16.032 0.394   -8.437  1.00 19.57 ? 152 VAL A CB  1 
ATOM   1001 C CG1 . VAL A 1 164 ? -16.075 -0.559  -9.619  1.00 19.49 ? 152 VAL A CG1 1 
ATOM   1002 C CG2 . VAL A 1 164 ? -15.182 1.609   -8.735  1.00 20.25 ? 152 VAL A CG2 1 
ATOM   1003 N N   . ILE A 1 165 ? -18.500 -0.904  -6.698  1.00 15.42 ? 153 ILE A N   1 
ATOM   1004 C CA  . ILE A 1 165 ? -19.490 -1.954  -6.451  1.00 15.61 ? 153 ILE A CA  1 
ATOM   1005 C C   . ILE A 1 165 ? -20.876 -1.344  -6.697  1.00 16.74 ? 153 ILE A C   1 
ATOM   1006 O O   . ILE A 1 165 ? -21.662 -2.013  -7.282  1.00 18.51 ? 153 ILE A O   1 
ATOM   1007 C CB  . ILE A 1 165 ? -19.306 -2.547  -5.035  1.00 14.99 ? 153 ILE A CB  1 
ATOM   1008 C CG1 . ILE A 1 165 ? -17.955 -3.282  -4.945  1.00 14.17 ? 153 ILE A CG1 1 
ATOM   1009 C CG2 . ILE A 1 165 ? -20.450 -3.426  -4.633  1.00 15.08 ? 153 ILE A CG2 1 
ATOM   1010 C CD1 . ILE A 1 165 ? -17.584 -3.681  -3.521  1.00 12.79 ? 153 ILE A CD1 1 
ATOM   1011 N N   . ASP A 1 166 ? -21.125 -0.164  -6.171  1.00 17.88 ? 154 ASP A N   1 
ATOM   1012 C CA  . ASP A 1 166 ? -22.454 0.484   -6.313  1.00 18.82 ? 154 ASP A CA  1 
ATOM   1013 C C   . ASP A 1 166 ? -22.777 0.686   -7.797  1.00 21.58 ? 154 ASP A C   1 
ATOM   1014 O O   . ASP A 1 166 ? -23.917 0.373   -8.165  1.00 21.66 ? 154 ASP A O   1 
ATOM   1015 C CB  . ASP A 1 166 ? -22.477 1.781   -5.538  1.00 21.79 ? 154 ASP A CB  1 
ATOM   1016 C CG  . ASP A 1 166 ? -22.783 1.590   -4.070  1.00 22.50 ? 154 ASP A CG  1 
ATOM   1017 O OD1 . ASP A 1 166 ? -23.408 0.547   -3.747  1.00 29.01 ? 154 ASP A OD1 1 
ATOM   1018 O OD2 . ASP A 1 166 ? -22.457 2.547   -3.305  1.00 29.12 ? 154 ASP A OD2 1 
ATOM   1019 N N   . ALA A 1 167 ? -21.829 1.129   -8.593  1.00 22.18 ? 155 ALA A N   1 
ATOM   1020 C CA  . ALA A 1 167 ? -22.002 1.299   -10.056 1.00 24.29 ? 155 ALA A CA  1 
ATOM   1021 C C   . ALA A 1 167 ? -22.331 -0.060  -10.685 1.00 24.94 ? 155 ALA A C   1 
ATOM   1022 O O   . ALA A 1 167 ? -23.219 -0.146  -11.556 1.00 27.30 ? 155 ALA A O   1 
ATOM   1023 C CB  . ALA A 1 167 ? -20.775 1.930   -10.644 1.00 23.74 ? 155 ALA A CB  1 
ATOM   1024 N N   . GLU A 1 168 ? -21.638 -1.128  -10.297 1.00 21.97 ? 156 GLU A N   1 
ATOM   1025 C CA  . GLU A 1 168 ? -21.883 -2.478  -10.848 1.00 21.50 ? 156 GLU A CA  1 
ATOM   1026 C C   . GLU A 1 168 ? -23.302 -2.946  -10.497 1.00 23.41 ? 156 GLU A C   1 
ATOM   1027 O O   . GLU A 1 168 ? -23.938 -3.686  -11.305 1.00 24.28 ? 156 GLU A O   1 
ATOM   1028 C CB  . GLU A 1 168 ? -20.829 -3.451  -10.322 1.00 20.81 ? 156 GLU A CB  1 
ATOM   1029 C CG  . GLU A 1 168 ? -19.454 -3.225  -10.912 1.00 20.10 ? 156 GLU A CG  1 
ATOM   1030 C CD  . GLU A 1 168 ? -19.393 -3.573  -12.392 1.00 21.63 ? 156 GLU A CD  1 
ATOM   1031 O OE1 . GLU A 1 168 ? -19.165 -4.751  -12.749 1.00 21.43 ? 156 GLU A OE1 1 
ATOM   1032 O OE2 . GLU A 1 168 ? -19.714 -2.654  -13.200 1.00 25.57 ? 156 GLU A OE2 1 
ATOM   1033 N N   . ARG A 1 169 ? -23.782 -2.638  -9.290  1.00 21.64 ? 157 ARG A N   1 
ATOM   1034 C CA  . ARG A 1 169 ? -25.155 -2.986  -8.868  1.00 21.75 ? 157 ARG A CA  1 
ATOM   1035 C C   . ARG A 1 169 ? -26.152 -2.139  -9.691  1.00 21.84 ? 157 ARG A C   1 
ATOM   1036 O O   . ARG A 1 169 ? -27.164 -2.727  -10.126 1.00 24.80 ? 157 ARG A O   1 
ATOM   1037 C CB  . ARG A 1 169 ? -25.316 -2.766  -7.361  1.00 20.77 ? 157 ARG A CB  1 
ATOM   1038 C CG  . ARG A 1 169 ? -24.476 -3.717  -6.511  1.00 20.10 ? 157 ARG A CG  1 
ATOM   1039 C CD  . ARG A 1 169 ? -24.475 -3.363  -5.053  1.00 16.79 ? 157 ARG A CD  1 
ATOM   1040 N NE  . ARG A 1 169 ? -23.751 -4.394  -4.301  1.00 15.83 ? 157 ARG A NE  1 
ATOM   1041 C CZ  . ARG A 1 169 ? -23.828 -4.586  -2.990  1.00 16.33 ? 157 ARG A CZ  1 
ATOM   1042 N NH1 . ARG A 1 169 ? -23.195 -5.612  -2.457  1.00 15.49 ? 157 ARG A NH1 1 
ATOM   1043 N NH2 . ARG A 1 169 ? -24.488 -3.734  -2.220  1.00 16.02 ? 157 ARG A NH2 1 
ATOM   1044 N N   . ASP A 1 170 ? -25.881 -0.862  -9.859  1.00 24.31 ? 158 ASP A N   1 
ATOM   1045 C CA  . ASP A 1 170 ? -26.809 0.087   -10.552 1.00 26.30 ? 158 ASP A CA  1 
ATOM   1046 C C   . ASP A 1 170 ? -27.000 -0.390  -11.987 1.00 30.31 ? 158 ASP A C   1 
ATOM   1047 O O   . ASP A 1 170 ? -28.143 -0.275  -12.485 1.00 35.05 ? 158 ASP A O   1 
ATOM   1048 C CB  . ASP A 1 170 ? -26.282 1.521   -10.536 1.00 27.56 ? 158 ASP A CB  1 
ATOM   1049 C CG  . ASP A 1 170 ? -26.407 2.214   -9.191  1.00 30.04 ? 158 ASP A CG  1 
ATOM   1050 O OD1 . ASP A 1 170 ? -27.067 1.642   -8.287  1.00 32.54 ? 158 ASP A OD1 1 
ATOM   1051 O OD2 . ASP A 1 170 ? -25.774 3.283   -9.011  1.00 33.36 ? 158 ASP A OD2 1 
ATOM   1052 N N   . ARG A 1 171 ? -25.953 -0.890  -12.633 1.00 27.61 ? 159 ARG A N   1 
ATOM   1053 C CA  . ARG A 1 171 ? -26.032 -1.356  -14.051 1.00 29.54 ? 159 ARG A CA  1 
ATOM   1054 C C   . ARG A 1 171 ? -26.556 -2.798  -14.127 1.00 29.15 ? 159 ARG A C   1 
ATOM   1055 O O   . ARG A 1 171 ? -26.705 -3.278  -15.237 1.00 31.53 ? 159 ARG A O   1 
ATOM   1056 C CB  . ARG A 1 171 ? -24.711 -1.079  -14.786 1.00 32.51 ? 159 ARG A CB  1 
ATOM   1057 C CG  . ARG A 1 171 ? -23.601 -2.102  -14.622 1.00 35.96 ? 159 ARG A CG  1 
ATOM   1058 C CD  . ARG A 1 171 ? -22.362 -1.885  -15.492 1.00 38.77 ? 159 ARG A CD  1 
ATOM   1059 N NE  . ARG A 1 171 ? -21.341 -2.922  -15.240 1.00 40.92 ? 159 ARG A NE  1 
ATOM   1060 C CZ  . ARG A 1 171 ? -21.191 -4.089  -15.887 1.00 38.80 ? 159 ARG A CZ  1 
ATOM   1061 N NH1 . ARG A 1 171 ? -22.005 -4.421  -16.873 1.00 43.69 ? 159 ARG A NH1 1 
ATOM   1062 N NH2 . ARG A 1 171 ? -20.225 -4.941  -15.553 1.00 39.51 ? 159 ARG A NH2 1 
ATOM   1063 N N   . GLY A 1 172 ? -26.851 -3.496  -13.020 1.00 27.97 ? 160 GLY A N   1 
ATOM   1064 C CA  . GLY A 1 172 ? -27.435 -4.849  -13.023 1.00 27.37 ? 160 GLY A CA  1 
ATOM   1065 C C   . GLY A 1 172 ? -26.421 -5.969  -13.143 1.00 26.44 ? 160 GLY A C   1 
ATOM   1066 O O   . GLY A 1 172 ? -26.827 -7.124  -13.255 1.00 29.26 ? 160 GLY A O   1 
ATOM   1067 N N   . ALA A 1 173 ? -25.114 -5.693  -13.017 1.00 29.19 ? 161 ALA A N   1 
ATOM   1068 C CA  . ALA A 1 173 ? -24.041 -6.709  -13.144 1.00 26.03 ? 161 ALA A CA  1 
ATOM   1069 C C   . ALA A 1 173 ? -23.760 -7.384  -11.793 1.00 25.05 ? 161 ALA A C   1 
ATOM   1070 O O   . ALA A 1 173 ? -23.463 -8.602  -11.748 1.00 26.24 ? 161 ALA A O   1 
ATOM   1071 C CB  . ALA A 1 173 ? -22.806 -6.056  -13.692 1.00 28.83 ? 161 ALA A CB  1 
ATOM   1072 N N   . ALA A 1 174 ? -23.958 -6.677  -10.679 1.00 22.58 ? 162 ALA A N   1 
ATOM   1073 C CA  . ALA A 1 174 ? -23.691 -7.250  -9.336  1.00 20.09 ? 162 ALA A CA  1 
ATOM   1074 C C   . ALA A 1 174 ? -24.989 -7.257  -8.533  1.00 18.50 ? 162 ALA A C   1 
ATOM   1075 O O   . ALA A 1 174 ? -25.754 -6.294  -8.591  1.00 21.05 ? 162 ALA A O   1 
ATOM   1076 C CB  . ALA A 1 174 ? -22.617 -6.453  -8.657  1.00 19.20 ? 162 ALA A CB  1 
ATOM   1077 N N   . PRO A 1 175 ? -25.215 -8.286  -7.711  1.00 19.37 ? 163 PRO A N   1 
ATOM   1078 C CA  . PRO A 1 175 ? -26.439 -8.384  -6.920  1.00 19.74 ? 163 PRO A CA  1 
ATOM   1079 C C   . PRO A 1 175 ? -26.361 -7.544  -5.652  1.00 22.21 ? 163 PRO A C   1 
ATOM   1080 O O   . PRO A 1 175 ? -25.262 -7.269  -5.128  1.00 18.10 ? 163 PRO A O   1 
ATOM   1081 C CB  . PRO A 1 175 ? -26.532 -9.845  -6.568  1.00 18.59 ? 163 PRO A CB  1 
ATOM   1082 C CG  . PRO A 1 175 ? -25.057 -10.299 -6.506  1.00 20.29 ? 163 PRO A CG  1 
ATOM   1083 C CD  . PRO A 1 175 ? -24.374 -9.490  -7.585  1.00 19.64 ? 163 PRO A CD  1 
ATOM   1084 N N   . ARG A 1 176 ? -27.515 -7.076  -5.190  1.00 20.00 ? 164 ARG A N   1 
ATOM   1085 C CA  . ARG A 1 176 ? -27.546 -6.274  -3.958  1.00 22.02 ? 164 ARG A CA  1 
ATOM   1086 C C   . ARG A 1 176 ? -27.531 -7.215  -2.763  1.00 22.47 ? 164 ARG A C   1 
ATOM   1087 O O   . ARG A 1 176 ? -28.600 -7.574  -2.264  1.00 24.37 ? 164 ARG A O   1 
ATOM   1088 C CB  . ARG A 1 176 ? -28.791 -5.364  -3.990  1.00 21.99 ? 164 ARG A CB  1 
ATOM   1089 C CG  . ARG A 1 176 ? -28.727 -4.371  -5.135  1.00 27.62 ? 164 ARG A CG  1 
ATOM   1090 C CD  . ARG A 1 176 ? -29.857 -3.337  -5.107  1.00 31.66 ? 164 ARG A CD  1 
ATOM   1091 N NE  . ARG A 1 176 ? -29.741 -2.476  -6.283  1.00 32.86 ? 164 ARG A NE  1 
ATOM   1092 C CZ  . ARG A 1 176 ? -28.862 -1.480  -6.441  1.00 33.70 ? 164 ARG A CZ  1 
ATOM   1093 N NH1 . ARG A 1 176 ? -28.838 -0.793  -7.576  1.00 36.15 ? 164 ARG A NH1 1 
ATOM   1094 N NH2 . ARG A 1 176 ? -28.010 -1.162  -5.478  1.00 32.66 ? 164 ARG A NH2 1 
ATOM   1095 N N   . THR A 1 177 ? -26.344 -7.595  -2.282  1.00 18.82 ? 165 THR A N   1 
ATOM   1096 C CA  . THR A 1 177 ? -26.163 -8.488  -1.138  1.00 17.65 ? 165 THR A CA  1 
ATOM   1097 C C   . THR A 1 177 ? -25.777 -7.667  0.093   1.00 19.43 ? 165 THR A C   1 
ATOM   1098 O O   . THR A 1 177 ? -26.624 -6.916  0.632   1.00 20.87 ? 165 THR A O   1 
ATOM   1099 C CB  . THR A 1 177 ? -25.131 -9.555  -1.521  1.00 16.89 ? 165 THR A CB  1 
ATOM   1100 O OG1 . THR A 1 177 ? -23.977 -8.844  -1.978  1.00 17.16 ? 165 THR A OG1 1 
ATOM   1101 C CG2 . THR A 1 177 ? -25.642 -10.458 -2.609  1.00 16.79 ? 165 THR A CG2 1 
ATOM   1102 N N   . LEU A 1 178 ? -24.535 -7.731  0.542   1.00 16.67 ? 166 LEU A N   1 
ATOM   1103 C CA  . LEU A 1 178 ? -24.072 -6.925  1.678   1.00 15.86 ? 166 LEU A CA  1 
ATOM   1104 C C   . LEU A 1 178 ? -24.100 -5.445  1.348   1.00 15.42 ? 166 LEU A C   1 
ATOM   1105 O O   . LEU A 1 178 ? -23.868 -5.026  0.201   1.00 14.72 ? 166 LEU A O   1 
ATOM   1106 C CB  . LEU A 1 178 ? -22.593 -7.258  1.940   1.00 15.84 ? 166 LEU A CB  1 
ATOM   1107 C CG  . LEU A 1 178 ? -22.262 -8.650  2.414   1.00 16.30 ? 166 LEU A CG  1 
ATOM   1108 C CD1 . LEU A 1 178 ? -20.789 -8.691  2.695   1.00 14.68 ? 166 LEU A CD1 1 
ATOM   1109 C CD2 . LEU A 1 178 ? -23.089 -9.091  3.633   1.00 15.93 ? 166 LEU A CD2 1 
ATOM   1110 N N   . PRO A 1 179 ? -24.189 -4.595  2.372   1.00 14.84 ? 167 PRO A N   1 
ATOM   1111 C CA  . PRO A 1 179 ? -23.844 -3.180  2.241   1.00 14.05 ? 167 PRO A CA  1 
ATOM   1112 C C   . PRO A 1 179 ? -22.492 -3.033  1.509   1.00 14.41 ? 167 PRO A C   1 
ATOM   1113 O O   . PRO A 1 179 ? -21.505 -3.611  1.973   1.00 14.03 ? 167 PRO A O   1 
ATOM   1114 C CB  . PRO A 1 179 ? -23.779 -2.690  3.675   1.00 15.62 ? 167 PRO A CB  1 
ATOM   1115 C CG  . PRO A 1 179 ? -24.799 -3.555  4.368   1.00 14.53 ? 167 PRO A CG  1 
ATOM   1116 C CD  . PRO A 1 179 ? -24.601 -4.923  3.746   1.00 15.31 ? 167 PRO A CD  1 
ATOM   1117 N N   . ALA A 1 180 ? -22.464 -2.255  0.438   1.00 13.86 ? 168 ALA A N   1 
ATOM   1118 C CA  . ALA A 1 180 ? -21.232 -2.192  -0.377  1.00 15.21 ? 168 ALA A CA  1 
ATOM   1119 C C   . ALA A 1 180 ? -20.046 -1.672  0.409   1.00 14.65 ? 168 ALA A C   1 
ATOM   1120 O O   . ALA A 1 180 ? -18.887 -2.183  0.159   1.00 14.03 ? 168 ALA A O   1 
ATOM   1121 C CB  . ALA A 1 180 ? -21.482 -1.342  -1.584  1.00 15.89 ? 168 ALA A CB  1 
ATOM   1122 N N   . HIS A 1 181 ? -20.200 -0.679  1.285   1.00 13.36 ? 169 HIS A N   1 
ATOM   1123 C CA  . HIS A 1 181 ? -19.060 -0.116  2.038   1.00 12.81 ? 169 HIS A CA  1 
ATOM   1124 C C   . HIS A 1 181 ? -18.486 -1.164  3.005   1.00 12.62 ? 169 HIS A C   1 
ATOM   1125 O O   . HIS A 1 181 ? -17.289 -1.200  3.219   1.00 13.03 ? 169 HIS A O   1 
ATOM   1126 C CB  . HIS A 1 181 ? -19.485 1.194   2.740   1.00 16.06 ? 169 HIS A CB  1 
ATOM   1127 C CG  . HIS A 1 181 ? -18.338 2.006   3.217   1.00 14.49 ? 169 HIS A CG  1 
ATOM   1128 N ND1 . HIS A 1 181 ? -17.802 1.878   4.449   1.00 14.41 ? 169 HIS A ND1 1 
ATOM   1129 C CD2 . HIS A 1 181 ? -17.573 2.914   2.569   1.00 14.17 ? 169 HIS A CD2 1 
ATOM   1130 C CE1 . HIS A 1 181 ? -16.766 2.717   4.568   1.00 14.34 ? 169 HIS A CE1 1 
ATOM   1131 N NE2 . HIS A 1 181 ? -16.650 3.357   3.434   1.00 14.33 ? 169 HIS A NE2 1 
ATOM   1132 N N   . GLU A 1 182 ? -19.328 -1.991  3.609   1.00 12.81 ? 170 GLU A N   1 
ATOM   1133 C CA  . GLU A 1 182 ? -18.915 -3.027  4.561   1.00 12.52 ? 170 GLU A CA  1 
ATOM   1134 C C   . GLU A 1 182 ? -18.137 -4.111  3.801   1.00 11.21 ? 170 GLU A C   1 
ATOM   1135 O O   . GLU A 1 182 ? -17.048 -4.510  4.212   1.00 11.17 ? 170 GLU A O   1 
ATOM   1136 C CB  . GLU A 1 182 ? -20.132 -3.579  5.304   1.00 12.35 ? 170 GLU A CB  1 
ATOM   1137 C CG  . GLU A 1 182 ? -20.729 -2.479  6.161   1.00 13.86 ? 170 GLU A CG  1 
ATOM   1138 C CD  . GLU A 1 182 ? -21.984 -2.891  6.895   1.00 14.98 ? 170 GLU A CD  1 
ATOM   1139 O OE1 . GLU A 1 182 ? -22.433 -4.036  6.731   1.00 13.60 ? 170 GLU A OE1 1 
ATOM   1140 O OE2 . GLU A 1 182 ? -22.617 -1.961  7.504   1.00 17.18 ? 170 GLU A OE2 1 
ATOM   1141 N N   . LEU A 1 183 ? -18.683 -4.532  2.671   1.00 11.77 ? 171 LEU A N   1 
ATOM   1142 C CA  . LEU A 1 183 ? -17.978 -5.511  1.812   1.00 11.28 ? 171 LEU A CA  1 
ATOM   1143 C C   . LEU A 1 183 ? -16.644 -4.903  1.383   1.00 10.69 ? 171 LEU A C   1 
ATOM   1144 O O   . LEU A 1 183 ? -15.579 -5.612  1.510   1.00 11.10 ? 171 LEU A O   1 
ATOM   1145 C CB  . LEU A 1 183 ? -18.845 -5.803  0.605   1.00 11.38 ? 171 LEU A CB  1 
ATOM   1146 C CG  . LEU A 1 183 ? -18.240 -6.663  -0.500  1.00 11.86 ? 171 LEU A CG  1 
ATOM   1147 C CD1 . LEU A 1 183 ? -17.741 -7.988  0.047   1.00 13.01 ? 171 LEU A CD1 1 
ATOM   1148 C CD2 . LEU A 1 183 ? -19.270 -6.886  -1.589  1.00 12.82 ? 171 LEU A CD2 1 
ATOM   1149 N N   . ALA A 1 184 ? -16.640 -3.668  0.886   1.00 10.88 ? 172 ALA A N   1 
ATOM   1150 C CA  . ALA A 1 184 ? -15.393 -3.018  0.447   1.00 11.17 ? 172 ALA A CA  1 
ATOM   1151 C C   . ALA A 1 184 ? -14.384 -3.015  1.586   1.00 11.30 ? 172 ALA A C   1 
ATOM   1152 O O   . ALA A 1 184 ? -13.181 -3.180  1.375   1.00 10.80 ? 172 ALA A O   1 
ATOM   1153 C CB  . ALA A 1 184 ? -15.683 -1.629  -0.044  1.00 11.31 ? 172 ALA A CB  1 
ATOM   1154 N N   . THR A 1 185 ? -14.798 -2.690  2.799   1.00 10.55 ? 173 THR A N   1 
ATOM   1155 C CA  . THR A 1 185 ? -13.874 -2.574  3.920   1.00 9.97  ? 173 THR A CA  1 
ATOM   1156 C C   . THR A 1 185 ? -13.179 -3.938  4.168   1.00 10.06 ? 173 THR A C   1 
ATOM   1157 O O   . THR A 1 185 ? -11.968 -4.001  4.317   1.00 11.41 ? 173 THR A O   1 
ATOM   1158 C CB  . THR A 1 185 ? -14.619 -2.106  5.189   1.00 11.17 ? 173 THR A CB  1 
ATOM   1159 O OG1 . THR A 1 185 ? -15.191 -0.784  5.018   1.00 12.38 ? 173 THR A OG1 1 
ATOM   1160 C CG2 . THR A 1 185 ? -13.705 -2.071  6.374   1.00 11.61 ? 173 THR A CG2 1 
ATOM   1161 N N   . ALA A 1 186 ? -13.946 -5.027  4.248   1.00 10.20 ? 174 ALA A N   1 
ATOM   1162 C CA  . ALA A 1 186 ? -13.373 -6.361  4.531   1.00 10.46 ? 174 ALA A CA  1 
ATOM   1163 C C   . ALA A 1 186 ? -12.447 -6.748  3.384   1.00 9.68  ? 174 ALA A C   1 
ATOM   1164 O O   . ALA A 1 186 ? -11.389 -7.306  3.671   1.00 10.28 ? 174 ALA A O   1 
ATOM   1165 C CB  . ALA A 1 186 ? -14.485 -7.381  4.670   1.00 10.22 ? 174 ALA A CB  1 
ATOM   1166 N N   . LEU A 1 187 ? -12.805 -6.494  2.130   1.00 10.83 ? 175 LEU A N   1 
ATOM   1167 C CA  . LEU A 1 187 ? -11.914 -6.871  0.988   1.00 9.65  ? 175 LEU A CA  1 
ATOM   1168 C C   . LEU A 1 187 ? -10.617 -6.056  1.031   1.00 9.77  ? 175 LEU A C   1 
ATOM   1169 O O   . LEU A 1 187 ? -9.534  -6.609  0.753   1.00 10.12 ? 175 LEU A O   1 
ATOM   1170 C CB  . LEU A 1 187 ? -12.665 -6.683  -0.327  1.00 9.86  ? 175 LEU A CB  1 
ATOM   1171 C CG  . LEU A 1 187 ? -13.831 -7.635  -0.586  1.00 10.14 ? 175 LEU A CG  1 
ATOM   1172 C CD1 . LEU A 1 187 ? -14.502 -7.228  -1.886  1.00 11.11 ? 175 LEU A CD1 1 
ATOM   1173 C CD2 . LEU A 1 187 ? -13.418 -9.079  -0.627  1.00 10.36 ? 175 LEU A CD2 1 
ATOM   1174 N N   . ASN A 1 188 ? -10.673 -4.777  1.343   1.00 9.87  ? 176 ASN A N   1 
ATOM   1175 C CA  . ASN A 1 188 ? -9.479  -3.933  1.434   1.00 10.20 ? 176 ASN A CA  1 
ATOM   1176 C C   . ASN A 1 188 ? -8.608  -4.400  2.601   1.00 10.13 ? 176 ASN A C   1 
ATOM   1177 O O   . ASN A 1 188 ? -7.388  -4.458  2.451   1.00 10.12 ? 176 ASN A O   1 
ATOM   1178 C CB  . ASN A 1 188 ? -9.835  -2.456  1.572   1.00 10.10 ? 176 ASN A CB  1 
ATOM   1179 C CG  . ASN A 1 188 ? -10.041 -1.739  0.257   1.00 10.21 ? 176 ASN A CG  1 
ATOM   1180 O OD1 . ASN A 1 188 ? -9.142  -0.983  -0.143  1.00 12.20 ? 176 ASN A OD1 1 
ATOM   1181 N ND2 . ASN A 1 188 ? -11.148 -2.012  -0.394  1.00 11.21 ? 176 ASN A ND2 1 
ATOM   1182 N N   . LEU A 1 189 ? -9.196  -4.745  3.764   1.00 9.52  ? 177 LEU A N   1 
ATOM   1183 C CA  . LEU A 1 189 ? -8.386  -5.243  4.892   1.00 10.30 ? 177 LEU A CA  1 
ATOM   1184 C C   . LEU A 1 189 ? -7.809  -6.616  4.579   1.00 10.44 ? 177 LEU A C   1 
ATOM   1185 O O   . LEU A 1 189 ? -6.656  -6.878  4.972   1.00 10.91 ? 177 LEU A O   1 
ATOM   1186 C CB  . LEU A 1 189 ? -9.262  -5.288  6.145   1.00 10.34 ? 177 LEU A CB  1 
ATOM   1187 C CG  . LEU A 1 189 ? -9.627  -3.923  6.718   1.00 10.50 ? 177 LEU A CG  1 
ATOM   1188 C CD1 . LEU A 1 189 ? -10.582 -4.113  7.900   1.00 12.38 ? 177 LEU A CD1 1 
ATOM   1189 C CD2 . LEU A 1 189 ? -8.407  -3.198  7.175   1.00 11.87 ? 177 LEU A CD2 1 
ATOM   1190 N N   . MET A 1 190 ? -8.569  -7.483  3.897   1.00 9.06  ? 178 MET A N   1 
ATOM   1191 C CA  . MET A 1 190 ? -7.983  -8.749  3.462   1.00 9.41  ? 178 MET A CA  1 
ATOM   1192 C C   . MET A 1 190 ? -6.735  -8.457  2.612   1.00 9.48  ? 178 MET A C   1 
ATOM   1193 O O   . MET A 1 190 ? -5.676  -9.106  2.846   1.00 10.48 ? 178 MET A O   1 
ATOM   1194 C CB  . MET A 1 190 ? -8.963  -9.564  2.612   1.00 9.62  ? 178 MET A CB  1 
ATOM   1195 C CG  . MET A 1 190 ? -8.318  -10.799 2.024   1.00 10.10 ? 178 MET A CG  1 
ATOM   1196 S SD  . MET A 1 190 ? -9.427  -11.803 1.000   1.00 11.65 ? 178 MET A SD  1 
ATOM   1197 C CE  . MET A 1 190 ? -9.827  -10.670 -0.330  1.00 11.76 ? 178 MET A CE  1 
ATOM   1198 N N   . ASN A 1 191 ? -6.834  -7.513  1.668   1.00 9.99  ? 179 ASN A N   1 
ATOM   1199 C CA  . ASN A 1 191 ? -5.657  -7.291  0.792   1.00 9.97  ? 179 ASN A CA  1 
ATOM   1200 C C   . ASN A 1 191 ? -4.487  -6.725  1.562   1.00 10.14 ? 179 ASN A C   1 
ATOM   1201 O O   . ASN A 1 191 ? -3.346  -7.166  1.335   1.00 10.14 ? 179 ASN A O   1 
ATOM   1202 C CB  . ASN A 1 191 ? -6.002  -6.335  -0.345  1.00 9.89  ? 179 ASN A CB  1 
ATOM   1203 C CG  . ASN A 1 191 ? -6.847  -7.009  -1.407  1.00 9.59  ? 179 ASN A CG  1 
ATOM   1204 O OD1 . ASN A 1 191 ? -7.447  -8.079  -1.216  1.00 10.58 ? 179 ASN A OD1 1 
ATOM   1205 N ND2 . ASN A 1 191 ? -6.906  -6.370  -2.568  1.00 10.63 ? 179 ASN A ND2 1 
ATOM   1206 N N   . GLU A 1 192 ? -4.734  -5.806  2.477   1.00 10.30 ? 180 GLU A N   1 
ATOM   1207 C CA  . GLU A 1 192 ? -3.660  -5.255  3.306   1.00 11.24 ? 180 GLU A CA  1 
ATOM   1208 C C   . GLU A 1 192 ? -2.933  -6.408  4.010   1.00 12.03 ? 180 GLU A C   1 
ATOM   1209 O O   . GLU A 1 192 ? -1.697  -6.545  3.892   1.00 12.38 ? 180 GLU A O   1 
ATOM   1210 C CB  . GLU A 1 192 ? -4.274  -4.344  4.355   1.00 11.42 ? 180 GLU A CB  1 
ATOM   1211 C CG  . GLU A 1 192 ? -3.239  -3.778  5.313   1.00 12.76 ? 180 GLU A CG  1 
ATOM   1212 C CD  . GLU A 1 192 ? -3.865  -3.080  6.523   1.00 14.00 ? 180 GLU A CD  1 
ATOM   1213 O OE1 . GLU A 1 192 ? -4.607  -2.154  6.348   1.00 14.52 ? 180 GLU A OE1 1 
ATOM   1214 O OE2 . GLU A 1 192 ? -3.523  -3.467  7.667   1.00 18.50 ? 180 GLU A OE2 1 
ATOM   1215 N N   . ARG A 1 193 ? -3.666  -7.245  4.754   1.00 10.60 ? 181 ARG A N   1 
ATOM   1216 C CA  . ARG A 1 193 ? -3.010  -8.311  5.532   1.00 10.80 ? 181 ARG A CA  1 
ATOM   1217 C C   . ARG A 1 193 ? -2.345  -9.339  4.615   1.00 11.06 ? 181 ARG A C   1 
ATOM   1218 O O   . ARG A 1 193 ? -1.218  -9.857  4.913   1.00 11.75 ? 181 ARG A O   1 
ATOM   1219 C CB  . ARG A 1 193 ? -4.028  -8.967  6.449   1.00 11.01 ? 181 ARG A CB  1 
ATOM   1220 C CG  . ARG A 1 193 ? -3.420  -9.965  7.419   1.00 12.89 ? 181 ARG A CG  1 
ATOM   1221 C CD  . ARG A 1 193 ? -2.713  -9.263  8.547   1.00 16.33 ? 181 ARG A CD  1 
ATOM   1222 N NE  . ARG A 1 193 ? -2.028  -10.238 9.318   1.00 22.83 ? 181 ARG A NE  1 
ATOM   1223 C CZ  . ARG A 1 193 ? -0.768  -10.625 9.134   1.00 25.85 ? 181 ARG A CZ  1 
ATOM   1224 N NH1 . ARG A 1 193 ? -0.302  -11.584 9.898   1.00 31.43 ? 181 ARG A NH1 1 
ATOM   1225 N NH2 . ARG A 1 193 ? -0.008  -10.052 8.242   1.00 23.73 ? 181 ARG A NH2 1 
ATOM   1226 N N   . THR A 1 194 ? -3.042  -9.736  3.552   1.00 9.53  ? 182 THR A N   1 
ATOM   1227 C CA  . THR A 1 194 ? -2.605  -10.872 2.716   1.00 10.25 ? 182 THR A CA  1 
ATOM   1228 C C   . THR A 1 194 ? -1.436  -10.425 1.829   1.00 10.41 ? 182 THR A C   1 
ATOM   1229 O O   . THR A 1 194 ? -0.411  -11.174 1.768   1.00 10.84 ? 182 THR A O   1 
ATOM   1230 C CB  . THR A 1 194 ? -3.757  -11.452 1.913   1.00 11.99 ? 182 THR A CB  1 
ATOM   1231 O OG1 . THR A 1 194 ? -4.845  -11.766 2.811   1.00 11.65 ? 182 THR A OG1 1 
ATOM   1232 C CG2 . THR A 1 194 ? -3.317  -12.665 1.148   1.00 13.29 ? 182 THR A CG2 1 
ATOM   1233 N N   . LEU A 1 195 ? -1.518  -9.273  1.157   1.00 9.96  ? 183 LEU A N   1 
ATOM   1234 C CA  . LEU A 1 195 ? -0.359  -8.820  0.346   1.00 11.06 ? 183 LEU A CA  1 
ATOM   1235 C C   . LEU A 1 195 ? 0.866   -8.650  1.241   1.00 11.65 ? 183 LEU A C   1 
ATOM   1236 O O   . LEU A 1 195 ? 1.960   -9.118  0.887   1.00 12.67 ? 183 LEU A O   1 
ATOM   1237 C CB  . LEU A 1 195 ? -0.695  -7.489  -0.317  1.00 10.83 ? 183 LEU A CB  1 
ATOM   1238 C CG  . LEU A 1 195 ? -1.673  -7.537  -1.491  1.00 11.72 ? 183 LEU A CG  1 
ATOM   1239 C CD1 . LEU A 1 195 ? -1.967  -6.101  -1.915  1.00 12.30 ? 183 LEU A CD1 1 
ATOM   1240 C CD2 . LEU A 1 195 ? -1.144  -8.361  -2.669  1.00 13.31 ? 183 LEU A CD2 1 
ATOM   1241 N N   . PHE A 1 196 ? 0.734   -8.024  2.401   1.00 12.02 ? 184 PHE A N   1 
ATOM   1242 C CA  . PHE A 1 196 ? 1.915   -7.690  3.219   1.00 12.55 ? 184 PHE A CA  1 
ATOM   1243 C C   . PHE A 1 196 ? 2.441   -8.971  3.862   1.00 13.16 ? 184 PHE A C   1 
ATOM   1244 O O   . PHE A 1 196 ? 3.685   -9.132  3.944   1.00 14.74 ? 184 PHE A O   1 
ATOM   1245 C CB  . PHE A 1 196 ? 1.583   -6.568  4.194   1.00 14.38 ? 184 PHE A CB  1 
ATOM   1246 C CG  . PHE A 1 196 ? 1.182   -5.286  3.513   1.00 14.17 ? 184 PHE A CG  1 
ATOM   1247 C CD1 . PHE A 1 196 ? 1.318   -5.073  2.140   1.00 15.96 ? 184 PHE A CD1 1 
ATOM   1248 C CD2 . PHE A 1 196 ? 0.575   -4.292  4.265   1.00 16.25 ? 184 PHE A CD2 1 
ATOM   1249 C CE1 . PHE A 1 196 ? 0.883   -3.900  1.514   1.00 16.93 ? 184 PHE A CE1 1 
ATOM   1250 C CE2 . PHE A 1 196 ? 0.186   -3.108  3.646   1.00 15.24 ? 184 PHE A CE2 1 
ATOM   1251 C CZ  . PHE A 1 196 ? 0.362   -2.895  2.299   1.00 15.63 ? 184 PHE A CZ  1 
ATOM   1252 N N   . ALA A 1 197 ? 1.602   -9.947  4.192   1.00 11.66 ? 185 ALA A N   1 
ATOM   1253 C CA  . ALA A 1 197 ? 2.158   -11.202 4.725   1.00 13.50 ? 185 ALA A CA  1 
ATOM   1254 C C   . ALA A 1 197 ? 2.948   -11.902 3.615   1.00 12.91 ? 185 ALA A C   1 
ATOM   1255 O O   . ALA A 1 197 ? 3.995   -12.517 3.876   1.00 14.13 ? 185 ALA A O   1 
ATOM   1256 C CB  . ALA A 1 197 ? 1.044   -12.100 5.213   1.00 12.70 ? 185 ALA A CB  1 
ATOM   1257 N N   . SER A 1 198 ? 2.428   -11.877 2.397   1.00 11.51 ? 186 SER A N   1 
ATOM   1258 C CA  . SER A 1 198 ? 3.078   -12.510 1.226   1.00 11.97 ? 186 SER A CA  1 
ATOM   1259 C C   . SER A 1 198 ? 4.447   -11.832 0.995   1.00 13.78 ? 186 SER A C   1 
ATOM   1260 O O   . SER A 1 198 ? 5.485   -12.576 0.779   1.00 15.85 ? 186 SER A O   1 
ATOM   1261 C CB  . SER A 1 198 ? 2.281   -12.460 -0.020  1.00 14.45 ? 186 SER A CB  1 
ATOM   1262 O OG  . SER A 1 198 ? 1.140   -13.323 0.090   1.00 18.14 ? 186 SER A OG  1 
ATOM   1263 N N   . PHE A 1 199 ? 4.494   -10.518 0.990   1.00 13.23 ? 187 PHE A N   1 
ATOM   1264 C CA  . PHE A 1 199 ? 5.761   -9.828  0.664   1.00 14.36 ? 187 PHE A CA  1 
ATOM   1265 C C   . PHE A 1 199 ? 6.795   -10.140 1.741   1.00 17.04 ? 187 PHE A C   1 
ATOM   1266 O O   . PHE A 1 199 ? 7.996   -10.266 1.414   1.00 20.89 ? 187 PHE A O   1 
ATOM   1267 C CB  . PHE A 1 199 ? 5.548   -8.310  0.614   1.00 13.84 ? 187 PHE A CB  1 
ATOM   1268 C CG  . PHE A 1 199 ? 4.669   -7.822  -0.487  1.00 14.09 ? 187 PHE A CG  1 
ATOM   1269 C CD1 . PHE A 1 199 ? 4.492   -8.515  -1.659  1.00 14.51 ? 187 PHE A CD1 1 
ATOM   1270 C CD2 . PHE A 1 199 ? 3.934   -6.664  -0.301  1.00 14.38 ? 187 PHE A CD2 1 
ATOM   1271 C CE1 . PHE A 1 199 ? 3.636   -8.053  -2.640  1.00 16.20 ? 187 PHE A CE1 1 
ATOM   1272 C CE2 . PHE A 1 199 ? 3.085   -6.195  -1.294  1.00 16.00 ? 187 PHE A CE2 1 
ATOM   1273 C CZ  . PHE A 1 199 ? 2.926   -6.900  -2.444  1.00 15.56 ? 187 PHE A CZ  1 
ATOM   1274 N N   . ALA A 1 200 ? 6.379   -10.262 2.992   1.00 16.65 ? 188 ALA A N   1 
ATOM   1275 C CA  . ALA A 1 200 ? 7.283   -10.532 4.143   1.00 19.26 ? 188 ALA A CA  1 
ATOM   1276 C C   . ALA A 1 200 ? 7.619   -12.008 4.269   1.00 19.96 ? 188 ALA A C   1 
ATOM   1277 O O   . ALA A 1 200 ? 8.449   -12.303 5.181   1.00 25.09 ? 188 ALA A O   1 
ATOM   1278 C CB  . ALA A 1 200 ? 6.677   -9.968  5.389   1.00 20.63 ? 188 ALA A CB  1 
ATOM   1279 N N   . GLY A 1 201 ? 7.067   -12.894 3.469   1.00 19.39 ? 189 GLY A N   1 
ATOM   1280 C CA  . GLY A 1 201 ? 7.248   -14.355 3.612   1.00 20.84 ? 189 GLY A CA  1 
ATOM   1281 C C   . GLY A 1 201 ? 6.852   -14.821 5.001   1.00 23.57 ? 189 GLY A C   1 
ATOM   1282 O O   . GLY A 1 201 ? 7.491   -15.756 5.568   1.00 24.61 ? 189 GLY A O   1 
ATOM   1283 N N   . GLU A 1 202 ? 5.786   -14.249 5.566   1.00 18.44 ? 190 GLU A N   1 
ATOM   1284 C CA  . GLU A 1 202 ? 5.284   -14.701 6.896   1.00 18.11 ? 190 GLU A CA  1 
ATOM   1285 C C   . GLU A 1 202 ? 4.829   -16.159 6.845   1.00 17.30 ? 190 GLU A C   1 
ATOM   1286 O O   . GLU A 1 202 ? 4.410   -16.688 5.797   1.00 17.15 ? 190 GLU A O   1 
ATOM   1287 C CB  . GLU A 1 202 ? 4.104   -13.844 7.351   1.00 16.43 ? 190 GLU A CB  1 
ATOM   1288 C CG  . GLU A 1 202 ? 4.428   -12.407 7.630   1.00 19.06 ? 190 GLU A CG  1 
ATOM   1289 C CD  . GLU A 1 202 ? 3.257   -11.631 8.219   1.00 22.60 ? 190 GLU A CD  1 
ATOM   1290 O OE1 . GLU A 1 202 ? 2.332   -12.251 8.770   1.00 23.56 ? 190 GLU A OE1 1 
ATOM   1291 O OE2 . GLU A 1 202 ? 3.287   -10.398 8.146   1.00 31.37 ? 190 GLU A OE2 1 
ATOM   1292 N N   . GLN A 1 203 ? 4.851   -16.822 8.001   1.00 18.65 ? 191 GLN A N   1 
ATOM   1293 C CA  . GLN A 1 203 ? 4.177   -18.137 8.126   1.00 20.92 ? 191 GLN A CA  1 
ATOM   1294 C C   . GLN A 1 203 ? 2.992   -17.906 9.051   1.00 21.82 ? 191 GLN A C   1 
ATOM   1295 O O   . GLN A 1 203 ? 3.136   -17.516 10.230  1.00 22.02 ? 191 GLN A O   1 
ATOM   1296 C CB  . GLN A 1 203 ? 5.106   -19.289 8.550   1.00 28.45 ? 191 GLN A CB  1 
ATOM   1297 C CG  . GLN A 1 203 ? 4.611   -20.637 7.976   1.00 38.97 ? 191 GLN A CG  1 
ATOM   1298 C CD  . GLN A 1 203 ? 5.581   -21.799 7.941   1.00 42.66 ? 191 GLN A CD  1 
ATOM   1299 O OE1 . GLN A 1 203 ? 5.853   -22.452 8.950   1.00 52.53 ? 191 GLN A OE1 1 
ATOM   1300 N NE2 . GLN A 1 203 ? 6.063   -22.112 6.747   1.00 43.52 ? 191 GLN A NE2 1 
ATOM   1301 N N   . PRO A 1 204 ? 1.745   -17.987 8.559   1.00 17.44 ? 192 PRO A N   1 
ATOM   1302 C CA  . PRO A 1 204 ? 1.386   -18.371 7.196   1.00 16.33 ? 192 PRO A CA  1 
ATOM   1303 C C   . PRO A 1 204 ? 1.318   -17.178 6.236   1.00 15.02 ? 192 PRO A C   1 
ATOM   1304 O O   . PRO A 1 204 ? 1.022   -16.051 6.590   1.00 14.30 ? 192 PRO A O   1 
ATOM   1305 C CB  . PRO A 1 204 ? -0.043  -18.905 7.390   1.00 19.09 ? 192 PRO A CB  1 
ATOM   1306 C CG  . PRO A 1 204 ? -0.609  -18.043 8.464   1.00 19.51 ? 192 PRO A CG  1 
ATOM   1307 C CD  . PRO A 1 204 ? 0.551   -17.719 9.388   1.00 20.50 ? 192 PRO A CD  1 
ATOM   1308 N N   . SER A 1 205 ? 1.402   -17.527 4.959   1.00 13.63 ? 193 SER A N   1 
ATOM   1309 C CA  . SER A 1 205 ? 1.173   -16.551 3.858   1.00 12.69 ? 193 SER A CA  1 
ATOM   1310 C C   . SER A 1 205 ? 0.898   -17.276 2.563   1.00 13.55 ? 193 SER A C   1 
ATOM   1311 O O   . SER A 1 205 ? 1.291   -18.407 2.363   1.00 16.91 ? 193 SER A O   1 
ATOM   1312 C CB  . SER A 1 205 ? 2.278   -15.551 3.669   1.00 13.00 ? 193 SER A CB  1 
ATOM   1313 O OG  . SER A 1 205 ? 3.503   -16.207 3.362   1.00 15.61 ? 193 SER A OG  1 
ATOM   1314 N N   . VAL A 1 206 ? 0.178   -16.611 1.674   1.00 13.78 ? 194 VAL A N   1 
ATOM   1315 C CA  . VAL A 1 206 ? 0.005   -17.084 0.299   1.00 13.56 ? 194 VAL A CA  1 
ATOM   1316 C C   . VAL A 1 206 ? 1.340   -16.822 -0.394  1.00 13.52 ? 194 VAL A C   1 
ATOM   1317 O O   . VAL A 1 206 ? 1.899   -15.736 -0.269  1.00 12.97 ? 194 VAL A O   1 
ATOM   1318 C CB  . VAL A 1 206 ? -1.147  -16.326 -0.390  1.00 13.18 ? 194 VAL A CB  1 
ATOM   1319 C CG1 . VAL A 1 206 ? -1.342  -16.787 -1.826  1.00 13.54 ? 194 VAL A CG1 1 
ATOM   1320 C CG2 . VAL A 1 206 ? -2.475  -16.441 0.362   1.00 14.31 ? 194 VAL A CG2 1 
ATOM   1321 N N   . PRO A 1 207 ? 1.860   -17.732 -1.240  1.00 13.69 ? 195 PRO A N   1 
ATOM   1322 C CA  . PRO A 1 207 ? 3.046   -17.415 -2.008  1.00 14.47 ? 195 PRO A CA  1 
ATOM   1323 C C   . PRO A 1 207 ? 2.848   -16.154 -2.838  1.00 13.06 ? 195 PRO A C   1 
ATOM   1324 O O   . PRO A 1 207 ? 1.763   -15.949 -3.416  1.00 12.99 ? 195 PRO A O   1 
ATOM   1325 C CB  . PRO A 1 207 ? 3.259   -18.671 -2.876  1.00 16.12 ? 195 PRO A CB  1 
ATOM   1326 C CG  . PRO A 1 207 ? 2.509   -19.739 -2.147  1.00 16.90 ? 195 PRO A CG  1 
ATOM   1327 C CD  . PRO A 1 207 ? 1.340   -19.072 -1.463  1.00 14.51 ? 195 PRO A CD  1 
ATOM   1328 N N   . GLU A 1 208 ? 3.889   -15.336 -2.907  1.00 14.46 ? 196 GLU A N   1 
ATOM   1329 C CA  . GLU A 1 208 ? 3.784   -14.090 -3.679  1.00 13.66 ? 196 GLU A CA  1 
ATOM   1330 C C   . GLU A 1 208 ? 3.311   -14.344 -5.094  1.00 13.20 ? 196 GLU A C   1 
ATOM   1331 O O   . GLU A 1 208 ? 2.563   -13.562 -5.612  1.00 13.01 ? 196 GLU A O   1 
ATOM   1332 C CB  . GLU A 1 208 ? 5.103   -13.316 -3.583  1.00 16.35 ? 196 GLU A CB  1 
ATOM   1333 C CG  . GLU A 1 208 ? 5.064   -11.971 -4.176  1.00 19.67 ? 196 GLU A CG  1 
ATOM   1334 C CD  . GLU A 1 208 ? 6.330   -11.144 -3.929  1.00 25.42 ? 196 GLU A CD  1 
ATOM   1335 O OE1 . GLU A 1 208 ? 7.240   -11.627 -3.253  1.00 32.19 ? 196 GLU A OE1 1 
ATOM   1336 O OE2 . GLU A 1 208 ? 6.368   -10.018 -4.465  1.00 29.39 ? 196 GLU A OE2 1 
ATOM   1337 N N   . ALA A 1 209 ? 3.791   -15.410 -5.755  1.00 12.00 ? 197 ALA A N   1 
ATOM   1338 C CA  . ALA A 1 209 ? 3.391   -15.717 -7.131  1.00 12.98 ? 197 ALA A CA  1 
ATOM   1339 C C   . ALA A 1 209 ? 1.960   -16.220 -7.256  1.00 13.41 ? 197 ALA A C   1 
ATOM   1340 O O   . ALA A 1 209 ? 1.500   -16.397 -8.398  1.00 15.63 ? 197 ALA A O   1 
ATOM   1341 C CB  . ALA A 1 209 ? 4.358   -16.756 -7.700  1.00 13.56 ? 197 ALA A CB  1 
ATOM   1342 N N   . ARG A 1 210 ? 1.220   -16.393 -6.152  1.00 12.18 ? 198 ARG A N   1 
ATOM   1343 C CA  . ARG A 1 210 ? -0.186  -16.836 -6.186  1.00 11.83 ? 198 ARG A CA  1 
ATOM   1344 C C   . ARG A 1 210 ? -1.115  -15.784 -5.573  1.00 11.44 ? 198 ARG A C   1 
ATOM   1345 O O   . ARG A 1 210 ? -2.312  -15.967 -5.648  1.00 12.02 ? 198 ARG A O   1 
ATOM   1346 C CB  . ARG A 1 210 ? -0.357  -18.111 -5.368  1.00 11.87 ? 198 ARG A CB  1 
ATOM   1347 C CG  . ARG A 1 210 ? 0.285   -19.341 -5.998  1.00 11.92 ? 198 ARG A CG  1 
ATOM   1348 C CD  . ARG A 1 210 ? -0.319  -19.724 -7.298  1.00 14.10 ? 198 ARG A CD  1 
ATOM   1349 N NE  . ARG A 1 210 ? -1.749  -19.858 -7.200  1.00 15.23 ? 198 ARG A NE  1 
ATOM   1350 C CZ  . ARG A 1 210 ? -2.617  -19.541 -8.133  1.00 18.08 ? 198 ARG A CZ  1 
ATOM   1351 N NH1 . ARG A 1 210 ? -2.213  -19.169 -9.337  1.00 19.23 ? 198 ARG A NH1 1 
ATOM   1352 N NH2 . ARG A 1 210 ? -3.906  -19.572 -7.853  1.00 17.90 ? 198 ARG A NH2 1 
ATOM   1353 N N   . VAL A 1 211 ? -0.554  -14.766 -4.949  1.00 10.86 ? 199 VAL A N   1 
ATOM   1354 C CA  . VAL A 1 211 ? -1.418  -13.886 -4.110  1.00 11.21 ? 199 VAL A CA  1 
ATOM   1355 C C   . VAL A 1 211 ? -2.369  -13.065 -5.008  1.00 11.04 ? 199 VAL A C   1 
ATOM   1356 O O   . VAL A 1 211 ? -3.543  -12.845 -4.631  1.00 10.64 ? 199 VAL A O   1 
ATOM   1357 C CB  . VAL A 1 211 ? -0.618  -13.075 -3.089  1.00 11.68 ? 199 VAL A CB  1 
ATOM   1358 C CG1 . VAL A 1 211 ? 0.187   -11.996 -3.756  1.00 12.70 ? 199 VAL A CG1 1 
ATOM   1359 C CG2 . VAL A 1 211 ? -1.563  -12.518 -2.045  1.00 13.04 ? 199 VAL A CG2 1 
ATOM   1360 N N   . LEU A 1 212 ? -1.946  -12.601 -6.183  1.00 12.25 ? 200 LEU A N   1 
ATOM   1361 C CA  . LEU A 1 212 ? -2.867  -11.782 -7.003  1.00 12.45 ? 200 LEU A CA  1 
ATOM   1362 C C   . LEU A 1 212 ? -4.071  -12.608 -7.435  1.00 13.16 ? 200 LEU A C   1 
ATOM   1363 O O   . LEU A 1 212 ? -5.227  -12.127 -7.288  1.00 13.67 ? 200 LEU A O   1 
ATOM   1364 C CB  . LEU A 1 212 ? -2.108  -11.208 -8.208  1.00 13.88 ? 200 LEU A CB  1 
ATOM   1365 C CG  . LEU A 1 212 ? -2.877  -10.247 -9.082  1.00 15.42 ? 200 LEU A CG  1 
ATOM   1366 C CD1 . LEU A 1 212 ? -3.404  -9.058  -8.316  1.00 15.01 ? 200 LEU A CD1 1 
ATOM   1367 C CD2 . LEU A 1 212 ? -1.993  -9.804  -10.249 1.00 15.86 ? 200 LEU A CD2 1 
ATOM   1368 N N   . ASP A 1 213 ? -3.865  -13.810 -7.958  1.00 13.40 ? 201 ASP A N   1 
ATOM   1369 C CA  . ASP A 1 213 ? -4.976  -14.664 -8.416  1.00 14.06 ? 201 ASP A CA  1 
ATOM   1370 C C   . ASP A 1 213 ? -5.890  -14.981 -7.224  1.00 12.04 ? 201 ASP A C   1 
ATOM   1371 O O   . ASP A 1 213 ? -7.085  -15.089 -7.427  1.00 12.80 ? 201 ASP A O   1 
ATOM   1372 C CB  . ASP A 1 213 ? -4.473  -15.951 -9.033  1.00 17.64 ? 201 ASP A CB  1 
ATOM   1373 C CG  . ASP A 1 213 ? -3.998  -15.872 -10.480 1.00 22.99 ? 201 ASP A CG  1 
ATOM   1374 O OD1 . ASP A 1 213 ? -4.231  -14.868 -11.131 1.00 22.96 ? 201 ASP A OD1 1 
ATOM   1375 O OD2 . ASP A 1 213 ? -3.365  -16.916 -10.906 1.00 28.21 ? 201 ASP A OD2 1 
ATOM   1376 N N   . THR A 1 214 ? -5.309  -15.180 -6.052  1.00 11.39 ? 202 THR A N   1 
ATOM   1377 C CA  . THR A 1 214 ? -6.079  -15.567 -4.852  1.00 10.71 ? 202 THR A CA  1 
ATOM   1378 C C   . THR A 1 214 ? -7.036  -14.428 -4.532  1.00 10.27 ? 202 THR A C   1 
ATOM   1379 O O   . THR A 1 214 ? -8.251  -14.665 -4.324  1.00 10.95 ? 202 THR A O   1 
ATOM   1380 C CB  . THR A 1 214 ? -5.161  -15.876 -3.685  1.00 10.78 ? 202 THR A CB  1 
ATOM   1381 O OG1 . THR A 1 214 ? -4.259  -16.959 -4.038  1.00 11.51 ? 202 THR A OG1 1 
ATOM   1382 C CG2 . THR A 1 214 ? -5.934  -16.282 -2.459  1.00 12.65 ? 202 THR A CG2 1 
ATOM   1383 N N   . LEU A 1 215 ? -6.483  -13.234 -4.415  1.00 10.87 ? 203 LEU A N   1 
ATOM   1384 C CA  . LEU A 1 215 ? -7.332  -12.070 -4.036  1.00 10.16 ? 203 LEU A CA  1 
ATOM   1385 C C   . LEU A 1 215 ? -8.346  -11.776 -5.123  1.00 10.58 ? 203 LEU A C   1 
ATOM   1386 O O   . LEU A 1 215 ? -9.504  -11.464 -4.791  1.00 11.61 ? 203 LEU A O   1 
ATOM   1387 C CB  . LEU A 1 215 ? -6.432  -10.872 -3.728  1.00 10.45 ? 203 LEU A CB  1 
ATOM   1388 C CG  . LEU A 1 215 ? -5.473  -11.070 -2.567  1.00 10.92 ? 203 LEU A CG  1 
ATOM   1389 C CD1 . LEU A 1 215 ? -4.515  -9.890  -2.523  1.00 11.24 ? 203 LEU A CD1 1 
ATOM   1390 C CD2 . LEU A 1 215 ? -6.194  -11.237 -1.240  1.00 10.74 ? 203 LEU A CD2 1 
ATOM   1391 N N   . VAL A 1 216 ? -7.971  -11.844 -6.405  1.00 11.26 ? 204 VAL A N   1 
ATOM   1392 C CA  . VAL A 1 216 ? -8.951  -11.551 -7.490  1.00 11.25 ? 204 VAL A CA  1 
ATOM   1393 C C   . VAL A 1 216 ? -10.142 -12.506 -7.368  1.00 11.88 ? 204 VAL A C   1 
ATOM   1394 O O   . VAL A 1 216 ? -11.270 -12.068 -7.447  1.00 12.38 ? 204 VAL A O   1 
ATOM   1395 C CB  . VAL A 1 216 ? -8.299  -11.632 -8.870  1.00 12.32 ? 204 VAL A CB  1 
ATOM   1396 C CG1 . VAL A 1 216 ? -9.368  -11.602 -9.937  1.00 13.69 ? 204 VAL A CG1 1 
ATOM   1397 C CG2 . VAL A 1 216 ? -7.279  -10.560 -9.059  1.00 11.72 ? 204 VAL A CG2 1 
ATOM   1398 N N   . HIS A 1 217 ? -9.915  -13.780 -7.145  1.00 10.83 ? 205 HIS A N   1 
ATOM   1399 C CA  . HIS A 1 217 ? -10.986 -14.779 -7.003  1.00 10.73 ? 205 HIS A CA  1 
ATOM   1400 C C   . HIS A 1 217 ? -11.953 -14.317 -5.916  1.00 11.95 ? 205 HIS A C   1 
ATOM   1401 O O   . HIS A 1 217 ? -13.152 -14.361 -6.075  1.00 11.42 ? 205 HIS A O   1 
ATOM   1402 C CB  . HIS A 1 217 ? -10.436 -16.149 -6.706  1.00 11.43 ? 205 HIS A CB  1 
ATOM   1403 C CG  . HIS A 1 217 ? -11.483 -17.118 -6.308  1.00 12.36 ? 205 HIS A CG  1 
ATOM   1404 N ND1 . HIS A 1 217 ? -12.205 -17.872 -7.249  1.00 15.13 ? 205 HIS A ND1 1 
ATOM   1405 C CD2 . HIS A 1 217 ? -11.969 -17.450 -5.105  1.00 13.15 ? 205 HIS A CD2 1 
ATOM   1406 C CE1 . HIS A 1 217 ? -13.073 -18.624 -6.592  1.00 14.61 ? 205 HIS A CE1 1 
ATOM   1407 N NE2 . HIS A 1 217 ? -12.954 -18.390 -5.271  1.00 14.00 ? 205 HIS A NE2 1 
ATOM   1408 N N   . ILE A 1 218 ? -11.404 -14.016 -4.754  1.00 11.44 ? 206 ILE A N   1 
ATOM   1409 C CA  . ILE A 1 218 ? -12.260 -13.701 -3.567  1.00 10.82 ? 206 ILE A CA  1 
ATOM   1410 C C   . ILE A 1 218 ? -13.021 -12.401 -3.825  1.00 10.96 ? 206 ILE A C   1 
ATOM   1411 O O   . ILE A 1 218 ? -14.187 -12.315 -3.465  1.00 11.49 ? 206 ILE A O   1 
ATOM   1412 C CB  . ILE A 1 218 ? -11.405 -13.684 -2.287  1.00 11.55 ? 206 ILE A CB  1 
ATOM   1413 C CG1 . ILE A 1 218 ? -10.773 -15.047 -2.001  1.00 12.40 ? 206 ILE A CG1 1 
ATOM   1414 C CG2 . ILE A 1 218 ? -12.241 -13.209 -1.086  1.00 11.72 ? 206 ILE A CG2 1 
ATOM   1415 C CD1 . ILE A 1 218 ? -9.646  -14.989 -1.021  1.00 12.79 ? 206 ILE A CD1 1 
ATOM   1416 N N   . TRP A 1 219 ? -12.404 -11.392 -4.454  1.00 10.72 ? 207 TRP A N   1 
ATOM   1417 C CA  . TRP A 1 219 ? -13.119 -10.115 -4.769  1.00 11.00 ? 207 TRP A CA  1 
ATOM   1418 C C   . TRP A 1 219 ? -14.239 -10.429 -5.772  1.00 12.35 ? 207 TRP A C   1 
ATOM   1419 O O   . TRP A 1 219 ? -15.388 -10.005 -5.551  1.00 12.15 ? 207 TRP A O   1 
ATOM   1420 C CB  . TRP A 1 219 ? -12.162 -9.072  -5.323  1.00 11.42 ? 207 TRP A CB  1 
ATOM   1421 C CG  . TRP A 1 219 ? -11.364 -8.343  -4.290  1.00 10.17 ? 207 TRP A CG  1 
ATOM   1422 C CD1 . TRP A 1 219 ? -10.486 -8.878  -3.369  1.00 11.13 ? 207 TRP A CD1 1 
ATOM   1423 C CD2 . TRP A 1 219 ? -11.251 -6.924  -4.158  1.00 9.82  ? 207 TRP A CD2 1 
ATOM   1424 N NE1 . TRP A 1 219 ? -9.917  -7.874  -2.637  1.00 10.62 ? 207 TRP A NE1 1 
ATOM   1425 C CE2 . TRP A 1 219 ? -10.366 -6.670  -3.093  1.00 10.24 ? 207 TRP A CE2 1 
ATOM   1426 C CE3 . TRP A 1 219 ? -11.855 -5.860  -4.813  1.00 10.18 ? 207 TRP A CE3 1 
ATOM   1427 C CZ2 . TRP A 1 219 ? -10.081 -5.375  -2.681  1.00 10.84 ? 207 TRP A CZ2 1 
ATOM   1428 C CZ3 . TRP A 1 219 ? -11.557 -4.585  -4.418  1.00 10.65 ? 207 TRP A CZ3 1 
ATOM   1429 C CH2 . TRP A 1 219 ? -10.711 -4.344  -3.359  1.00 11.33 ? 207 TRP A CH2 1 
ATOM   1430 N N   . VAL A 1 220 ? -13.922 -11.148 -6.852  1.00 12.30 ? 208 VAL A N   1 
ATOM   1431 C CA  . VAL A 1 220 ? -14.949 -11.310 -7.924  1.00 13.73 ? 208 VAL A CA  1 
ATOM   1432 C C   . VAL A 1 220 ? -16.092 -12.164 -7.405  1.00 13.50 ? 208 VAL A C   1 
ATOM   1433 O O   . VAL A 1 220 ? -17.290 -11.825 -7.644  1.00 14.37 ? 208 VAL A O   1 
ATOM   1434 C CB  . VAL A 1 220 ? -14.308 -11.887 -9.202  1.00 15.66 ? 208 VAL A CB  1 
ATOM   1435 C CG1 . VAL A 1 220 ? -15.356 -12.237 -10.242 1.00 21.13 ? 208 VAL A CG1 1 
ATOM   1436 C CG2 . VAL A 1 220 ? -13.322 -10.880 -9.722  1.00 16.32 ? 208 VAL A CG2 1 
ATOM   1437 N N   . THR A 1 221 ? -15.838 -13.253 -6.709  1.00 12.47 ? 209 THR A N   1 
ATOM   1438 C CA  . THR A 1 221 ? -16.920 -14.129 -6.215  1.00 13.26 ? 209 THR A CA  1 
ATOM   1439 C C   . THR A 1 221 ? -17.754 -13.332 -5.209  1.00 13.57 ? 209 THR A C   1 
ATOM   1440 O O   . THR A 1 221 ? -18.975 -13.496 -5.201  1.00 15.25 ? 209 THR A O   1 
ATOM   1441 C CB  . THR A 1 221 ? -16.395 -15.459 -5.678  1.00 13.73 ? 209 THR A CB  1 
ATOM   1442 O OG1 . THR A 1 221 ? -15.414 -15.263 -4.663  1.00 12.70 ? 209 THR A OG1 1 
ATOM   1443 C CG2 . THR A 1 221 ? -15.844 -16.330 -6.792  1.00 15.31 ? 209 THR A CG2 1 
ATOM   1444 N N   . SER A 1 222 ? -17.121 -12.588 -4.299  1.00 12.23 ? 210 SER A N   1 
ATOM   1445 C CA  . SER A 1 222 ? -17.897 -11.923 -3.237  1.00 12.40 ? 210 SER A CA  1 
ATOM   1446 C C   . SER A 1 222 ? -18.691 -10.743 -3.797  1.00 13.07 ? 210 SER A C   1 
ATOM   1447 O O   . SER A 1 222 ? -19.752 -10.402 -3.225  1.00 12.97 ? 210 SER A O   1 
ATOM   1448 C CB  . SER A 1 222 ? -17.031 -11.527 -2.034  1.00 13.11 ? 210 SER A CB  1 
ATOM   1449 O OG  . SER A 1 222 ? -16.138 -10.531 -2.352  1.00 14.16 ? 210 SER A OG  1 
ATOM   1450 N N   . ILE A 1 223 ? -18.205 -10.075 -4.839  1.00 12.04 ? 211 ILE A N   1 
ATOM   1451 C CA  . ILE A 1 223 ? -18.901 -8.905  -5.430  1.00 12.99 ? 211 ILE A CA  1 
ATOM   1452 C C   . ILE A 1 223 ? -20.011 -9.372  -6.373  1.00 14.53 ? 211 ILE A C   1 
ATOM   1453 O O   . ILE A 1 223 ? -21.073 -8.686  -6.375  1.00 14.52 ? 211 ILE A O   1 
ATOM   1454 C CB  . ILE A 1 223 ? -17.911 -7.992  -6.136  1.00 13.26 ? 211 ILE A CB  1 
ATOM   1455 C CG1 . ILE A 1 223 ? -16.944 -7.343  -5.134  1.00 12.53 ? 211 ILE A CG1 1 
ATOM   1456 C CG2 . ILE A 1 223 ? -18.608 -6.964  -6.994  1.00 14.28 ? 211 ILE A CG2 1 
ATOM   1457 C CD1 . ILE A 1 223 ? -15.735 -6.580  -5.704  1.00 12.95 ? 211 ILE A CD1 1 
ATOM   1458 N N   . TYR A 1 224 ? -19.845 -10.474 -7.092  1.00 13.96 ? 212 TYR A N   1 
ATOM   1459 C CA  . TYR A 1 224 ? -20.861 -10.867 -8.116  1.00 14.86 ? 212 TYR A CA  1 
ATOM   1460 C C   . TYR A 1 224 ? -21.701 -12.033 -7.643  1.00 16.43 ? 212 TYR A C   1 
ATOM   1461 O O   . TYR A 1 224 ? -22.726 -12.288 -8.328  1.00 18.17 ? 212 TYR A O   1 
ATOM   1462 C CB  . TYR A 1 224 ? -20.169 -11.103 -9.457  1.00 15.09 ? 212 TYR A CB  1 
ATOM   1463 C CG  . TYR A 1 224 ? -19.550 -9.854  -9.994  1.00 15.79 ? 212 TYR A CG  1 
ATOM   1464 C CD1 . TYR A 1 224 ? -20.265 -8.837  -10.623 1.00 15.48 ? 212 TYR A CD1 1 
ATOM   1465 C CD2 . TYR A 1 224 ? -18.184 -9.614  -9.831  1.00 15.42 ? 212 TYR A CD2 1 
ATOM   1466 C CE1 . TYR A 1 224 ? -19.678 -7.676  -11.083 1.00 15.24 ? 212 TYR A CE1 1 
ATOM   1467 C CE2 . TYR A 1 224 ? -17.583 -8.452  -10.259 1.00 15.29 ? 212 TYR A CE2 1 
ATOM   1468 C CZ  . TYR A 1 224 ? -18.317 -7.471  -10.915 1.00 14.39 ? 212 TYR A CZ  1 
ATOM   1469 O OH  . TYR A 1 224 ? -17.711 -6.342  -11.342 1.00 16.27 ? 212 TYR A OH  1 
ATOM   1470 N N   . GLY A 1 225 ? -21.321 -12.724 -6.569  1.00 16.06 ? 213 GLY A N   1 
ATOM   1471 C CA  . GLY A 1 225 ? -22.010 -13.926 -6.089  1.00 18.28 ? 213 GLY A CA  1 
ATOM   1472 C C   . GLY A 1 225 ? -23.263 -13.617 -5.325  1.00 21.57 ? 213 GLY A C   1 
ATOM   1473 O O   . GLY A 1 225 ? -23.290 -12.698 -4.513  1.00 21.74 ? 213 GLY A O   1 
ATOM   1474 N N   . GLU A 1 226 ? -24.306 -14.397 -5.581  1.00 33.13 ? 214 GLU A N   1 
ATOM   1475 C CA  . GLU A 1 226 ? -25.620 -14.252 -4.887  1.00 36.85 ? 214 GLU A CA  1 
ATOM   1476 C C   . GLU A 1 226 ? -25.468 -14.820 -3.481  1.00 39.60 ? 214 GLU A C   1 
ATOM   1477 O O   . GLU A 1 226 ? -25.163 -16.006 -3.426  1.00 41.27 ? 214 GLU A O   1 
ATOM   1478 C CB  . GLU A 1 226 ? -26.681 -15.004 -5.682  1.00 40.76 ? 214 GLU A CB  1 
ATOM   1479 C CG  . GLU A 1 226 ? -26.717 -14.612 -7.140  1.00 42.87 ? 214 GLU A CG  1 
ATOM   1480 C CD  . GLU A 1 226 ? -27.700 -13.508 -7.458  1.00 53.87 ? 214 GLU A CD  1 
ATOM   1481 O OE1 . GLU A 1 226 ? -28.477 -13.116 -6.543  1.00 52.28 ? 214 GLU A OE1 1 
ATOM   1482 O OE2 . GLU A 1 226 ? -27.697 -13.056 -8.619  1.00 57.09 ? 214 GLU A OE2 1 
HETATM 1483 C C4  . GFQ B 2 .   ? -10.141 0.016   -11.434 1.00 46.70 ? 301 GFQ A C4  1 
HETATM 1484 C C14 . GFQ B 2 .   ? -8.351  -1.201  -3.314  1.00 13.64 ? 301 GFQ A C14 1 
HETATM 1485 C C5  . GFQ B 2 .   ? -11.390 -0.740  -11.033 1.00 36.69 ? 301 GFQ A C5  1 
HETATM 1486 C C6  . GFQ B 2 .   ? -11.057 -1.880  -10.080 1.00 25.09 ? 301 GFQ A C6  1 
HETATM 1487 C C11 . GFQ B 2 .   ? -8.478  -2.718  -5.609  1.00 13.81 ? 301 GFQ A C11 1 
HETATM 1488 C C7  . GFQ B 2 .   ? -10.969 -1.337  -8.698  1.00 22.11 ? 301 GFQ A C7  1 
HETATM 1489 C C8  . GFQ B 2 .   ? -10.156 -1.159  -6.624  1.00 16.45 ? 301 GFQ A C8  1 
HETATM 1490 C C9  . GFQ B 2 .   ? -11.153 -0.254  -6.453  1.00 18.82 ? 301 GFQ A C9  1 
HETATM 1491 C C10 . GFQ B 2 .   ? -9.281  -1.540  -5.495  1.00 13.52 ? 301 GFQ A C10 1 
HETATM 1492 C C12 . GFQ B 2 .   ? -7.700  -3.124  -4.573  1.00 14.47 ? 301 GFQ A C12 1 
HETATM 1493 C C13 . GFQ B 2 .   ? -7.563  -2.374  -3.429  1.00 14.13 ? 301 GFQ A C13 1 
HETATM 1494 N N1  . GFQ B 2 .   ? -10.069 -1.769  -7.814  1.00 18.96 ? 301 GFQ A N1  1 
HETATM 1495 N N2  . GFQ B 2 .   ? -6.745  -2.220  -1.106  1.00 14.18 ? 301 GFQ A N2  1 
HETATM 1496 C C3  . GFQ B 2 .   ? -10.251 -0.174  -13.958 1.00 56.08 ? 301 GFQ A C3  1 
HETATM 1497 C C1  . GFQ B 2 .   ? -11.798 1.436   -12.801 1.00 55.47 ? 301 GFQ A C1  1 
HETATM 1498 C C2  . GFQ B 2 .   ? -10.416 0.768   -12.759 1.00 54.87 ? 301 GFQ A C2  1 
HETATM 1499 S S1  . GFQ B 2 .   ? -12.019 -0.165  -7.951  1.00 22.39 ? 301 GFQ A S1  1 
HETATM 1500 C C15 . GFQ B 2 .   ? -9.152  -0.784  -4.351  1.00 15.26 ? 301 GFQ A C15 1 
HETATM 1501 C C16 . GFQ B 2 .   ? -6.691  -2.808  -2.306  1.00 13.77 ? 301 GFQ A C16 1 
HETATM 1502 O O1  . GFQ B 2 .   ? -5.822  -3.719  -2.515  1.00 13.03 ? 301 GFQ A O1  1 
HETATM 1503 C C17 . GFQ B 2 .   ? -5.791  -2.543  -0.095  1.00 13.83 ? 301 GFQ A C17 1 
HETATM 1504 C C18 . GFQ B 2 .   ? -4.508  -1.730  -0.269  1.00 13.74 ? 301 GFQ A C18 1 
HETATM 1505 C C19 . GFQ B 2 .   ? -3.379  -2.327  0.502   1.00 18.55 ? 301 GFQ A C19 1 
HETATM 1506 F F1  . GFQ B 2 .   ? -2.243  -1.693  0.271   1.00 22.00 ? 301 GFQ A F1  1 
HETATM 1507 F F2  . GFQ B 2 .   ? -3.159  -3.601  0.254   1.00 19.69 ? 301 GFQ A F2  1 
HETATM 1508 F F3  . GFQ B 2 .   ? -3.616  -2.280  1.815   1.00 15.95 ? 301 GFQ A F3  1 
HETATM 1509 C C1  . GOL C 3 .   ? -8.078  6.626   -5.744  1.00 43.39 ? 302 GOL A C1  1 
HETATM 1510 O O1  . GOL C 3 .   ? -8.071  6.908   -4.351  1.00 43.58 ? 302 GOL A O1  1 
HETATM 1511 C C2  . GOL C 3 .   ? -9.501  6.488   -6.202  1.00 42.03 ? 302 GOL A C2  1 
HETATM 1512 O O2  . GOL C 3 .   ? -10.238 7.617   -5.726  1.00 44.18 ? 302 GOL A O2  1 
HETATM 1513 C C3  . GOL C 3 .   ? -9.631  6.357   -7.705  1.00 45.62 ? 302 GOL A C3  1 
HETATM 1514 O O3  . GOL C 3 .   ? -10.115 7.553   -8.306  1.00 48.65 ? 302 GOL A O3  1 
HETATM 1515 O O   . HOH D 4 .   ? 2.332   -1.888  13.313  1.00 37.70 ? 401 HOH A O   1 
HETATM 1516 O O   . HOH D 4 .   ? -21.724 2.646   -0.855  1.00 26.62 ? 402 HOH A O   1 
HETATM 1517 O O   . HOH D 4 .   ? 1.214   -20.974 2.235   1.00 28.47 ? 403 HOH A O   1 
HETATM 1518 O O   . HOH D 4 .   ? -22.060 -6.322  5.589   1.00 16.10 ? 404 HOH A O   1 
HETATM 1519 O O   . HOH D 4 .   ? -0.126  12.345  1.625   1.00 31.73 ? 405 HOH A O   1 
HETATM 1520 O O   . HOH D 4 .   ? -27.969 -5.059  -9.278  1.00 31.90 ? 406 HOH A O   1 
HETATM 1521 O O   . HOH D 4 .   ? 5.881   -4.864  9.064   1.00 24.06 ? 407 HOH A O   1 
HETATM 1522 O O   . HOH D 4 .   ? 6.733   8.916   12.558  1.00 33.54 ? 408 HOH A O   1 
HETATM 1523 O O   . HOH D 4 .   ? -18.187 5.277   -1.877  1.00 25.52 ? 409 HOH A O   1 
HETATM 1524 O O   . HOH D 4 .   ? 1.806   -7.833  -11.814 1.00 18.99 ? 410 HOH A O   1 
HETATM 1525 O O   . HOH D 4 .   ? 3.438   1.898   -8.939  1.00 33.53 ? 411 HOH A O   1 
HETATM 1526 O O   . HOH D 4 .   ? -0.168  11.626  8.644   1.00 30.29 ? 412 HOH A O   1 
HETATM 1527 O O   . HOH D 4 .   ? 0.341   -4.439  8.100   1.00 36.33 ? 413 HOH A O   1 
HETATM 1528 O O   . HOH D 4 .   ? -21.574 0.495   7.563   0.50 16.54 ? 414 HOH A O   1 
HETATM 1529 O O   . HOH D 4 .   ? -22.567 -6.990  -4.901  1.00 16.20 ? 415 HOH A O   1 
HETATM 1530 O O   . HOH D 4 .   ? -9.655  9.583   3.265   1.00 24.82 ? 416 HOH A O   1 
HETATM 1531 O O   . HOH D 4 .   ? 0.771   -14.491 8.795   1.00 20.18 ? 417 HOH A O   1 
HETATM 1532 O O   . HOH D 4 .   ? -22.458 -10.204 -3.770  1.00 17.05 ? 418 HOH A O   1 
HETATM 1533 O O   . HOH D 4 .   ? -19.599 0.059   -13.268 1.00 34.08 ? 419 HOH A O   1 
HETATM 1534 O O   . HOH D 4 .   ? 1.743   6.363   -9.680  1.00 27.53 ? 420 HOH A O   1 
HETATM 1535 O O   . HOH D 4 .   ? 4.583   9.522   -4.835  1.00 31.30 ? 421 HOH A O   1 
HETATM 1536 O O   . HOH D 4 .   ? 11.306  -0.473  -0.121  1.00 20.74 ? 422 HOH A O   1 
HETATM 1537 O O   . HOH D 4 .   ? -14.631 1.359   6.630   1.00 22.29 ? 423 HOH A O   1 
HETATM 1538 O O   . HOH D 4 .   ? -8.032  -15.415 -9.978  1.00 17.88 ? 424 HOH A O   1 
HETATM 1539 O O   . HOH D 4 .   ? -21.282 4.631   -7.639  1.00 30.86 ? 425 HOH A O   1 
HETATM 1540 O O   . HOH D 4 .   ? -3.669  3.144   10.657  1.00 28.38 ? 426 HOH A O   1 
HETATM 1541 O O   . HOH D 4 .   ? -12.230 7.600   -2.711  1.00 29.44 ? 427 HOH A O   1 
HETATM 1542 O O   . HOH D 4 .   ? 7.861   5.701   15.742  1.00 31.03 ? 428 HOH A O   1 
HETATM 1543 O O   . HOH D 4 .   ? -29.895 -7.718  -6.464  1.00 31.11 ? 429 HOH A O   1 
HETATM 1544 O O   . HOH D 4 .   ? -5.453  -8.015  -15.781 1.00 26.37 ? 430 HOH A O   1 
HETATM 1545 O O   . HOH D 4 .   ? 0.611   -13.087 -7.541  1.00 13.22 ? 431 HOH A O   1 
HETATM 1546 O O   . HOH D 4 .   ? 7.727   7.031   11.115  1.00 29.61 ? 432 HOH A O   1 
HETATM 1547 O O   . HOH D 4 .   ? -1.960  -5.729  8.188   1.00 22.27 ? 433 HOH A O   1 
HETATM 1548 O O   . HOH D 4 .   ? -0.495  -13.972 2.410   1.00 14.75 ? 434 HOH A O   1 
HETATM 1549 O O   . HOH D 4 .   ? -14.311 4.949   3.478   1.00 17.88 ? 435 HOH A O   1 
HETATM 1550 O O   . HOH D 4 .   ? -17.165 -1.094  7.024   1.00 35.99 ? 436 HOH A O   1 
HETATM 1551 O O   . HOH D 4 .   ? 9.594   0.763   11.288  1.00 26.66 ? 437 HOH A O   1 
HETATM 1552 O O   . HOH D 4 .   ? 3.232   9.187   17.631  1.00 41.13 ? 438 HOH A O   1 
HETATM 1553 O O   . HOH D 4 .   ? 26.939  18.442  5.588   1.00 28.33 ? 439 HOH A O   1 
HETATM 1554 O O   . HOH D 4 .   ? -5.689  -19.541 -10.088 1.00 27.43 ? 440 HOH A O   1 
HETATM 1555 O O   . HOH D 4 .   ? -25.474 -2.066  7.645   1.00 22.63 ? 441 HOH A O   1 
HETATM 1556 O O   . HOH D 4 .   ? -23.898 -16.459 -7.535  1.00 34.21 ? 442 HOH A O   1 
HETATM 1557 O O   . HOH D 4 .   ? -10.606 -15.082 -10.487 1.00 25.80 ? 443 HOH A O   1 
HETATM 1558 O O   . HOH D 4 .   ? -26.702 -1.774  -2.985  1.00 35.45 ? 444 HOH A O   1 
HETATM 1559 O O   . HOH D 4 .   ? -1.277  -14.816 -8.770  1.00 14.83 ? 445 HOH A O   1 
HETATM 1560 O O   . HOH D 4 .   ? 7.480   -6.357  2.836   1.00 20.56 ? 446 HOH A O   1 
HETATM 1561 O O   . HOH D 4 .   ? -18.851 0.378   6.699   1.00 22.82 ? 447 HOH A O   1 
HETATM 1562 O O   . HOH D 4 .   ? 6.078   -15.376 10.199  1.00 31.96 ? 448 HOH A O   1 
HETATM 1563 O O   . HOH D 4 .   ? 5.184   -6.636  4.287   1.00 19.63 ? 449 HOH A O   1 
HETATM 1564 O O   . HOH D 4 .   ? 22.067  22.388  10.296  1.00 23.87 ? 450 HOH A O   1 
HETATM 1565 O O   . HOH D 4 .   ? 6.230   -16.791 -4.846  1.00 19.58 ? 451 HOH A O   1 
HETATM 1566 O O   . HOH D 4 .   ? 11.071  -4.381  -2.930  1.00 24.29 ? 452 HOH A O   1 
HETATM 1567 O O   . HOH D 4 .   ? -25.000 -0.838  -0.234  1.00 23.41 ? 453 HOH A O   1 
HETATM 1568 O O   . HOH D 4 .   ? 12.502  -2.865  -0.789  1.00 26.43 ? 454 HOH A O   1 
HETATM 1569 O O   . HOH D 4 .   ? 4.050   -18.777 1.226   1.00 30.76 ? 455 HOH A O   1 
HETATM 1570 O O   . HOH D 4 .   ? 12.636  -0.916  13.985  1.00 38.46 ? 456 HOH A O   1 
HETATM 1571 O O   . HOH D 4 .   ? -15.013 -11.825 -15.901 1.00 32.80 ? 457 HOH A O   1 
HETATM 1572 O O   . HOH D 4 .   ? 2.296   -19.280 -9.374  1.00 28.57 ? 458 HOH A O   1 
HETATM 1573 O O   . HOH D 4 .   ? -22.959 0.831   0.897   1.00 31.00 ? 459 HOH A O   1 
HETATM 1574 O O   . HOH D 4 .   ? -17.726 -9.240  -17.567 1.00 38.68 ? 460 HOH A O   1 
HETATM 1575 O O   . HOH D 4 .   ? 0.095   6.979   -12.003 1.00 35.88 ? 461 HOH A O   1 
HETATM 1576 O O   . HOH D 4 .   ? 4.046   -4.709  11.028  1.00 29.73 ? 462 HOH A O   1 
HETATM 1577 O O   . HOH D 4 .   ? 9.623   -7.750  3.552   1.00 31.18 ? 463 HOH A O   1 
HETATM 1578 O O   . HOH D 4 .   ? 30.216  18.775  10.148  1.00 22.91 ? 464 HOH A O   1 
HETATM 1579 O O   . HOH D 4 .   ? -2.076  -6.636  10.782  0.50 23.37 ? 465 HOH A O   1 
HETATM 1580 O O   . HOH D 4 .   ? -13.551 3.719   5.784   1.00 21.74 ? 466 HOH A O   1 
HETATM 1581 O O   . HOH D 4 .   ? 9.380   2.645   13.185  1.00 36.79 ? 467 HOH A O   1 
HETATM 1582 O O   . HOH D 4 .   ? 4.475   -5.848  6.711   1.00 34.36 ? 468 HOH A O   1 
HETATM 1583 O O   . HOH D 4 .   ? 8.750   5.272   12.965  1.00 32.17 ? 469 HOH A O   1 
HETATM 1584 O O   . HOH D 4 .   ? 1.672   -12.315 -9.940  1.00 27.41 ? 470 HOH A O   1 
HETATM 1585 O O   . HOH D 4 .   ? -7.765  -17.930 -10.793 1.00 33.44 ? 471 HOH A O   1 
HETATM 1586 O O   . HOH D 4 .   ? 5.084   -5.232  13.326  1.00 33.15 ? 472 HOH A O   1 
# 
